data_8PC0
#
_entry.id   8PC0
#
loop_
_entity.id
_entity.type
_entity.pdbx_description
1 polymer 'Mgp-operon protein 3'
2 polymer 'Adhesin P1'
3 branched 'N-acetyl-alpha-neuraminic acid-(2-6)-beta-D-galactopyranose-(1-4)-1,5-anhydro-D-glucitol'
4 non-polymer 'POTASSIUM ION'
5 non-polymer 'PHOSPHATE ION'
6 water water
#
loop_
_entity_poly.entity_id
_entity_poly.type
_entity_poly.pdbx_seq_one_letter_code
_entity_poly.pdbx_strand_id
1 'polypeptide(L)'
;MKTMRKQIYKKAYWLLLPFLPLALANTFLVKEDSKNVTAYTPFATPITDSKSDLVSLAQLDSSYQIADQTIHNTNLFVLF
KSRDVKVKYESSGSNNISFDSTSQGEKPSYVVEFTNSTNIGIKWTMVKKYQLDVPNVSSDMNQVLKNLILEQPLTKYTLN
SSLAKEKGKTQREVHLGSGQANQWTSQRNQHDLNNNPSPNASTGFKLTTGNAYRKLSESWPIYEPIDGTKQGKGKDSSGW
SSTEENEAKNDAPSVSGGGSSSGTFNKYLNTKQALESIGILFDDQTPRNVITQLYYASTSKLAVTNNHIVVMGNSFLPSM
WYWVVERSAQENASNKPTWFANTNLDWGEDKQKQFVENQLGYKETTSTNSHNFHSKSFTQPAYLISGIDSVNDQIIFSGF
KAGSVGYDSSSSSSSSSSSSTKDQALAWSTTTSLDSKTGYKDLVTNDTGLNGPINGSFSIQDTFSFVVPYSGNHTNNGTT
GPIKTAYPVKKDQKSTVKINSLINATPLNSYGDEGIGVFDALGLNYNFKSNQERLPSRTDQIFVYGIVSPNELRSAKSSA
DSTGSDTKVNWSNTQSRYLPVPYNYSEGIIDADGFKRPENRGASVTTFSGLKSIAPDGFANSIANFSVGLKAGIDPNPVM
SGKKANYGAVVLTRGGVVRLNFNPGNDSLLSTTDNNIAPISFSFTPFTAAESAVDLTTFKEVTYNQESGLWSYIFDSSLK
PSHDGKQTPVTDNMGFSVITVSRTGIELNQDQATTTLDVAPSALAVQSGIQSTTQTLTGVLPLSEEFSAVIAKDSDQNKI
DIYKNNNGLFEIDTQLSNSVATNNGGLAPSYTENRVDAWGKVEFADNSVLQARNLVDKTVDEIINTPEILNSFFRFTPAF
EDQKATLVATKQSDTSLSVSPRIQFLDGNFYDLNSTIAGVPLNIGFPSRVFAGFAALPAWVIPVSVGSSVGILFILLVLG
LGIGIPMYRVRKLQDASFVNVFKKVDTLTTAVGSVYKKIITQTGVVKKAPSALKAANPSVKKPAAFLKPPVQPPSKPEGE
QKAVEVKSEETKS
;
A
2 'polypeptide(L)'
;MHQPKKRLAKKSWAFLTAALTLGVITGVGGYFLFNQNKQRSSVSNFAYQPKQLSVKHQQAVDETLTPWTWNNNNFSSLKI
TGENPGSFGLVRSQNDNLNISSVTKNSSDDNLKYLNAVEKYLDGQQNFAIRRYDNNGRALYDINLAKMENPSTVQRGLNG
EPIFDPFKGFGLTGNAPTDWNEIKGKVPVEVVQSPHSPNLYFVLLVPKVALEYHNLNNQVVKESLEVKATQSSFNPTQRL
QKDSPVKDSSKQGEKLSETTASSMSSGMATSTRAKALKVEVERGSQSDSLLKNDFAKKPLKHKNSSGEVKLEAEKEFTEA
WKPLLTTDQIAREKGMGATVVSFYDAPYSENHTAFGLVDHIDPKKMVENYPPSWKTPKWNHHGIWDYNARNLLLQTTGFF
NPRRHPEWFDEGQAKADNTSPGFKVGDTDHKKDGFKKNSSSPIALPFEAYFANIGNMVAIGNSVFIFGGNGHATKMFTTN
PLSIGVFRIKYTDNFSKSSVTGWPYAVLFGGLINPQTNGLKDLPLGTNRWFEYVPRMAVSGVKWVGNQLVLAGTLTMGDT
ATVPRLKYDQLEKHLNLVAQGQGLLREDLQIFTPYGWANRPDIPVGAWLQDEMGSKFGPHYFLNNPDIQDNVNNDTVEAL
ISSYKNTDKLKHVYPYRYSGLYAWQLFNWSNKLTNTPLSANFVNENSYAPNSLFAAILNEDLLTGLSDKIFYGKENEFAE
NEADRFNQLLSLNPNPNTNWARYLNVVQRFTTGPNLDSSTFDQFLDFLPWIGNGKPFSNSPSPSTSASSSTPLPTFSNIN
VGVKSMITQHLNKENTRWVFIPNFSPDIWTGAGYRVQSANQKNGIPFEQVKPSNNSTPFDPNSDDNKVTPSGGSSKPTTY
PALPNSISPTSDWINALTFTNKNNPQRNQLLLRSLLGTIPVLINKSGDSNDQFNKDSEQKWDKTETNEGNLPGFGEVNGL
YNAALLHTYGFFGTNTNSTDPKIGFKADSSSSSSSTLVGSGLNWTSQDVGNLVVINDTSFGFQLGGWFITFTDFIRPRTG
YLGITLSSLQDQTIIWADQPWTSFKGSYLDSDGTPKSLWDPTALKSLPNSSTTYDTNPTLSPSFQLYQPNKVKAYQTTNT
YNKLIEPVDATSAATNMTSLLKLLTTKNIKAKLGKGTASSQGNNNGGGVSQTINTITTTGNISEGLKEETSIQAETLKKF
FDSKQNNKSEIGIGDSTFTKMDGKLTGVVSTPLVNLINGQGATSDSDTEKISFKPGNQIDFNRLFTLPVTELFDPNTMFV
YDQYVPLLVNLPSGFDQASIRLKVISYSVENQTLGVRLEFKDPQTQQFIPVLNASSTGPQTVFQPFNQWADYVLPLIVTV
PIVVIILSVTLGLTIGIPMHRNKKALQAGFDLSNKKVDVLTKAVGSVFKEIINRTGISNAPKKLKQATPTKPTPKTPPKP
PVKQ
;
C
#
loop_
_chem_comp.id
_chem_comp.type
_chem_comp.name
_chem_comp.formula
ASO D-saccharide 1,5-anhydro-D-glucitol 'C6 H12 O5'
GAL D-saccharide, beta linking beta-D-galactopyranose 'C6 H12 O6'
K non-polymer 'POTASSIUM ION' 'K 1'
PO4 non-polymer 'PHOSPHATE ION' 'O4 P -3'
SIA D-saccharide, alpha linking 'N-acetyl-alpha-neuraminic acid' 'C11 H19 N O9'
#
# COMPACT_ATOMS: atom_id res chain seq x y z
N ALA A 25 -1.73 -41.08 -10.93
CA ALA A 25 -2.10 -40.58 -12.28
C ALA A 25 -1.18 -39.40 -12.69
N ASN A 26 -0.30 -39.65 -13.67
CA ASN A 26 0.62 -38.69 -14.33
C ASN A 26 -0.13 -37.81 -15.35
N THR A 27 -1.47 -37.72 -15.26
CA THR A 27 -2.37 -37.00 -16.20
C THR A 27 -3.17 -35.87 -15.51
N PHE A 28 -3.89 -35.08 -16.32
CA PHE A 28 -4.81 -33.98 -15.97
C PHE A 28 -6.17 -34.31 -16.60
N LEU A 29 -7.27 -34.24 -15.86
CA LEU A 29 -8.60 -34.50 -16.46
C LEU A 29 -9.17 -33.16 -16.89
N VAL A 30 -9.74 -33.12 -18.08
CA VAL A 30 -10.29 -31.90 -18.67
C VAL A 30 -11.74 -32.19 -19.01
N LYS A 31 -12.65 -31.37 -18.53
CA LYS A 31 -14.08 -31.47 -18.86
C LYS A 31 -14.23 -30.78 -20.21
N GLU A 32 -14.43 -31.52 -21.28
CA GLU A 32 -14.49 -30.89 -22.63
C GLU A 32 -15.84 -30.24 -22.74
N ASP A 33 -16.87 -30.80 -22.11
CA ASP A 33 -18.27 -30.27 -22.19
C ASP A 33 -19.06 -30.83 -21.00
N SER A 34 -20.39 -30.75 -21.04
CA SER A 34 -21.28 -31.18 -19.93
C SER A 34 -21.22 -32.70 -19.65
N LYS A 35 -20.60 -33.53 -20.50
CA LYS A 35 -20.71 -35.02 -20.45
C LYS A 35 -19.35 -35.73 -20.53
N ASN A 36 -18.33 -35.07 -21.05
CA ASN A 36 -17.10 -35.75 -21.55
C ASN A 36 -15.89 -35.34 -20.72
N VAL A 37 -15.14 -36.30 -20.22
CA VAL A 37 -13.84 -35.99 -19.58
C VAL A 37 -12.77 -36.69 -20.40
N THR A 38 -11.77 -35.91 -20.79
CA THR A 38 -10.59 -36.40 -21.54
C THR A 38 -9.37 -36.27 -20.62
N ALA A 39 -8.45 -37.23 -20.70
CA ALA A 39 -7.19 -37.20 -19.92
C ALA A 39 -6.09 -36.61 -20.80
N TYR A 40 -5.31 -35.68 -20.26
CA TYR A 40 -4.21 -34.93 -20.94
C TYR A 40 -2.90 -35.29 -20.25
N THR A 41 -1.84 -35.37 -21.04
CA THR A 41 -0.44 -35.55 -20.61
C THR A 41 0.04 -34.18 -20.17
N PRO A 42 1.22 -34.13 -19.53
CA PRO A 42 1.90 -32.86 -19.30
C PRO A 42 2.31 -32.10 -20.56
N PHE A 43 2.23 -32.73 -21.72
CA PHE A 43 2.60 -32.10 -23.02
C PHE A 43 1.37 -31.47 -23.65
N ALA A 44 0.29 -31.33 -22.87
CA ALA A 44 -0.99 -30.70 -23.27
C ALA A 44 -1.59 -31.42 -24.49
N THR A 45 -1.49 -32.76 -24.54
CA THR A 45 -2.02 -33.68 -25.59
C THR A 45 -2.97 -34.68 -24.96
N PRO A 46 -4.09 -34.98 -25.62
CA PRO A 46 -5.07 -35.92 -25.09
C PRO A 46 -4.45 -37.31 -25.19
N ILE A 47 -4.65 -38.12 -24.15
CA ILE A 47 -4.43 -39.58 -24.21
C ILE A 47 -5.50 -40.23 -25.07
N THR A 48 -5.07 -41.03 -26.05
CA THR A 48 -5.89 -41.49 -27.19
C THR A 48 -7.00 -42.36 -26.64
N ASP A 49 -8.23 -42.21 -27.08
CA ASP A 49 -9.37 -43.03 -26.62
C ASP A 49 -9.74 -42.72 -25.17
N SER A 50 -9.12 -41.75 -24.52
CA SER A 50 -9.39 -41.49 -23.08
C SER A 50 -10.70 -40.75 -22.94
N LYS A 51 -11.16 -40.09 -24.01
CA LYS A 51 -12.29 -39.17 -23.94
C LYS A 51 -13.57 -39.99 -23.75
N SER A 52 -14.32 -39.70 -22.69
CA SER A 52 -15.42 -40.55 -22.17
C SER A 52 -16.62 -39.70 -21.74
N ASP A 53 -17.77 -40.03 -22.31
CA ASP A 53 -19.11 -39.55 -21.91
C ASP A 53 -19.44 -40.22 -20.57
N LEU A 54 -19.04 -39.58 -19.47
CA LEU A 54 -19.35 -40.06 -18.09
C LEU A 54 -20.87 -40.11 -17.83
N VAL A 55 -21.69 -39.31 -18.51
CA VAL A 55 -23.16 -39.39 -18.34
C VAL A 55 -23.65 -40.75 -18.86
N SER A 56 -23.25 -41.10 -20.06
CA SER A 56 -23.69 -42.33 -20.76
C SER A 56 -23.19 -43.53 -19.96
N LEU A 57 -21.98 -43.43 -19.44
CA LEU A 57 -21.31 -44.50 -18.67
C LEU A 57 -21.99 -44.67 -17.31
N ALA A 58 -22.62 -43.63 -16.79
CA ALA A 58 -23.34 -43.67 -15.51
C ALA A 58 -24.74 -44.27 -15.72
N GLN A 59 -25.04 -44.62 -16.98
CA GLN A 59 -26.36 -45.15 -17.44
C GLN A 59 -27.47 -44.12 -17.17
N LEU A 60 -27.10 -42.84 -17.06
CA LEU A 60 -28.00 -41.67 -16.97
C LEU A 60 -28.42 -41.23 -18.38
N ASP A 61 -29.60 -40.59 -18.52
CA ASP A 61 -30.14 -40.16 -19.84
C ASP A 61 -29.48 -38.84 -20.28
N SER A 62 -29.72 -38.46 -21.53
CA SER A 62 -29.05 -37.31 -22.20
C SER A 62 -29.42 -35.97 -21.52
N SER A 63 -30.41 -35.93 -20.64
CA SER A 63 -30.74 -34.70 -19.86
C SER A 63 -29.71 -34.45 -18.73
N TYR A 64 -28.91 -35.43 -18.34
CA TYR A 64 -27.95 -35.24 -17.22
C TYR A 64 -26.65 -34.55 -17.72
N GLN A 65 -26.06 -33.75 -16.82
CA GLN A 65 -24.74 -33.09 -17.03
C GLN A 65 -23.87 -33.23 -15.79
N ILE A 66 -22.56 -33.20 -15.96
CA ILE A 66 -21.58 -33.15 -14.85
C ILE A 66 -21.69 -31.81 -14.15
N ALA A 67 -21.88 -31.77 -12.83
CA ALA A 67 -21.85 -30.56 -11.99
C ALA A 67 -20.45 -30.37 -11.39
N ASP A 68 -19.82 -31.43 -10.91
CA ASP A 68 -18.56 -31.32 -10.13
C ASP A 68 -17.98 -32.72 -10.17
N GLN A 69 -16.66 -32.79 -10.00
CA GLN A 69 -15.97 -34.08 -9.95
C GLN A 69 -14.73 -33.96 -9.08
N THR A 70 -14.23 -35.10 -8.63
CA THR A 70 -13.07 -35.14 -7.73
C THR A 70 -12.43 -36.53 -7.79
N ILE A 71 -11.12 -36.54 -7.57
CA ILE A 71 -10.29 -37.76 -7.45
C ILE A 71 -10.15 -38.05 -5.97
N HIS A 72 -10.38 -39.30 -5.59
CA HIS A 72 -10.10 -39.80 -4.22
C HIS A 72 -9.49 -41.20 -4.33
N ASN A 73 -8.28 -41.40 -3.80
CA ASN A 73 -7.53 -42.68 -3.93
C ASN A 73 -7.62 -43.18 -5.39
N THR A 74 -7.26 -42.34 -6.34
CA THR A 74 -7.13 -42.74 -7.76
C THR A 74 -8.48 -43.08 -8.42
N ASN A 75 -9.63 -43.03 -7.78
CA ASN A 75 -10.93 -43.16 -8.51
C ASN A 75 -11.60 -41.79 -8.69
N LEU A 76 -12.44 -41.69 -9.71
CA LEU A 76 -13.07 -40.43 -10.14
C LEU A 76 -14.51 -40.42 -9.64
N PHE A 77 -14.84 -39.43 -8.82
CA PHE A 77 -16.20 -39.24 -8.25
C PHE A 77 -16.87 -38.04 -8.91
N VAL A 78 -18.05 -38.32 -9.49
CA VAL A 78 -18.81 -37.36 -10.33
C VAL A 78 -20.20 -37.14 -9.74
N LEU A 79 -20.57 -35.87 -9.63
CA LEU A 79 -21.90 -35.34 -9.29
C LEU A 79 -22.64 -35.02 -10.60
N PHE A 80 -23.76 -35.69 -10.91
CA PHE A 80 -24.62 -35.40 -12.07
C PHE A 80 -25.99 -34.89 -11.63
N LYS A 81 -26.52 -33.88 -12.34
CA LYS A 81 -27.90 -33.37 -12.14
C LYS A 81 -28.54 -33.24 -13.52
N SER A 82 -29.86 -33.16 -13.53
CA SER A 82 -30.74 -33.28 -14.72
C SER A 82 -31.46 -31.94 -14.98
N ARG A 83 -31.53 -31.55 -16.25
CA ARG A 83 -32.29 -30.37 -16.73
C ARG A 83 -33.80 -30.66 -16.71
N ASP A 84 -34.19 -31.95 -16.56
CA ASP A 84 -35.61 -32.38 -16.63
C ASP A 84 -36.22 -32.45 -15.22
N VAL A 85 -35.41 -32.21 -14.20
CA VAL A 85 -35.85 -32.39 -12.78
C VAL A 85 -37.03 -31.47 -12.47
N LYS A 86 -38.07 -32.03 -11.86
CA LYS A 86 -39.25 -31.28 -11.39
C LYS A 86 -39.57 -31.76 -9.97
N VAL A 87 -39.46 -30.84 -9.01
CA VAL A 87 -39.79 -31.06 -7.57
C VAL A 87 -41.10 -30.30 -7.30
N LYS A 88 -41.80 -30.69 -6.23
CA LYS A 88 -43.11 -30.16 -5.80
C LYS A 88 -43.10 -29.93 -4.30
N TYR A 89 -43.91 -29.01 -3.81
CA TYR A 89 -44.22 -28.91 -2.37
C TYR A 89 -45.74 -28.89 -2.25
N GLU A 90 -46.30 -29.88 -1.57
CA GLU A 90 -47.72 -29.94 -1.17
C GLU A 90 -47.75 -29.74 0.35
N SER A 91 -48.31 -28.63 0.83
CA SER A 91 -48.29 -28.25 2.27
C SER A 91 -49.06 -29.25 3.14
N SER A 92 -49.99 -30.03 2.57
CA SER A 92 -50.81 -31.01 3.33
C SER A 92 -50.24 -32.43 3.14
N GLY A 93 -50.92 -33.45 3.65
CA GLY A 93 -50.34 -34.79 3.84
C GLY A 93 -49.08 -34.66 4.69
N SER A 94 -48.03 -35.44 4.39
CA SER A 94 -46.69 -35.18 4.96
C SER A 94 -45.53 -35.87 4.20
N ASN A 95 -45.68 -36.31 2.94
CA ASN A 95 -44.45 -36.57 2.12
C ASN A 95 -44.32 -35.39 1.15
N ASN A 96 -44.21 -34.22 1.78
CA ASN A 96 -44.53 -32.86 1.29
C ASN A 96 -43.64 -32.51 0.09
N ILE A 97 -42.34 -32.69 0.21
CA ILE A 97 -41.38 -32.55 -0.91
C ILE A 97 -41.33 -33.91 -1.62
N SER A 98 -41.51 -33.92 -2.95
CA SER A 98 -41.36 -35.14 -3.81
C SER A 98 -41.00 -34.72 -5.24
N PHE A 99 -40.47 -35.65 -6.02
CA PHE A 99 -40.27 -35.47 -7.49
C PHE A 99 -41.62 -35.59 -8.19
N ASP A 100 -41.74 -34.98 -9.37
CA ASP A 100 -42.94 -35.03 -10.23
C ASP A 100 -42.78 -36.19 -11.23
N SER A 101 -43.31 -37.36 -10.85
CA SER A 101 -43.34 -38.64 -11.61
C SER A 101 -44.09 -38.47 -12.94
N THR A 102 -45.28 -37.85 -12.92
CA THR A 102 -46.08 -37.54 -14.14
C THR A 102 -45.16 -36.83 -15.16
N SER A 103 -45.34 -37.13 -16.45
CA SER A 103 -44.46 -36.72 -17.58
C SER A 103 -43.12 -37.46 -17.48
N GLN A 104 -42.00 -36.74 -17.28
CA GLN A 104 -40.64 -37.32 -17.11
C GLN A 104 -39.75 -36.27 -16.42
N GLY A 105 -39.96 -36.09 -15.11
CA GLY A 105 -39.15 -35.21 -14.22
C GLY A 105 -38.75 -35.87 -12.91
N GLU A 106 -38.97 -37.21 -12.75
CA GLU A 106 -38.39 -38.07 -11.67
C GLU A 106 -36.94 -38.30 -12.04
N LYS A 107 -36.06 -37.32 -11.76
CA LYS A 107 -34.67 -37.24 -12.28
C LYS A 107 -33.77 -36.72 -11.17
N PRO A 108 -33.67 -37.51 -10.08
CA PRO A 108 -32.84 -37.15 -8.94
C PRO A 108 -31.38 -37.05 -9.39
N SER A 109 -30.57 -36.29 -8.66
CA SER A 109 -29.13 -36.12 -8.98
C SER A 109 -28.33 -37.27 -8.33
N TYR A 110 -27.25 -37.71 -8.99
CA TYR A 110 -26.45 -38.91 -8.64
C TYR A 110 -25.03 -38.49 -8.35
N VAL A 111 -24.37 -39.17 -7.43
CA VAL A 111 -22.89 -39.18 -7.37
C VAL A 111 -22.48 -40.52 -7.92
N VAL A 112 -21.39 -40.59 -8.70
CA VAL A 112 -20.94 -41.90 -9.24
C VAL A 112 -19.44 -42.06 -9.04
N GLU A 113 -19.02 -43.23 -8.55
CA GLU A 113 -17.60 -43.61 -8.47
C GLU A 113 -17.19 -44.42 -9.70
N PHE A 114 -16.22 -43.89 -10.44
CA PHE A 114 -15.54 -44.54 -11.59
C PHE A 114 -14.13 -44.94 -11.18
N THR A 115 -13.70 -46.10 -11.65
CA THR A 115 -12.27 -46.53 -11.55
C THR A 115 -11.68 -46.73 -12.94
N ASN A 116 -10.36 -46.52 -13.07
CA ASN A 116 -9.66 -46.73 -14.35
C ASN A 116 -9.35 -48.21 -14.42
N SER A 117 -9.95 -48.95 -15.35
CA SER A 117 -9.82 -50.43 -15.36
C SER A 117 -8.52 -50.87 -16.05
N THR A 118 -8.05 -50.19 -17.12
CA THR A 118 -6.80 -50.55 -17.86
C THR A 118 -5.57 -49.97 -17.16
N ASN A 119 -4.42 -50.66 -17.28
CA ASN A 119 -3.09 -50.12 -16.88
C ASN A 119 -2.40 -49.51 -18.09
N ILE A 120 -2.97 -49.62 -19.30
CA ILE A 120 -2.45 -48.86 -20.48
C ILE A 120 -3.61 -48.03 -21.03
N GLY A 121 -3.46 -46.70 -21.04
CA GLY A 121 -4.55 -45.78 -21.36
C GLY A 121 -5.56 -45.67 -20.24
N ILE A 122 -6.76 -45.19 -20.58
CA ILE A 122 -7.86 -44.77 -19.66
C ILE A 122 -9.15 -45.48 -20.12
N LYS A 123 -9.63 -46.50 -19.41
CA LYS A 123 -11.00 -47.02 -19.66
C LYS A 123 -11.79 -46.83 -18.37
N TRP A 124 -12.50 -45.72 -18.24
CA TRP A 124 -13.36 -45.49 -17.06
C TRP A 124 -14.46 -46.53 -17.12
N THR A 125 -14.68 -47.21 -15.99
CA THR A 125 -15.79 -48.17 -15.77
C THR A 125 -16.47 -47.84 -14.43
N MET A 126 -17.78 -48.05 -14.35
CA MET A 126 -18.62 -47.58 -13.22
C MET A 126 -18.54 -48.58 -12.04
N VAL A 127 -18.42 -48.05 -10.81
CA VAL A 127 -18.16 -48.83 -9.57
C VAL A 127 -19.40 -48.77 -8.68
N LYS A 128 -19.73 -47.57 -8.21
CA LYS A 128 -20.88 -47.33 -7.30
C LYS A 128 -21.63 -46.09 -7.78
N LYS A 129 -22.97 -46.14 -7.67
CA LYS A 129 -23.92 -45.11 -8.13
C LYS A 129 -24.87 -44.78 -6.97
N TYR A 130 -24.89 -43.55 -6.48
CA TYR A 130 -25.74 -43.13 -5.33
C TYR A 130 -26.78 -42.07 -5.74
N GLN A 131 -28.10 -42.34 -5.56
CA GLN A 131 -29.19 -41.37 -5.85
C GLN A 131 -29.25 -40.37 -4.69
N LEU A 132 -29.42 -39.06 -4.97
CA LEU A 132 -29.60 -38.02 -3.93
C LEU A 132 -31.09 -37.70 -3.80
N ASP A 133 -31.76 -38.34 -2.84
CA ASP A 133 -33.23 -38.23 -2.66
C ASP A 133 -33.57 -36.86 -2.04
N VAL A 134 -34.88 -36.60 -1.96
CA VAL A 134 -35.47 -35.32 -1.49
C VAL A 134 -35.58 -35.44 0.02
N PRO A 135 -35.45 -34.30 0.74
CA PRO A 135 -35.60 -34.33 2.18
C PRO A 135 -36.94 -34.91 2.67
N ASN A 136 -36.88 -35.84 3.64
CA ASN A 136 -37.95 -35.99 4.66
C ASN A 136 -38.41 -34.58 5.10
N VAL A 137 -39.66 -34.43 5.52
CA VAL A 137 -40.21 -33.19 6.10
C VAL A 137 -41.00 -33.59 7.35
N SER A 138 -40.52 -33.19 8.51
CA SER A 138 -41.27 -33.42 9.77
C SER A 138 -42.57 -32.59 9.75
N SER A 139 -43.46 -32.84 10.72
CA SER A 139 -44.65 -32.02 11.00
C SER A 139 -44.18 -30.60 11.35
N ASP A 140 -43.28 -30.49 12.34
CA ASP A 140 -42.80 -29.19 12.87
C ASP A 140 -42.27 -28.39 11.68
N MET A 141 -41.47 -29.05 10.83
CA MET A 141 -40.84 -28.42 9.62
C MET A 141 -41.91 -27.91 8.64
N ASN A 142 -42.84 -28.79 8.23
CA ASN A 142 -43.89 -28.49 7.22
C ASN A 142 -44.79 -27.33 7.67
N GLN A 143 -44.90 -27.06 8.97
CA GLN A 143 -45.65 -25.89 9.49
C GLN A 143 -44.87 -24.60 9.16
N VAL A 144 -43.54 -24.63 9.23
CA VAL A 144 -42.72 -23.46 8.80
C VAL A 144 -42.79 -23.35 7.27
N LEU A 145 -42.66 -24.48 6.58
CA LEU A 145 -42.55 -24.54 5.10
C LEU A 145 -43.84 -24.05 4.46
N LYS A 146 -44.98 -24.39 5.05
CA LYS A 146 -46.35 -23.92 4.64
C LYS A 146 -46.27 -22.48 4.14
N ASN A 147 -45.65 -21.61 4.95
CA ASN A 147 -45.65 -20.14 4.77
C ASN A 147 -44.21 -19.64 4.58
N LEU A 148 -43.28 -20.54 4.30
CA LEU A 148 -41.91 -20.13 3.96
C LEU A 148 -41.98 -19.41 2.61
N ILE A 149 -41.33 -18.25 2.56
CA ILE A 149 -41.26 -17.41 1.34
C ILE A 149 -39.79 -17.06 1.02
N LEU A 150 -39.43 -17.09 -0.27
CA LEU A 150 -38.02 -16.96 -0.71
C LEU A 150 -37.84 -15.86 -1.80
N GLU A 151 -36.89 -14.93 -1.56
CA GLU A 151 -36.45 -13.87 -2.50
C GLU A 151 -35.94 -14.43 -3.82
N GLN A 152 -36.22 -13.73 -4.93
CA GLN A 152 -35.74 -14.04 -6.30
C GLN A 152 -34.22 -13.92 -6.36
N PRO A 153 -33.56 -14.90 -6.97
CA PRO A 153 -32.10 -14.98 -6.93
C PRO A 153 -31.37 -13.74 -7.47
N LEU A 154 -30.26 -13.39 -6.82
CA LEU A 154 -29.42 -12.24 -7.24
C LEU A 154 -28.72 -12.68 -8.51
N THR A 155 -28.53 -11.80 -9.46
CA THR A 155 -27.75 -12.06 -10.69
C THR A 155 -26.74 -10.94 -10.89
N LYS A 156 -25.80 -11.22 -11.78
CA LYS A 156 -24.90 -10.29 -12.49
C LYS A 156 -25.48 -8.87 -12.59
N TYR A 157 -26.75 -8.80 -12.98
CA TYR A 157 -27.43 -7.58 -13.47
C TYR A 157 -28.36 -6.98 -12.39
N THR A 158 -28.40 -7.53 -11.17
CA THR A 158 -29.18 -6.98 -10.02
C THR A 158 -28.48 -5.68 -9.53
N LEU A 159 -29.22 -4.58 -9.38
CA LEU A 159 -28.66 -3.27 -8.93
C LEU A 159 -28.91 -3.05 -7.44
N ASN A 160 -28.02 -2.28 -6.81
CA ASN A 160 -28.19 -1.75 -5.43
C ASN A 160 -29.66 -1.38 -5.27
N SER A 161 -30.23 -0.72 -6.28
CA SER A 161 -31.61 -0.21 -6.22
C SER A 161 -32.63 -1.33 -6.47
N SER A 162 -32.25 -2.44 -7.12
CA SER A 162 -33.14 -3.61 -7.30
C SER A 162 -33.39 -4.26 -5.94
N LEU A 163 -32.35 -4.27 -5.08
CA LEU A 163 -32.34 -5.02 -3.78
C LEU A 163 -33.23 -4.25 -2.77
N ALA A 164 -32.84 -2.99 -2.52
CA ALA A 164 -33.53 -1.93 -1.75
C ALA A 164 -35.04 -2.17 -1.64
N LYS A 165 -35.57 -2.13 -0.41
CA LYS A 165 -37.01 -2.42 -0.13
C LYS A 165 -37.55 -1.29 0.74
N GLU A 166 -38.88 -1.09 0.67
CA GLU A 166 -39.53 0.10 1.30
C GLU A 166 -39.40 -0.03 2.83
N LYS A 167 -39.01 1.07 3.49
CA LYS A 167 -38.74 1.10 4.93
C LYS A 167 -40.01 0.83 5.73
N GLY A 168 -39.91 -0.09 6.70
CA GLY A 168 -41.06 -0.50 7.53
C GLY A 168 -41.29 0.44 8.69
N LYS A 169 -42.18 0.04 9.59
CA LYS A 169 -42.62 0.83 10.78
C LYS A 169 -41.46 0.99 11.77
N THR A 170 -41.44 2.13 12.46
CA THR A 170 -40.53 2.41 13.59
C THR A 170 -40.97 1.60 14.84
N GLN A 171 -40.01 1.35 15.74
CA GLN A 171 -40.21 0.50 16.93
C GLN A 171 -41.37 1.13 17.70
N ARG A 172 -41.41 2.46 17.74
CA ARG A 172 -42.38 3.20 18.57
C ARG A 172 -43.75 3.33 17.87
N GLU A 173 -43.85 3.11 16.55
CA GLU A 173 -45.15 2.99 15.81
C GLU A 173 -45.76 1.62 16.09
N VAL A 174 -44.94 0.57 15.99
CA VAL A 174 -45.33 -0.85 16.21
C VAL A 174 -46.07 -1.02 17.53
N HIS A 175 -45.56 -0.34 18.57
CA HIS A 175 -45.89 -0.53 19.99
C HIS A 175 -46.96 0.48 20.41
N LEU A 176 -46.59 1.76 20.50
CA LEU A 176 -47.46 2.86 20.98
C LEU A 176 -48.46 3.22 19.87
N GLY A 177 -47.96 3.42 18.63
CA GLY A 177 -48.80 3.59 17.43
C GLY A 177 -48.69 4.96 16.78
N SER A 178 -49.71 5.28 15.96
CA SER A 178 -50.05 6.63 15.46
C SER A 178 -50.49 7.48 16.67
N GLY A 179 -49.68 8.49 16.97
CA GLY A 179 -49.33 8.95 18.32
C GLY A 179 -47.85 9.30 18.38
N GLN A 180 -47.30 9.46 19.58
CA GLN A 180 -46.19 10.42 19.82
C GLN A 180 -45.01 9.76 20.54
N ALA A 181 -43.83 10.36 20.36
CA ALA A 181 -42.54 10.08 21.04
C ALA A 181 -42.34 11.11 22.16
N ASN A 182 -43.36 11.89 22.49
CA ASN A 182 -43.47 12.64 23.74
C ASN A 182 -43.85 11.69 24.90
N GLN A 183 -44.40 10.50 24.56
CA GLN A 183 -44.83 9.45 25.53
C GLN A 183 -43.85 8.26 25.47
N TRP A 184 -42.80 8.33 24.66
CA TRP A 184 -41.82 7.22 24.44
C TRP A 184 -41.17 6.83 25.76
N THR A 185 -40.92 7.80 26.64
CA THR A 185 -40.19 7.60 27.91
C THR A 185 -41.18 7.17 29.01
N SER A 186 -42.47 7.53 28.92
CA SER A 186 -43.55 7.11 29.87
C SER A 186 -43.92 5.63 29.66
N GLN A 187 -43.67 5.09 28.46
CA GLN A 187 -44.39 3.90 27.89
C GLN A 187 -43.45 2.70 27.68
N ARG A 188 -42.16 2.94 27.43
CA ARG A 188 -41.22 1.90 26.91
C ARG A 188 -40.97 0.81 27.97
N ASN A 189 -41.26 1.08 29.24
CA ASN A 189 -41.20 0.09 30.34
C ASN A 189 -42.37 -0.91 30.22
N GLN A 190 -43.55 -0.45 29.76
CA GLN A 190 -44.78 -1.28 29.61
C GLN A 190 -44.72 -2.13 28.32
N HIS A 191 -43.60 -2.14 27.57
CA HIS A 191 -43.38 -2.98 26.36
C HIS A 191 -41.96 -3.59 26.37
N ASP A 192 -41.34 -3.63 27.56
CA ASP A 192 -40.02 -4.27 27.85
C ASP A 192 -38.92 -3.58 27.00
N LEU A 193 -39.08 -2.29 26.74
CA LEU A 193 -38.10 -1.44 26.02
C LEU A 193 -37.50 -0.40 26.98
N ASN A 194 -37.11 -0.82 28.18
CA ASN A 194 -36.58 0.10 29.23
C ASN A 194 -35.28 0.71 28.69
N ASN A 195 -35.14 2.05 28.81
CA ASN A 195 -33.91 2.84 28.50
C ASN A 195 -33.57 2.80 27.00
N ASN A 196 -34.50 2.34 26.17
CA ASN A 196 -34.29 2.24 24.70
C ASN A 196 -34.31 3.66 24.13
N PRO A 197 -33.17 4.16 23.60
CA PRO A 197 -33.11 5.51 23.04
C PRO A 197 -33.52 5.65 21.56
N SER A 198 -34.20 4.63 21.01
CA SER A 198 -34.35 4.39 19.54
C SER A 198 -35.82 4.16 19.18
N PRO A 199 -36.69 5.18 19.40
CA PRO A 199 -38.10 5.08 19.01
C PRO A 199 -38.26 4.99 17.48
N ASN A 200 -37.26 5.50 16.74
CA ASN A 200 -37.19 5.62 15.29
C ASN A 200 -36.27 4.56 14.65
N ALA A 201 -35.81 3.56 15.42
CA ALA A 201 -35.13 2.37 14.87
C ALA A 201 -36.14 1.67 13.97
N SER A 202 -35.66 1.07 12.88
CA SER A 202 -36.53 0.39 11.90
C SER A 202 -36.79 -1.04 12.39
N THR A 203 -38.05 -1.48 12.28
CA THR A 203 -38.52 -2.86 12.55
C THR A 203 -38.44 -3.69 11.27
N GLY A 204 -38.32 -3.08 10.11
CA GLY A 204 -37.72 -3.78 8.97
C GLY A 204 -38.13 -3.19 7.65
N PHE A 205 -38.74 -4.00 6.78
CA PHE A 205 -38.97 -3.61 5.36
C PHE A 205 -40.26 -4.28 4.82
N LYS A 206 -40.90 -3.57 3.87
CA LYS A 206 -42.25 -3.91 3.32
C LYS A 206 -42.12 -4.96 2.22
N LEU A 207 -43.08 -5.87 2.13
CA LEU A 207 -43.07 -6.97 1.13
C LEU A 207 -44.19 -6.74 0.12
N THR A 208 -44.77 -5.53 0.08
CA THR A 208 -45.79 -5.08 -0.92
C THR A 208 -45.09 -4.56 -2.21
N THR A 209 -43.88 -3.97 -2.08
CA THR A 209 -42.98 -3.64 -3.20
C THR A 209 -41.66 -4.39 -3.04
N GLY A 210 -41.08 -4.84 -4.18
CA GLY A 210 -39.65 -5.08 -4.46
C GLY A 210 -39.35 -6.42 -5.15
N ASN A 211 -38.13 -6.92 -4.93
CA ASN A 211 -37.79 -8.30 -5.36
C ASN A 211 -38.95 -9.23 -5.00
N ALA A 212 -39.34 -10.11 -5.92
CA ALA A 212 -40.42 -11.09 -5.70
C ALA A 212 -40.00 -12.04 -4.58
N TYR A 213 -40.86 -12.24 -3.59
CA TYR A 213 -40.74 -13.37 -2.64
C TYR A 213 -41.81 -14.39 -3.02
N ARG A 214 -41.49 -15.68 -2.92
CA ARG A 214 -42.37 -16.77 -3.40
C ARG A 214 -42.24 -17.99 -2.48
N LYS A 215 -43.38 -18.68 -2.27
CA LYS A 215 -43.45 -19.97 -1.55
C LYS A 215 -42.74 -21.04 -2.39
N LEU A 216 -42.57 -22.24 -1.83
CA LEU A 216 -41.85 -23.37 -2.46
C LEU A 216 -42.60 -23.82 -3.72
N SER A 217 -43.92 -23.62 -3.79
CA SER A 217 -44.80 -24.20 -4.84
C SER A 217 -45.01 -23.21 -5.99
N GLU A 218 -44.54 -21.96 -5.80
CA GLU A 218 -44.67 -20.83 -6.78
C GLU A 218 -43.40 -20.73 -7.65
N SER A 219 -43.37 -19.79 -8.58
CA SER A 219 -42.26 -19.52 -9.54
C SER A 219 -41.79 -18.06 -9.40
N TRP A 220 -40.48 -17.81 -9.28
CA TRP A 220 -39.89 -16.46 -9.45
C TRP A 220 -40.14 -15.94 -10.87
N PRO A 221 -40.13 -14.59 -11.06
CA PRO A 221 -40.27 -13.98 -12.37
C PRO A 221 -38.92 -13.81 -13.10
N ILE A 222 -39.00 -13.56 -14.40
CA ILE A 222 -37.77 -13.27 -15.19
C ILE A 222 -37.43 -11.78 -15.06
N TYR A 223 -38.35 -10.95 -14.55
CA TYR A 223 -38.21 -9.47 -14.42
C TYR A 223 -37.73 -9.15 -13.00
N GLU A 224 -36.77 -8.23 -12.88
CA GLU A 224 -36.21 -7.67 -11.62
C GLU A 224 -36.55 -6.18 -11.63
N PRO A 225 -37.04 -5.56 -10.54
CA PRO A 225 -37.29 -4.12 -10.55
C PRO A 225 -35.97 -3.32 -10.53
N ILE A 226 -35.90 -2.20 -11.25
CA ILE A 226 -34.71 -1.28 -11.20
C ILE A 226 -34.73 -0.54 -9.85
N ASP A 227 -35.89 0.00 -9.43
CA ASP A 227 -36.05 0.60 -8.07
C ASP A 227 -37.04 -0.25 -7.24
N GLY A 228 -36.58 -1.18 -6.39
CA GLY A 228 -37.47 -2.13 -5.69
C GLY A 228 -38.34 -1.49 -4.60
N THR A 229 -37.84 -0.38 -4.06
CA THR A 229 -38.53 0.71 -3.32
C THR A 229 -39.86 1.13 -3.99
N LYS A 230 -39.97 1.06 -5.32
CA LYS A 230 -41.19 1.47 -6.05
C LYS A 230 -41.79 0.30 -6.87
N GLN A 231 -40.95 -0.50 -7.56
CA GLN A 231 -41.33 -1.25 -8.78
C GLN A 231 -41.57 -2.74 -8.50
N GLY A 232 -41.26 -3.28 -7.34
CA GLY A 232 -41.58 -4.70 -7.25
C GLY A 232 -43.01 -4.90 -6.80
N LYS A 233 -43.48 -6.15 -6.71
CA LYS A 233 -44.67 -6.50 -5.88
C LYS A 233 -44.25 -7.26 -4.60
N GLY A 234 -42.94 -7.43 -4.33
CA GLY A 234 -42.47 -8.25 -3.19
C GLY A 234 -43.16 -9.61 -3.16
N LYS A 235 -43.80 -9.94 -2.03
CA LYS A 235 -44.51 -11.21 -1.77
C LYS A 235 -45.96 -11.17 -2.26
N ASP A 236 -46.37 -10.04 -2.84
CA ASP A 236 -47.72 -9.82 -3.42
C ASP A 236 -47.82 -10.62 -4.75
N SER A 237 -47.50 -11.92 -4.70
CA SER A 237 -47.90 -12.99 -5.67
C SER A 237 -49.11 -12.57 -6.51
N SER A 238 -50.26 -12.48 -5.86
CA SER A 238 -51.58 -12.28 -6.52
C SER A 238 -51.60 -10.96 -7.31
N GLY A 239 -51.04 -9.90 -6.71
CA GLY A 239 -50.88 -8.56 -7.30
C GLY A 239 -49.95 -8.55 -8.49
N TRP A 240 -48.83 -9.26 -8.40
CA TRP A 240 -47.86 -9.36 -9.52
C TRP A 240 -48.62 -9.79 -10.79
N SER A 241 -49.42 -10.86 -10.71
CA SER A 241 -49.84 -11.65 -11.89
C SER A 241 -51.10 -11.04 -12.54
N SER A 242 -51.84 -10.21 -11.83
CA SER A 242 -53.08 -9.60 -12.37
C SER A 242 -52.84 -8.12 -12.76
N THR A 243 -51.89 -7.44 -12.09
CA THR A 243 -51.45 -6.05 -12.41
C THR A 243 -50.05 -6.09 -13.00
N GLU A 244 -49.03 -6.15 -12.15
CA GLU A 244 -47.72 -5.53 -12.42
C GLU A 244 -46.90 -6.39 -13.38
N GLU A 245 -47.32 -7.63 -13.68
CA GLU A 245 -46.54 -8.55 -14.56
C GLU A 245 -46.65 -8.10 -16.03
N ASN A 246 -47.78 -7.50 -16.43
CA ASN A 246 -48.04 -7.03 -17.84
C ASN A 246 -47.18 -5.80 -18.12
N GLU A 247 -47.02 -4.97 -17.08
CA GLU A 247 -46.19 -3.73 -17.07
C GLU A 247 -44.74 -4.11 -17.33
N ALA A 248 -44.17 -4.90 -16.40
CA ALA A 248 -42.83 -5.52 -16.52
C ALA A 248 -42.63 -6.08 -17.93
N LYS A 249 -43.59 -6.90 -18.41
CA LYS A 249 -43.49 -7.57 -19.75
C LYS A 249 -43.44 -6.50 -20.85
N ASN A 250 -44.33 -5.48 -20.83
CA ASN A 250 -44.38 -4.47 -21.93
C ASN A 250 -43.12 -3.59 -21.88
N ASP A 251 -42.66 -3.22 -20.68
CA ASP A 251 -41.41 -2.43 -20.40
C ASP A 251 -40.11 -3.19 -20.80
N ALA A 252 -40.07 -4.52 -20.59
CA ALA A 252 -38.83 -5.34 -20.66
C ALA A 252 -39.05 -6.65 -21.42
N PRO A 253 -39.52 -6.59 -22.69
CA PRO A 253 -39.91 -7.79 -23.41
C PRO A 253 -38.70 -8.67 -23.71
N SER A 254 -38.78 -9.99 -23.53
CA SER A 254 -37.68 -10.92 -23.94
C SER A 254 -37.27 -10.58 -25.38
N VAL A 255 -36.00 -10.71 -25.73
CA VAL A 255 -35.53 -10.54 -27.14
C VAL A 255 -36.35 -11.49 -28.04
N SER A 256 -36.39 -11.24 -29.34
CA SER A 256 -37.05 -12.09 -30.38
C SER A 256 -36.63 -11.58 -31.77
N GLY A 257 -35.49 -12.08 -32.28
CA GLY A 257 -34.76 -11.51 -33.43
C GLY A 257 -35.15 -12.13 -34.76
N SER A 261 -37.59 -7.07 -31.30
CA SER A 261 -38.58 -6.48 -30.34
C SER A 261 -38.03 -5.14 -29.80
N SER A 262 -37.10 -5.22 -28.83
CA SER A 262 -36.39 -4.09 -28.16
C SER A 262 -37.41 -3.14 -27.50
N GLY A 263 -37.21 -2.85 -26.20
CA GLY A 263 -38.05 -1.95 -25.40
C GLY A 263 -37.19 -1.07 -24.51
N THR A 264 -37.82 -0.43 -23.52
CA THR A 264 -37.31 0.80 -22.85
C THR A 264 -36.57 0.51 -21.53
N PHE A 265 -36.94 -0.57 -20.82
CA PHE A 265 -36.27 -0.97 -19.55
C PHE A 265 -36.14 0.26 -18.65
N ASN A 266 -37.28 0.90 -18.38
CA ASN A 266 -37.40 2.12 -17.54
C ASN A 266 -37.57 1.73 -16.08
N LYS A 267 -38.23 0.59 -15.85
CA LYS A 267 -38.75 0.20 -14.51
C LYS A 267 -38.30 -1.22 -14.13
N TYR A 268 -37.89 -2.07 -15.10
CA TYR A 268 -37.59 -3.51 -14.91
C TYR A 268 -36.50 -4.02 -15.86
N LEU A 269 -35.45 -4.63 -15.30
CA LEU A 269 -34.53 -5.47 -16.08
C LEU A 269 -35.24 -6.78 -16.38
N ASN A 270 -34.82 -7.46 -17.46
CA ASN A 270 -35.25 -8.81 -17.86
C ASN A 270 -33.97 -9.67 -17.89
N THR A 271 -33.82 -10.54 -16.88
CA THR A 271 -32.58 -11.28 -16.54
C THR A 271 -32.74 -12.77 -16.90
N LYS A 272 -33.71 -13.15 -17.74
CA LYS A 272 -33.97 -14.57 -18.08
C LYS A 272 -32.68 -15.33 -18.43
N GLN A 273 -31.83 -14.79 -19.30
CA GLN A 273 -30.63 -15.52 -19.77
C GLN A 273 -29.62 -15.55 -18.62
N ALA A 274 -29.46 -14.46 -17.87
CA ALA A 274 -28.59 -14.38 -16.67
C ALA A 274 -29.03 -15.45 -15.67
N LEU A 275 -30.35 -15.64 -15.51
CA LEU A 275 -31.05 -16.72 -14.73
C LEU A 275 -30.66 -18.14 -15.23
N GLU A 276 -30.86 -18.45 -16.51
CA GLU A 276 -30.43 -19.75 -17.13
C GLU A 276 -28.96 -20.02 -16.78
N SER A 277 -28.11 -19.01 -16.96
CA SER A 277 -26.66 -18.99 -16.66
C SER A 277 -26.37 -19.54 -15.28
N ILE A 278 -27.04 -19.04 -14.24
CA ILE A 278 -26.74 -19.46 -12.83
C ILE A 278 -27.47 -20.75 -12.45
N GLY A 279 -28.04 -21.51 -13.40
CA GLY A 279 -28.68 -22.80 -13.14
C GLY A 279 -30.16 -22.76 -12.80
N ILE A 280 -30.88 -21.64 -13.04
CA ILE A 280 -32.37 -21.62 -13.00
C ILE A 280 -32.94 -22.36 -14.22
N LEU A 281 -33.90 -23.27 -14.01
CA LEU A 281 -34.55 -24.14 -15.04
C LEU A 281 -35.94 -23.60 -15.42
N PHE A 282 -36.44 -24.00 -16.59
CA PHE A 282 -37.50 -23.32 -17.37
C PHE A 282 -38.31 -24.35 -18.17
N ASP A 283 -39.63 -24.24 -18.09
CA ASP A 283 -40.61 -24.72 -19.11
C ASP A 283 -40.91 -23.50 -20.00
N ASP A 284 -40.30 -23.46 -21.18
CA ASP A 284 -40.33 -22.31 -22.14
C ASP A 284 -39.76 -21.07 -21.43
N GLN A 285 -40.57 -20.00 -21.25
CA GLN A 285 -40.16 -18.66 -20.74
C GLN A 285 -40.41 -18.52 -19.23
N THR A 286 -41.06 -19.51 -18.58
CA THR A 286 -41.40 -19.49 -17.12
C THR A 286 -40.40 -20.32 -16.34
N PRO A 287 -39.71 -19.79 -15.29
CA PRO A 287 -38.91 -20.63 -14.40
C PRO A 287 -39.82 -21.66 -13.69
N ARG A 288 -39.24 -22.81 -13.34
CA ARG A 288 -39.92 -23.86 -12.53
C ARG A 288 -40.01 -23.35 -11.10
N ASN A 289 -40.76 -24.08 -10.27
CA ASN A 289 -41.04 -23.70 -8.87
C ASN A 289 -39.72 -23.58 -8.08
N VAL A 290 -39.78 -22.92 -6.94
CA VAL A 290 -38.65 -22.55 -6.05
C VAL A 290 -37.98 -23.82 -5.52
N ILE A 291 -38.80 -24.77 -5.05
CA ILE A 291 -38.36 -26.05 -4.46
C ILE A 291 -37.47 -26.76 -5.50
N THR A 292 -37.83 -26.66 -6.78
CA THR A 292 -37.06 -27.28 -7.90
C THR A 292 -35.73 -26.57 -8.04
N GLN A 293 -35.74 -25.26 -8.09
CA GLN A 293 -34.49 -24.47 -8.22
C GLN A 293 -33.68 -24.72 -6.95
N LEU A 294 -34.31 -24.88 -5.79
CA LEU A 294 -33.56 -25.19 -4.53
C LEU A 294 -32.85 -26.54 -4.67
N TYR A 295 -33.55 -27.60 -5.09
CA TYR A 295 -32.96 -28.95 -5.27
C TYR A 295 -31.82 -28.90 -6.30
N TYR A 296 -32.09 -28.37 -7.49
CA TYR A 296 -31.14 -28.31 -8.62
C TYR A 296 -29.88 -27.59 -8.18
N ALA A 297 -29.95 -26.51 -7.39
CA ALA A 297 -28.76 -25.76 -6.92
C ALA A 297 -28.09 -26.59 -5.82
N SER A 298 -28.90 -27.20 -4.96
CA SER A 298 -28.43 -27.96 -3.78
C SER A 298 -27.42 -29.03 -4.21
N THR A 299 -27.55 -29.62 -5.42
CA THR A 299 -26.67 -30.74 -5.89
C THR A 299 -25.63 -30.14 -6.86
N SER A 300 -24.73 -29.28 -6.36
CA SER A 300 -23.79 -28.55 -7.25
C SER A 300 -22.34 -28.94 -6.98
N LYS A 301 -21.93 -29.19 -5.73
CA LYS A 301 -20.51 -29.45 -5.32
C LYS A 301 -20.37 -30.74 -4.53
N LEU A 302 -19.22 -31.41 -4.61
CA LEU A 302 -19.01 -32.69 -3.89
C LEU A 302 -17.62 -32.77 -3.26
N ALA A 303 -17.49 -33.67 -2.30
CA ALA A 303 -16.22 -33.96 -1.63
C ALA A 303 -16.33 -35.40 -1.12
N VAL A 304 -15.19 -36.07 -0.99
CA VAL A 304 -15.10 -37.55 -0.75
C VAL A 304 -14.02 -37.80 0.31
N THR A 305 -14.40 -38.59 1.32
CA THR A 305 -13.53 -39.08 2.41
C THR A 305 -13.52 -40.61 2.34
N ASN A 306 -12.70 -41.29 3.16
CA ASN A 306 -12.73 -42.77 3.23
C ASN A 306 -14.17 -43.24 3.44
N ASN A 307 -14.95 -42.57 4.30
CA ASN A 307 -16.30 -43.06 4.69
C ASN A 307 -17.44 -42.37 3.93
N HIS A 308 -17.26 -41.13 3.46
CA HIS A 308 -18.43 -40.35 2.97
C HIS A 308 -18.22 -39.64 1.63
N ILE A 309 -19.38 -39.45 0.98
CA ILE A 309 -19.64 -38.42 -0.04
C ILE A 309 -20.57 -37.38 0.59
N VAL A 310 -20.11 -36.13 0.60
CA VAL A 310 -20.92 -34.93 0.98
C VAL A 310 -21.16 -34.07 -0.28
N VAL A 311 -22.40 -33.63 -0.42
CA VAL A 311 -22.95 -32.83 -1.55
C VAL A 311 -23.68 -31.58 -1.00
N MET A 312 -23.26 -30.43 -1.50
CA MET A 312 -23.70 -29.09 -1.11
C MET A 312 -24.05 -28.27 -2.37
N GLY A 313 -24.63 -27.09 -2.15
CA GLY A 313 -25.21 -26.24 -3.19
C GLY A 313 -24.21 -25.23 -3.68
N ASN A 314 -24.62 -24.42 -4.65
CA ASN A 314 -23.75 -23.47 -5.35
C ASN A 314 -23.77 -22.12 -4.59
N SER A 315 -23.07 -21.10 -5.09
CA SER A 315 -22.86 -19.76 -4.50
C SER A 315 -23.98 -18.82 -4.95
N PHE A 316 -24.79 -19.31 -5.89
CA PHE A 316 -25.86 -18.57 -6.60
C PHE A 316 -27.19 -18.57 -5.82
N LEU A 317 -27.85 -19.69 -5.52
CA LEU A 317 -29.06 -19.78 -4.65
C LEU A 317 -28.64 -20.16 -3.23
N PRO A 318 -29.41 -19.73 -2.21
CA PRO A 318 -29.36 -20.36 -0.90
C PRO A 318 -29.71 -21.84 -1.06
N SER A 319 -29.07 -22.67 -0.24
CA SER A 319 -29.31 -24.13 -0.10
C SER A 319 -29.83 -24.34 1.32
N MET A 320 -30.81 -25.23 1.45
CA MET A 320 -31.46 -25.47 2.76
C MET A 320 -31.12 -26.90 3.22
N TRP A 321 -30.39 -27.66 2.43
CA TRP A 321 -30.03 -29.01 2.87
C TRP A 321 -28.76 -29.44 2.17
N TYR A 322 -28.05 -30.37 2.78
CA TYR A 322 -26.83 -31.02 2.26
C TYR A 322 -26.93 -32.53 2.50
N TRP A 323 -26.18 -33.30 1.73
CA TRP A 323 -26.15 -34.77 1.77
C TRP A 323 -24.86 -35.25 2.44
N VAL A 324 -25.02 -36.14 3.42
CA VAL A 324 -23.98 -37.10 3.85
C VAL A 324 -24.45 -38.49 3.43
N VAL A 325 -23.83 -38.95 2.34
CA VAL A 325 -23.91 -40.33 1.81
C VAL A 325 -22.79 -41.14 2.47
N GLU A 326 -23.18 -42.24 3.10
CA GLU A 326 -22.30 -43.34 3.56
C GLU A 326 -21.85 -44.13 2.32
N ARG A 327 -20.55 -44.10 2.01
CA ARG A 327 -20.00 -44.85 0.84
C ARG A 327 -20.35 -46.34 0.95
N SER A 328 -20.67 -46.84 2.15
CA SER A 328 -21.14 -48.24 2.34
C SER A 328 -22.55 -48.42 1.76
N ALA A 329 -23.31 -47.35 1.53
CA ALA A 329 -24.75 -47.39 1.13
C ALA A 329 -25.00 -48.47 0.06
N GLN A 330 -25.90 -49.42 0.35
CA GLN A 330 -26.42 -50.46 -0.59
C GLN A 330 -26.78 -49.84 -1.95
N GLU A 331 -26.78 -50.67 -3.00
CA GLU A 331 -26.51 -50.28 -4.40
C GLU A 331 -27.62 -49.35 -4.92
N ASN A 332 -28.85 -49.53 -4.44
CA ASN A 332 -30.10 -49.04 -5.07
C ASN A 332 -30.94 -48.31 -3.99
N ALA A 333 -30.26 -47.61 -3.07
CA ALA A 333 -30.84 -46.94 -1.87
C ALA A 333 -31.25 -45.50 -2.22
N SER A 334 -31.77 -44.73 -1.27
CA SER A 334 -32.13 -43.31 -1.49
C SER A 334 -31.51 -42.46 -0.37
N ASN A 335 -30.32 -41.90 -0.60
CA ASN A 335 -29.55 -41.18 0.45
C ASN A 335 -30.29 -39.86 0.74
N LYS A 336 -30.39 -39.52 2.03
CA LYS A 336 -31.28 -38.45 2.53
C LYS A 336 -30.41 -37.25 2.91
N PRO A 337 -30.94 -36.05 2.59
CA PRO A 337 -30.28 -34.80 2.96
C PRO A 337 -30.68 -34.41 4.39
N THR A 338 -29.73 -33.77 5.07
CA THR A 338 -29.82 -33.16 6.41
C THR A 338 -30.16 -31.68 6.16
N TRP A 339 -31.19 -31.15 6.84
CA TRP A 339 -31.55 -29.70 6.90
C TRP A 339 -30.50 -28.90 7.68
N PHE A 340 -30.21 -27.69 7.23
CA PHE A 340 -29.32 -26.73 7.93
C PHE A 340 -30.04 -26.17 9.15
N ALA A 341 -31.38 -26.10 9.08
CA ALA A 341 -32.25 -25.71 10.23
C ALA A 341 -32.09 -26.73 11.36
N ASN A 342 -31.63 -27.95 11.04
CA ASN A 342 -31.37 -29.01 12.05
C ASN A 342 -29.87 -29.10 12.33
N THR A 343 -29.03 -28.21 11.77
CA THR A 343 -27.55 -28.27 11.91
C THR A 343 -27.06 -27.08 12.73
N ASN A 344 -26.93 -27.20 14.05
CA ASN A 344 -26.31 -26.16 14.90
C ASN A 344 -24.84 -26.03 14.48
N LEU A 345 -24.39 -24.81 14.21
CA LEU A 345 -22.97 -24.41 14.12
C LEU A 345 -22.54 -23.68 15.40
N ASP A 346 -21.25 -23.73 15.75
CA ASP A 346 -20.61 -22.73 16.64
C ASP A 346 -20.25 -21.51 15.78
N TRP A 347 -20.92 -20.39 16.03
CA TRP A 347 -20.70 -19.06 15.42
C TRP A 347 -19.60 -18.28 16.19
N GLY A 348 -18.84 -18.90 17.10
CA GLY A 348 -17.67 -18.27 17.76
C GLY A 348 -17.91 -18.03 19.25
N GLU A 349 -19.16 -17.75 19.62
CA GLU A 349 -19.69 -17.43 20.97
C GLU A 349 -21.21 -17.67 20.90
N ASP A 350 -21.89 -18.01 22.02
CA ASP A 350 -23.33 -18.39 21.99
C ASP A 350 -24.17 -17.19 21.53
N LYS A 351 -23.75 -15.99 21.96
CA LYS A 351 -24.43 -14.72 21.64
C LYS A 351 -24.61 -14.62 20.13
N GLN A 352 -23.54 -14.86 19.37
CA GLN A 352 -23.54 -14.74 17.88
C GLN A 352 -24.62 -15.68 17.33
N LYS A 353 -24.83 -16.83 17.96
CA LYS A 353 -25.94 -17.74 17.55
C LYS A 353 -27.26 -17.05 17.84
N GLN A 354 -27.40 -16.52 19.06
CA GLN A 354 -28.67 -15.91 19.55
C GLN A 354 -29.08 -14.77 18.61
N PHE A 355 -28.09 -13.99 18.14
CA PHE A 355 -28.33 -12.80 17.29
C PHE A 355 -29.11 -13.24 16.06
N VAL A 356 -28.61 -14.30 15.44
CA VAL A 356 -29.13 -14.89 14.18
C VAL A 356 -30.48 -15.52 14.47
N GLU A 357 -30.63 -16.23 15.59
CA GLU A 357 -31.85 -17.02 15.91
C GLU A 357 -32.96 -16.09 16.37
N ASN A 358 -32.61 -15.05 17.12
CA ASN A 358 -33.59 -14.03 17.58
C ASN A 358 -34.23 -13.42 16.35
N GLN A 359 -33.46 -13.07 15.33
CA GLN A 359 -34.01 -12.35 14.18
C GLN A 359 -34.67 -13.33 13.18
N LEU A 360 -34.57 -14.66 13.37
CA LEU A 360 -35.23 -15.66 12.47
C LEU A 360 -36.76 -15.50 12.52
N GLY A 361 -37.34 -15.26 13.71
CA GLY A 361 -38.77 -14.92 13.93
C GLY A 361 -39.16 -14.77 15.41
N TYR A 362 -40.44 -14.53 15.66
CA TYR A 362 -41.09 -14.42 17.01
C TYR A 362 -41.29 -15.82 17.63
N LYS A 363 -40.67 -16.10 18.79
CA LYS A 363 -40.96 -17.31 19.65
C LYS A 363 -42.04 -16.99 20.69
N GLU A 364 -43.02 -17.85 20.94
CA GLU A 364 -44.03 -17.67 22.05
C GLU A 364 -44.79 -18.98 22.35
N THR A 365 -45.08 -19.23 23.62
CA THR A 365 -46.02 -20.29 24.05
C THR A 365 -47.44 -19.75 23.88
N THR A 366 -47.60 -18.43 23.80
CA THR A 366 -48.91 -17.72 23.87
C THR A 366 -49.57 -17.66 22.49
N SER A 367 -48.81 -17.68 21.37
CA SER A 367 -49.40 -17.50 20.01
C SER A 367 -49.75 -18.84 19.34
N THR A 368 -50.50 -18.72 18.23
CA THR A 368 -51.42 -19.71 17.61
C THR A 368 -51.16 -19.69 16.10
N ASN A 369 -50.72 -20.79 15.51
CA ASN A 369 -50.60 -20.86 14.03
C ASN A 369 -49.49 -19.93 13.52
N SER A 370 -48.82 -19.16 14.40
CA SER A 370 -47.73 -18.17 14.08
C SER A 370 -46.36 -18.86 13.99
N HIS A 371 -46.13 -19.72 12.99
CA HIS A 371 -44.94 -20.65 12.91
C HIS A 371 -43.82 -20.11 12.01
N ASN A 372 -42.61 -20.12 12.57
CA ASN A 372 -41.35 -19.75 11.86
C ASN A 372 -40.19 -20.63 12.40
N PHE A 373 -39.01 -20.58 11.77
CA PHE A 373 -37.85 -21.43 12.14
C PHE A 373 -37.55 -21.23 13.64
N HIS A 374 -37.64 -20.00 14.13
CA HIS A 374 -37.33 -19.66 15.54
C HIS A 374 -38.40 -20.22 16.48
N SER A 375 -39.68 -20.04 16.14
CA SER A 375 -40.83 -20.47 17.00
C SER A 375 -40.88 -22.00 17.11
N LYS A 376 -40.26 -22.75 16.20
CA LYS A 376 -40.28 -24.23 16.23
C LYS A 376 -38.89 -24.75 16.56
N SER A 377 -37.99 -23.86 17.04
CA SER A 377 -36.70 -24.20 17.69
C SER A 377 -35.72 -24.82 16.68
N PHE A 378 -35.82 -24.36 15.42
CA PHE A 378 -34.77 -24.55 14.36
C PHE A 378 -33.76 -23.40 14.46
N THR A 379 -32.64 -23.59 13.80
CA THR A 379 -31.53 -22.60 13.73
C THR A 379 -31.42 -22.08 12.27
N GLN A 380 -30.39 -21.28 11.98
CA GLN A 380 -30.17 -20.63 10.65
C GLN A 380 -30.50 -21.63 9.55
N PRO A 381 -31.52 -21.38 8.71
CA PRO A 381 -32.02 -22.40 7.78
C PRO A 381 -31.33 -22.50 6.42
N ALA A 382 -30.49 -21.55 6.02
CA ALA A 382 -30.03 -21.46 4.61
C ALA A 382 -28.65 -20.80 4.49
N TYR A 383 -27.77 -21.41 3.71
CA TYR A 383 -26.43 -20.82 3.41
C TYR A 383 -26.28 -20.63 1.90
N LEU A 384 -25.52 -19.60 1.52
CA LEU A 384 -24.96 -19.46 0.15
C LEU A 384 -23.56 -20.06 0.21
N ILE A 385 -23.45 -21.33 -0.20
CA ILE A 385 -22.25 -22.17 0.07
C ILE A 385 -21.16 -21.85 -0.97
N SER A 386 -19.94 -21.65 -0.48
CA SER A 386 -18.76 -21.28 -1.31
C SER A 386 -18.31 -22.50 -2.11
N GLY A 387 -18.50 -23.66 -1.53
CA GLY A 387 -18.00 -24.95 -2.02
C GLY A 387 -17.55 -25.85 -0.90
N ILE A 388 -16.87 -26.95 -1.21
CA ILE A 388 -16.65 -28.01 -0.19
C ILE A 388 -15.46 -28.83 -0.63
N ASP A 389 -14.61 -29.25 0.31
CA ASP A 389 -13.40 -30.07 0.01
C ASP A 389 -13.14 -31.07 1.16
N SER A 390 -12.21 -32.01 0.95
CA SER A 390 -11.75 -33.01 1.96
C SER A 390 -10.24 -32.88 2.11
N VAL A 391 -9.71 -32.90 3.33
CA VAL A 391 -8.28 -33.07 3.67
C VAL A 391 -8.23 -34.14 4.75
N ASN A 392 -7.38 -35.16 4.58
CA ASN A 392 -7.34 -36.28 5.55
C ASN A 392 -8.77 -36.82 5.57
N ASP A 393 -9.44 -36.96 6.70
CA ASP A 393 -10.82 -37.51 6.60
C ASP A 393 -11.78 -36.42 7.08
N GLN A 394 -11.57 -35.22 6.56
CA GLN A 394 -12.26 -34.03 7.07
C GLN A 394 -12.90 -33.30 5.90
N ILE A 395 -14.14 -32.84 6.06
CA ILE A 395 -14.87 -31.97 5.12
C ILE A 395 -14.63 -30.57 5.63
N ILE A 396 -14.04 -29.71 4.79
CA ILE A 396 -14.08 -28.23 4.98
C ILE A 396 -15.19 -27.68 4.09
N PHE A 397 -15.99 -26.79 4.66
CA PHE A 397 -16.92 -25.89 3.94
C PHE A 397 -16.75 -24.46 4.46
N SER A 398 -17.38 -23.56 3.74
CA SER A 398 -17.50 -22.12 4.06
C SER A 398 -18.70 -21.60 3.25
N GLY A 399 -19.13 -20.38 3.57
CA GLY A 399 -20.16 -19.66 2.79
C GLY A 399 -20.71 -18.47 3.52
N PHE A 400 -21.79 -17.90 3.00
CA PHE A 400 -22.45 -16.73 3.59
C PHE A 400 -23.76 -17.20 4.20
N LYS A 401 -24.00 -16.75 5.44
CA LYS A 401 -25.35 -16.79 6.06
C LYS A 401 -26.30 -16.06 5.11
N ALA A 402 -27.21 -16.84 4.51
CA ALA A 402 -28.37 -16.30 3.76
C ALA A 402 -29.34 -15.66 4.76
N GLY A 403 -29.59 -14.36 4.62
CA GLY A 403 -30.57 -13.65 5.43
C GLY A 403 -31.85 -14.46 5.61
N SER A 404 -32.20 -14.70 6.86
CA SER A 404 -33.54 -15.20 7.23
C SER A 404 -34.11 -14.42 8.42
N VAL A 405 -35.33 -13.93 8.20
CA VAL A 405 -36.11 -13.16 9.19
C VAL A 405 -37.58 -13.59 9.13
N GLY A 406 -38.30 -13.31 10.24
CA GLY A 406 -39.77 -13.34 10.33
C GLY A 406 -40.40 -12.25 9.49
N TYR A 407 -41.66 -12.46 9.13
CA TYR A 407 -42.52 -11.49 8.39
C TYR A 407 -43.98 -11.71 8.81
N ASP A 408 -44.68 -10.60 9.05
CA ASP A 408 -46.11 -10.56 9.47
C ASP A 408 -46.98 -10.85 8.24
N SER A 409 -47.48 -12.09 8.10
CA SER A 409 -48.41 -12.53 7.03
C SER A 409 -49.87 -12.36 7.47
N SER A 410 -50.11 -11.61 8.56
CA SER A 410 -51.45 -11.29 9.13
C SER A 410 -52.41 -10.78 8.05
N SER A 411 -53.71 -10.93 8.36
CA SER A 411 -54.87 -10.52 7.52
C SER A 411 -55.94 -9.83 8.39
N SER A 412 -56.49 -8.70 7.93
CA SER A 412 -57.71 -8.05 8.49
C SER A 412 -57.98 -6.71 7.79
N SER A 418 -55.86 -4.81 12.94
CA SER A 418 -55.41 -3.67 12.09
C SER A 418 -53.87 -3.68 11.99
N SER A 419 -53.27 -4.88 12.13
CA SER A 419 -51.82 -5.17 12.33
C SER A 419 -50.93 -4.10 11.66
N SER A 420 -50.13 -3.39 12.46
CA SER A 420 -49.32 -2.22 12.00
C SER A 420 -48.18 -2.67 11.08
N THR A 421 -47.55 -3.81 11.39
CA THR A 421 -46.42 -4.41 10.59
C THR A 421 -46.94 -5.37 9.52
N LYS A 422 -48.17 -5.23 9.05
CA LYS A 422 -48.76 -6.20 8.09
C LYS A 422 -47.90 -6.20 6.82
N ASP A 423 -47.73 -7.35 6.19
CA ASP A 423 -46.96 -7.47 4.92
C ASP A 423 -45.53 -6.94 5.10
N GLN A 424 -45.04 -6.82 6.34
CA GLN A 424 -43.69 -6.28 6.63
C GLN A 424 -42.78 -7.40 7.14
N ALA A 425 -41.55 -7.41 6.66
CA ALA A 425 -40.43 -8.21 7.19
C ALA A 425 -39.96 -7.54 8.50
N LEU A 426 -39.52 -8.36 9.45
CA LEU A 426 -39.11 -7.91 10.80
C LEU A 426 -37.61 -8.15 10.94
N ALA A 427 -36.85 -7.08 10.68
CA ALA A 427 -35.39 -7.07 10.55
C ALA A 427 -34.85 -5.76 11.10
N TRP A 428 -33.63 -5.81 11.64
CA TRP A 428 -32.94 -4.64 12.24
C TRP A 428 -31.43 -4.83 12.16
N SER A 429 -30.69 -3.74 11.95
CA SER A 429 -29.23 -3.67 12.20
C SER A 429 -28.94 -4.24 13.58
N THR A 430 -27.84 -4.97 13.70
CA THR A 430 -27.39 -5.61 14.94
C THR A 430 -25.95 -5.15 15.16
N THR A 431 -25.63 -3.96 14.70
CA THR A 431 -24.24 -3.48 14.61
C THR A 431 -23.86 -2.94 16.00
N THR A 432 -22.68 -3.33 16.48
CA THR A 432 -22.09 -3.04 17.82
C THR A 432 -22.08 -1.53 18.06
N SER A 433 -22.50 -1.07 19.24
CA SER A 433 -22.53 0.36 19.64
C SER A 433 -21.13 0.97 19.61
N LEU A 434 -21.03 2.31 19.68
CA LEU A 434 -19.76 3.06 19.71
C LEU A 434 -18.98 2.84 21.01
N ASP A 435 -19.67 2.88 22.17
CA ASP A 435 -19.01 2.77 23.49
C ASP A 435 -18.46 1.37 23.80
N SER A 436 -18.70 0.39 22.91
CA SER A 436 -18.32 -1.00 23.16
C SER A 436 -16.84 -1.05 23.52
N LYS A 437 -16.52 -1.62 24.67
CA LYS A 437 -15.14 -1.98 25.00
C LYS A 437 -14.59 -2.76 23.79
N THR A 438 -13.41 -2.35 23.31
CA THR A 438 -12.89 -2.85 22.04
C THR A 438 -12.33 -4.28 22.21
N GLY A 439 -11.59 -4.84 21.26
CA GLY A 439 -11.17 -6.26 21.34
C GLY A 439 -12.30 -7.17 20.85
N TYR A 440 -11.99 -8.18 20.02
CA TYR A 440 -12.99 -8.88 19.14
C TYR A 440 -14.13 -9.44 20.00
N LYS A 441 -13.79 -10.28 20.99
CA LYS A 441 -14.71 -11.00 21.92
C LYS A 441 -15.84 -10.08 22.39
N ASP A 442 -15.44 -8.94 22.93
CA ASP A 442 -16.36 -7.89 23.40
C ASP A 442 -17.25 -7.46 22.23
N LEU A 443 -16.67 -7.24 21.05
CA LEU A 443 -17.38 -6.61 19.90
C LEU A 443 -18.55 -7.51 19.49
N VAL A 444 -18.26 -8.81 19.36
CA VAL A 444 -19.22 -9.79 18.81
C VAL A 444 -20.15 -10.29 19.93
N THR A 445 -19.83 -10.09 21.22
CA THR A 445 -20.74 -10.41 22.36
C THR A 445 -21.41 -9.15 22.94
N ASN A 446 -21.30 -8.01 22.28
CA ASN A 446 -21.97 -6.78 22.72
C ASN A 446 -23.48 -7.02 22.66
N ASP A 447 -24.22 -6.61 23.68
CA ASP A 447 -25.67 -6.89 23.84
C ASP A 447 -26.50 -6.05 22.84
N THR A 448 -25.85 -5.20 22.01
CA THR A 448 -26.51 -4.20 21.13
C THR A 448 -27.32 -4.88 20.02
N GLY A 449 -28.63 -4.61 19.96
CA GLY A 449 -29.59 -5.10 18.96
C GLY A 449 -29.98 -6.57 19.16
N LEU A 450 -29.76 -7.17 20.33
CA LEU A 450 -29.79 -8.65 20.54
C LEU A 450 -31.22 -9.19 20.32
N ASN A 451 -32.25 -8.52 20.86
CA ASN A 451 -33.63 -9.07 20.87
C ASN A 451 -34.58 -8.19 20.01
N GLY A 452 -34.06 -7.04 19.51
CA GLY A 452 -34.86 -6.10 18.70
C GLY A 452 -34.10 -4.85 18.23
N PRO A 453 -34.76 -4.01 17.41
CA PRO A 453 -34.21 -2.74 16.92
C PRO A 453 -33.60 -1.83 18.00
N ILE A 454 -32.54 -1.11 17.62
CA ILE A 454 -31.72 -0.18 18.45
C ILE A 454 -31.00 0.86 17.56
N ASN A 455 -30.92 0.63 16.25
CA ASN A 455 -30.02 1.38 15.32
C ASN A 455 -30.85 2.15 14.26
N GLY A 456 -30.38 3.34 13.89
CA GLY A 456 -31.08 4.25 12.99
C GLY A 456 -30.20 5.46 12.68
N SER A 457 -30.45 6.60 13.33
CA SER A 457 -29.63 7.82 13.18
C SER A 457 -29.55 8.61 14.50
N PHE A 458 -28.35 9.07 14.83
CA PHE A 458 -28.01 9.73 16.09
C PHE A 458 -27.10 10.93 15.85
N SER A 459 -27.51 12.10 16.32
CA SER A 459 -26.74 13.34 16.29
C SER A 459 -26.47 13.82 17.72
N ILE A 460 -25.55 13.11 18.37
CA ILE A 460 -24.86 13.55 19.60
C ILE A 460 -24.07 14.82 19.28
N GLN A 461 -24.13 15.83 20.16
CA GLN A 461 -23.39 17.10 20.07
C GLN A 461 -23.44 17.70 18.65
N ASP A 462 -22.55 17.32 17.73
CA ASP A 462 -22.56 17.57 16.29
C ASP A 462 -21.77 16.47 15.50
N THR A 463 -21.85 15.21 15.94
CA THR A 463 -21.08 14.08 15.40
C THR A 463 -22.01 12.93 14.98
N PHE A 464 -22.51 12.95 13.74
CA PHE A 464 -23.52 11.99 13.24
C PHE A 464 -23.03 10.54 13.36
N SER A 465 -23.93 9.62 13.71
CA SER A 465 -23.70 8.19 13.71
C SER A 465 -25.01 7.43 13.49
N PHE A 466 -24.97 6.30 12.79
CA PHE A 466 -26.14 5.40 12.65
C PHE A 466 -26.30 4.40 13.80
N VAL A 467 -25.19 4.11 14.47
CA VAL A 467 -25.03 3.07 15.52
C VAL A 467 -25.25 3.76 16.87
N VAL A 468 -25.90 3.06 17.82
CA VAL A 468 -26.19 3.61 19.19
C VAL A 468 -24.87 3.99 19.81
N PRO A 469 -24.78 5.18 20.43
CA PRO A 469 -23.53 5.67 21.01
C PRO A 469 -23.08 4.89 22.25
N TYR A 470 -24.01 4.20 22.92
CA TYR A 470 -23.79 3.47 24.15
C TYR A 470 -24.69 2.23 24.28
N SER A 471 -24.19 1.17 24.91
CA SER A 471 -24.94 -0.10 25.18
C SER A 471 -24.43 -0.75 26.47
N THR A 479 -28.19 7.25 34.14
CA THR A 479 -28.50 5.84 33.80
C THR A 479 -29.43 5.28 34.90
N THR A 480 -30.65 4.84 34.54
CA THR A 480 -31.70 4.27 35.44
C THR A 480 -31.40 2.78 35.70
N GLY A 481 -30.93 2.10 34.64
CA GLY A 481 -30.42 0.71 34.59
C GLY A 481 -29.91 0.39 33.18
N PRO A 482 -29.78 -0.90 32.79
CA PRO A 482 -29.23 -1.24 31.48
C PRO A 482 -30.29 -1.24 30.36
N ILE A 483 -29.84 -0.99 29.12
CA ILE A 483 -30.67 -0.82 27.89
C ILE A 483 -31.32 -2.16 27.52
N LYS A 484 -32.63 -2.14 27.28
CA LYS A 484 -33.43 -3.33 26.88
C LYS A 484 -33.83 -3.22 25.41
N THR A 485 -33.64 -4.29 24.65
CA THR A 485 -34.17 -4.47 23.27
C THR A 485 -35.26 -5.56 23.30
N ALA A 486 -36.26 -5.40 22.44
CA ALA A 486 -37.45 -6.27 22.32
C ALA A 486 -37.80 -6.46 20.84
N TYR A 487 -38.40 -7.62 20.53
CA TYR A 487 -38.91 -8.05 19.19
C TYR A 487 -40.17 -7.25 18.82
N PRO A 488 -40.17 -6.57 17.65
CA PRO A 488 -41.22 -5.63 17.29
C PRO A 488 -42.53 -6.34 16.88
N VAL A 489 -43.16 -6.99 17.86
CA VAL A 489 -44.56 -7.47 17.84
C VAL A 489 -45.19 -6.98 19.14
N LYS A 490 -46.07 -5.97 19.08
CA LYS A 490 -46.71 -5.30 20.26
C LYS A 490 -47.38 -6.36 21.15
N LYS A 491 -47.17 -6.27 22.48
CA LYS A 491 -47.74 -7.17 23.53
C LYS A 491 -49.22 -7.53 23.29
N ASP A 492 -50.07 -6.61 22.79
CA ASP A 492 -51.55 -6.79 22.58
C ASP A 492 -51.85 -7.85 21.53
N GLN A 493 -51.13 -7.78 20.41
CA GLN A 493 -51.34 -8.64 19.22
C GLN A 493 -50.51 -9.93 19.38
N LYS A 494 -49.78 -10.12 20.50
CA LYS A 494 -48.86 -11.28 20.75
C LYS A 494 -49.57 -12.62 20.52
N SER A 495 -50.86 -12.72 20.85
CA SER A 495 -51.71 -13.94 20.71
C SER A 495 -52.17 -14.11 19.26
N THR A 496 -52.66 -13.02 18.63
CA THR A 496 -53.42 -13.04 17.36
C THR A 496 -52.49 -12.89 16.14
N VAL A 497 -51.16 -12.73 16.31
CA VAL A 497 -50.25 -12.28 15.21
C VAL A 497 -49.75 -13.52 14.45
N LYS A 498 -49.36 -13.33 13.18
CA LYS A 498 -48.90 -14.43 12.30
C LYS A 498 -47.49 -14.11 11.74
N ILE A 499 -46.42 -14.50 12.46
CA ILE A 499 -45.03 -14.24 11.99
C ILE A 499 -44.46 -15.52 11.41
N ASN A 500 -44.28 -15.48 10.10
CA ASN A 500 -43.77 -16.60 9.27
C ASN A 500 -42.34 -16.28 8.81
N SER A 501 -41.61 -17.31 8.36
CA SER A 501 -40.17 -17.20 8.02
C SER A 501 -40.02 -16.89 6.51
N LEU A 502 -39.05 -16.04 6.16
CA LEU A 502 -38.58 -15.91 4.76
C LEU A 502 -37.05 -16.10 4.66
N ILE A 503 -36.57 -16.30 3.43
CA ILE A 503 -35.12 -16.37 3.11
C ILE A 503 -34.82 -15.41 1.94
N ASN A 504 -33.77 -14.60 2.11
CA ASN A 504 -33.23 -13.66 1.09
C ASN A 504 -32.34 -14.39 0.06
N ALA A 505 -31.92 -13.67 -0.98
CA ALA A 505 -31.19 -14.21 -2.16
C ALA A 505 -29.70 -13.92 -1.95
N THR A 506 -29.41 -13.31 -0.78
CA THR A 506 -28.13 -12.64 -0.44
C THR A 506 -27.86 -12.75 1.05
N PRO A 507 -26.65 -12.33 1.50
CA PRO A 507 -26.25 -12.32 2.90
C PRO A 507 -26.78 -11.18 3.80
N LEU A 508 -27.56 -10.24 3.26
CA LEU A 508 -28.25 -9.16 4.05
C LEU A 508 -29.55 -9.72 4.64
N ASN A 509 -29.74 -9.53 5.95
CA ASN A 509 -31.01 -9.70 6.69
C ASN A 509 -31.92 -8.55 6.28
N SER A 510 -31.35 -7.34 6.35
CA SER A 510 -32.11 -6.07 6.37
C SER A 510 -31.95 -5.28 5.06
N TYR A 511 -33.04 -5.16 4.27
CA TYR A 511 -33.13 -4.47 2.95
C TYR A 511 -33.63 -3.03 3.10
N GLY A 512 -33.93 -2.61 4.33
CA GLY A 512 -34.55 -1.29 4.57
C GLY A 512 -33.72 -0.15 4.02
N ASP A 513 -34.36 0.71 3.23
CA ASP A 513 -33.69 1.79 2.47
C ASP A 513 -33.32 2.95 3.40
N GLU A 514 -32.62 2.68 4.51
CA GLU A 514 -32.01 3.71 5.38
C GLU A 514 -30.47 3.56 5.36
N GLY A 515 -29.77 4.65 5.68
CA GLY A 515 -28.30 4.81 5.71
C GLY A 515 -27.57 3.74 6.51
N ILE A 516 -28.15 3.17 7.57
CA ILE A 516 -27.46 2.13 8.39
C ILE A 516 -27.28 0.86 7.54
N GLY A 517 -28.29 0.53 6.72
CA GLY A 517 -28.23 -0.59 5.76
C GLY A 517 -27.01 -0.52 4.85
N VAL A 518 -26.73 0.65 4.23
CA VAL A 518 -25.53 0.80 3.35
C VAL A 518 -24.28 0.53 4.20
N PHE A 519 -24.15 1.24 5.32
CA PHE A 519 -22.96 1.17 6.21
C PHE A 519 -22.77 -0.27 6.70
N ASP A 520 -23.87 -0.97 7.02
CA ASP A 520 -23.82 -2.38 7.48
C ASP A 520 -23.20 -3.20 6.33
N ALA A 521 -23.68 -2.99 5.10
CA ALA A 521 -23.36 -3.85 3.93
C ALA A 521 -21.94 -3.56 3.46
N LEU A 522 -21.44 -2.34 3.64
CA LEU A 522 -20.16 -1.87 3.08
C LEU A 522 -19.03 -1.86 4.12
N GLY A 523 -19.32 -2.10 5.39
CA GLY A 523 -18.27 -2.19 6.41
C GLY A 523 -17.80 -0.82 6.84
N LEU A 524 -18.73 0.14 7.00
CA LEU A 524 -18.41 1.58 7.12
C LEU A 524 -18.76 2.15 8.50
N ASN A 525 -19.34 1.37 9.43
CA ASN A 525 -19.60 1.80 10.84
C ASN A 525 -18.26 1.71 11.59
N TYR A 526 -17.80 2.79 12.23
CA TYR A 526 -16.53 2.84 12.98
C TYR A 526 -16.73 3.54 14.32
N ASN A 527 -16.04 3.06 15.36
CA ASN A 527 -15.96 3.78 16.64
C ASN A 527 -15.10 5.05 16.52
N PHE A 528 -15.18 5.93 17.52
CA PHE A 528 -14.42 7.19 17.59
C PHE A 528 -13.31 7.18 18.67
N LYS A 529 -12.85 6.00 19.10
CA LYS A 529 -11.73 5.85 20.06
C LYS A 529 -10.38 6.00 19.37
N SER A 530 -9.32 5.97 20.17
CA SER A 530 -7.90 6.00 19.77
C SER A 530 -7.43 4.76 19.00
N ASN A 531 -8.30 4.10 18.23
CA ASN A 531 -7.89 3.03 17.27
C ASN A 531 -8.86 2.95 16.09
N GLN A 532 -10.15 3.32 16.24
CA GLN A 532 -11.17 3.22 15.20
C GLN A 532 -11.35 1.78 14.67
N GLU A 533 -11.48 0.80 15.54
CA GLU A 533 -11.78 -0.60 15.12
C GLU A 533 -13.22 -0.63 14.59
N ARG A 534 -13.46 -1.33 13.49
CA ARG A 534 -14.73 -1.24 12.73
C ARG A 534 -15.79 -2.06 13.47
N LEU A 535 -16.98 -1.50 13.60
CA LEU A 535 -18.10 -2.09 14.37
C LEU A 535 -18.86 -3.12 13.52
N PRO A 536 -18.77 -4.42 13.89
CA PRO A 536 -19.42 -5.51 13.15
C PRO A 536 -20.94 -5.61 13.33
N SER A 537 -21.64 -6.11 12.31
CA SER A 537 -23.00 -6.70 12.47
C SER A 537 -22.81 -8.17 12.81
N ARG A 538 -23.86 -8.84 13.32
CA ARG A 538 -23.85 -10.32 13.52
C ARG A 538 -25.04 -10.95 12.80
N THR A 539 -25.78 -10.16 12.00
CA THR A 539 -26.90 -10.66 11.15
C THR A 539 -26.72 -10.35 9.66
N ASP A 540 -25.96 -9.33 9.28
CA ASP A 540 -25.84 -8.90 7.86
C ASP A 540 -24.42 -9.23 7.39
N GLN A 541 -24.29 -9.97 6.31
CA GLN A 541 -22.97 -10.10 5.65
C GLN A 541 -22.14 -11.07 6.52
N ILE A 542 -22.79 -12.12 7.06
CA ILE A 542 -22.10 -13.06 8.00
C ILE A 542 -21.52 -14.26 7.24
N PHE A 543 -20.20 -14.36 7.18
CA PHE A 543 -19.47 -15.51 6.61
C PHE A 543 -19.31 -16.58 7.69
N VAL A 544 -19.33 -17.83 7.24
CA VAL A 544 -19.45 -19.07 8.04
C VAL A 544 -18.50 -20.09 7.39
N TYR A 545 -17.64 -20.73 8.18
CA TYR A 545 -16.75 -21.82 7.72
C TYR A 545 -16.63 -22.83 8.85
N GLY A 546 -16.17 -24.02 8.50
CA GLY A 546 -15.76 -24.99 9.54
C GLY A 546 -14.99 -26.15 8.96
N ILE A 547 -14.57 -27.05 9.85
CA ILE A 547 -14.00 -28.39 9.49
C ILE A 547 -14.89 -29.43 10.18
N VAL A 548 -15.42 -30.39 9.44
CA VAL A 548 -16.47 -31.31 9.95
C VAL A 548 -15.89 -32.72 10.06
N SER A 549 -15.89 -33.32 11.26
CA SER A 549 -15.26 -34.66 11.51
C SER A 549 -16.16 -35.77 10.98
N PRO A 550 -15.68 -37.01 10.80
CA PRO A 550 -16.54 -38.09 10.32
C PRO A 550 -17.69 -38.50 11.26
N ASN A 551 -17.51 -38.36 12.57
CA ASN A 551 -18.60 -38.52 13.58
C ASN A 551 -19.69 -37.47 13.36
N GLU A 552 -19.29 -36.26 12.93
CA GLU A 552 -20.20 -35.10 12.78
C GLU A 552 -21.10 -35.35 11.57
N LEU A 553 -20.49 -35.84 10.48
CA LEU A 553 -21.16 -36.28 9.25
C LEU A 553 -22.07 -37.47 9.59
N ARG A 554 -21.70 -38.21 10.63
CA ARG A 554 -22.48 -39.40 11.06
C ARG A 554 -23.76 -38.91 11.70
N SER A 555 -23.74 -37.85 12.54
CA SER A 555 -25.00 -37.29 13.15
C SER A 555 -25.90 -36.79 12.01
N ALA A 556 -25.30 -36.07 11.05
CA ALA A 556 -26.03 -35.40 9.97
C ALA A 556 -26.85 -36.48 9.25
N LYS A 557 -26.22 -37.61 8.96
CA LYS A 557 -26.89 -38.74 8.28
C LYS A 557 -28.04 -39.22 9.19
N SER A 558 -27.79 -39.22 10.49
CA SER A 558 -28.77 -39.55 11.56
C SER A 558 -29.90 -38.52 11.54
N SER A 559 -29.63 -37.23 11.43
CA SER A 559 -30.69 -36.19 11.36
C SER A 559 -31.59 -36.50 10.15
N ALA A 560 -30.97 -36.76 9.01
CA ALA A 560 -31.61 -37.00 7.71
C ALA A 560 -32.42 -38.31 7.70
N ASP A 561 -32.14 -39.29 8.58
CA ASP A 561 -32.86 -40.60 8.53
C ASP A 561 -33.92 -40.66 9.65
N SER A 562 -33.74 -39.84 10.71
CA SER A 562 -34.68 -39.60 11.84
C SER A 562 -36.11 -40.00 11.47
N THR A 563 -36.67 -40.98 12.17
CA THR A 563 -38.12 -41.28 12.15
C THR A 563 -38.85 -40.07 12.74
N GLY A 564 -40.00 -39.71 12.18
CA GLY A 564 -41.02 -38.91 12.88
C GLY A 564 -40.61 -37.46 13.08
N SER A 565 -39.81 -37.16 14.12
CA SER A 565 -39.47 -35.78 14.57
C SER A 565 -38.09 -35.37 14.04
N ASP A 566 -37.76 -34.07 14.16
CA ASP A 566 -36.44 -33.52 13.70
C ASP A 566 -35.38 -33.80 14.78
N THR A 567 -34.44 -34.69 14.46
CA THR A 567 -33.15 -34.95 15.15
C THR A 567 -32.19 -33.81 14.82
N LYS A 568 -31.29 -33.43 15.74
CA LYS A 568 -30.37 -32.29 15.51
C LYS A 568 -28.90 -32.73 15.51
N VAL A 569 -28.06 -31.93 14.85
CA VAL A 569 -26.60 -32.11 14.70
C VAL A 569 -25.88 -30.89 15.23
N ASN A 570 -24.85 -31.09 16.04
CA ASN A 570 -23.92 -30.02 16.45
C ASN A 570 -22.66 -30.15 15.59
N TRP A 571 -22.27 -29.13 14.84
CA TRP A 571 -20.92 -29.07 14.21
C TRP A 571 -20.10 -28.09 15.07
N SER A 572 -19.20 -28.57 15.92
CA SER A 572 -18.50 -27.75 16.94
C SER A 572 -17.13 -27.26 16.45
N ASN A 573 -16.77 -27.46 15.17
CA ASN A 573 -15.48 -26.99 14.63
C ASN A 573 -15.75 -25.94 13.56
N THR A 574 -16.64 -24.99 13.87
CA THR A 574 -17.09 -23.95 12.92
C THR A 574 -16.83 -22.59 13.55
N GLN A 575 -16.87 -21.54 12.73
CA GLN A 575 -16.83 -20.11 13.15
C GLN A 575 -17.71 -19.27 12.19
N SER A 576 -18.00 -18.03 12.57
CA SER A 576 -18.65 -17.01 11.69
C SER A 576 -17.77 -15.77 11.69
N ARG A 577 -17.98 -14.88 10.73
CA ARG A 577 -17.24 -13.60 10.63
C ARG A 577 -18.05 -12.63 9.78
N TYR A 578 -18.29 -11.44 10.32
CA TYR A 578 -18.69 -10.23 9.56
C TYR A 578 -17.71 -10.00 8.42
N LEU A 579 -18.18 -10.14 7.18
CA LEU A 579 -17.37 -9.99 5.95
C LEU A 579 -18.15 -9.13 4.95
N PRO A 580 -18.16 -7.79 5.13
CA PRO A 580 -18.80 -6.91 4.15
C PRO A 580 -18.10 -6.86 2.78
N VAL A 581 -18.84 -6.39 1.77
CA VAL A 581 -18.32 -6.02 0.42
C VAL A 581 -17.54 -4.74 0.65
N PRO A 582 -16.46 -4.47 -0.13
CA PRO A 582 -15.59 -3.34 0.12
C PRO A 582 -16.29 -2.02 -0.24
N TYR A 583 -16.10 -0.98 0.57
CA TYR A 583 -16.72 0.31 0.31
C TYR A 583 -16.19 0.99 -0.95
N ASN A 584 -14.93 0.74 -1.34
CA ASN A 584 -14.35 1.26 -2.58
C ASN A 584 -14.91 0.59 -3.85
N TYR A 585 -15.82 -0.38 -3.74
CA TYR A 585 -16.60 -0.90 -4.90
C TYR A 585 -17.87 -0.04 -5.09
N SER A 586 -17.98 1.10 -4.41
CA SER A 586 -19.00 2.14 -4.55
C SER A 586 -18.39 3.54 -4.63
N GLU A 587 -19.21 4.52 -4.99
CA GLU A 587 -18.82 5.93 -5.13
C GLU A 587 -19.70 6.85 -4.25
N GLY A 588 -19.19 8.05 -3.96
CA GLY A 588 -20.02 9.23 -3.63
C GLY A 588 -20.89 9.12 -2.37
N ILE A 589 -20.45 8.33 -1.38
CA ILE A 589 -21.16 8.12 -0.09
C ILE A 589 -20.99 9.38 0.78
N ILE A 590 -22.07 9.90 1.38
CA ILE A 590 -22.09 11.16 2.14
C ILE A 590 -21.66 10.98 3.59
N ASP A 591 -20.93 11.96 4.10
CA ASP A 591 -20.42 12.12 5.48
C ASP A 591 -19.74 13.50 5.62
N ALA A 592 -19.19 13.83 6.80
CA ALA A 592 -18.47 15.08 7.09
C ALA A 592 -19.24 16.34 6.67
N SER A 604 -30.43 14.09 3.33
CA SER A 604 -30.01 13.29 2.18
C SER A 604 -28.78 12.42 2.50
N VAL A 605 -28.94 11.52 3.47
CA VAL A 605 -28.00 10.42 3.69
C VAL A 605 -28.13 9.37 2.58
N THR A 606 -27.02 8.78 2.08
CA THR A 606 -27.13 7.83 0.95
C THR A 606 -27.65 6.47 1.43
N THR A 607 -28.64 5.93 0.73
CA THR A 607 -29.30 4.65 1.02
C THR A 607 -29.18 3.71 -0.19
N PHE A 608 -29.79 2.53 -0.16
CA PHE A 608 -29.58 1.46 -1.16
C PHE A 608 -30.14 1.93 -2.50
N SER A 609 -31.29 2.62 -2.50
CA SER A 609 -32.01 3.07 -3.72
C SER A 609 -31.18 4.13 -4.48
N GLY A 610 -30.15 4.71 -3.84
CA GLY A 610 -29.32 5.80 -4.39
C GLY A 610 -27.83 5.48 -4.34
N LEU A 611 -27.41 4.42 -3.65
CA LEU A 611 -25.98 4.05 -3.61
C LEU A 611 -25.52 3.75 -5.04
N LYS A 612 -24.35 4.30 -5.40
CA LYS A 612 -23.69 4.28 -6.70
C LYS A 612 -22.69 3.11 -6.73
N SER A 613 -22.88 2.13 -7.64
CA SER A 613 -21.91 1.05 -7.83
C SER A 613 -20.84 1.42 -8.85
N ILE A 614 -19.58 1.10 -8.55
CA ILE A 614 -18.47 1.07 -9.52
C ILE A 614 -17.84 -0.32 -9.57
N ALA A 615 -18.66 -1.33 -9.26
CA ALA A 615 -18.20 -2.69 -8.98
C ALA A 615 -17.46 -3.28 -10.20
N PRO A 616 -16.17 -3.58 -10.06
CA PRO A 616 -15.36 -4.10 -11.15
C PRO A 616 -15.51 -5.62 -11.35
N ASP A 617 -16.18 -6.35 -10.44
CA ASP A 617 -16.01 -7.82 -10.41
C ASP A 617 -17.21 -8.54 -11.04
N GLY A 618 -17.89 -7.89 -11.98
CA GLY A 618 -18.87 -8.55 -12.88
C GLY A 618 -20.28 -8.48 -12.32
N PHE A 619 -20.45 -7.84 -11.17
CA PHE A 619 -21.76 -7.58 -10.55
C PHE A 619 -22.19 -6.12 -10.70
N ALA A 620 -23.42 -5.87 -11.10
CA ALA A 620 -24.04 -4.53 -11.07
C ALA A 620 -23.98 -4.01 -9.63
N ASN A 621 -24.55 -4.78 -8.69
CA ASN A 621 -24.73 -4.40 -7.27
C ASN A 621 -23.35 -4.30 -6.61
N SER A 622 -23.22 -3.44 -5.57
CA SER A 622 -21.99 -3.25 -4.75
C SER A 622 -22.30 -3.33 -3.25
N ILE A 623 -23.27 -4.19 -2.87
CA ILE A 623 -23.79 -4.36 -1.47
C ILE A 623 -23.90 -5.83 -1.02
N ALA A 624 -24.07 -6.81 -1.91
CA ALA A 624 -24.28 -8.23 -1.52
C ALA A 624 -22.98 -9.02 -1.72
N ASN A 625 -22.38 -9.57 -0.67
CA ASN A 625 -21.10 -10.29 -0.81
C ASN A 625 -21.41 -11.60 -1.49
N PHE A 626 -20.36 -12.21 -2.04
CA PHE A 626 -20.39 -13.46 -2.81
C PHE A 626 -19.09 -14.19 -2.49
N SER A 627 -19.07 -15.47 -2.72
CA SER A 627 -17.87 -16.28 -2.47
C SER A 627 -17.94 -17.50 -3.39
N VAL A 628 -16.79 -18.05 -3.77
CA VAL A 628 -16.77 -19.16 -4.76
C VAL A 628 -15.46 -19.93 -4.62
N GLY A 629 -15.48 -21.20 -5.01
CA GLY A 629 -14.30 -22.09 -5.12
C GLY A 629 -13.51 -22.25 -3.84
N LEU A 630 -14.14 -22.73 -2.79
CA LEU A 630 -13.39 -23.15 -1.59
C LEU A 630 -12.57 -24.35 -2.05
N LYS A 631 -11.30 -24.41 -1.63
CA LYS A 631 -10.37 -25.52 -1.94
C LYS A 631 -9.35 -25.60 -0.82
N ALA A 632 -9.04 -26.82 -0.38
CA ALA A 632 -8.05 -27.11 0.67
C ALA A 632 -6.75 -27.60 0.04
N GLY A 633 -5.69 -27.62 0.84
CA GLY A 633 -4.40 -28.14 0.39
C GLY A 633 -3.40 -28.30 1.51
N ILE A 634 -2.64 -29.41 1.45
CA ILE A 634 -1.51 -29.72 2.38
C ILE A 634 -0.30 -28.85 2.01
N ASP A 635 0.22 -28.09 2.96
CA ASP A 635 1.50 -27.35 2.81
C ASP A 635 2.54 -28.42 2.46
N PRO A 636 3.36 -28.25 1.40
CA PRO A 636 4.52 -29.13 1.22
C PRO A 636 5.71 -28.76 2.12
N ASN A 637 5.62 -27.67 2.87
CA ASN A 637 6.79 -27.14 3.61
C ASN A 637 6.92 -27.98 4.86
N PRO A 638 8.06 -28.66 5.07
CA PRO A 638 8.23 -29.52 6.24
C PRO A 638 7.81 -28.82 7.53
N VAL A 639 7.25 -29.59 8.44
CA VAL A 639 6.92 -29.19 9.83
C VAL A 639 7.87 -29.95 10.75
N MET A 640 8.15 -29.46 11.97
CA MET A 640 9.08 -30.15 12.93
C MET A 640 8.59 -31.58 13.20
N SER A 641 9.51 -32.56 13.20
CA SER A 641 9.21 -34.02 13.37
C SER A 641 8.38 -34.25 14.64
N GLY A 642 7.46 -35.22 14.61
CA GLY A 642 6.51 -35.51 15.70
C GLY A 642 5.32 -34.54 15.72
N LYS A 643 5.25 -33.64 14.74
CA LYS A 643 4.06 -32.80 14.40
C LYS A 643 3.53 -33.24 13.04
N LYS A 644 2.23 -33.12 12.77
CA LYS A 644 1.66 -33.64 11.49
C LYS A 644 1.62 -32.47 10.49
N ALA A 645 1.73 -32.83 9.21
CA ALA A 645 1.66 -31.93 8.04
C ALA A 645 0.54 -30.90 8.21
N ASN A 646 0.82 -29.64 7.84
CA ASN A 646 -0.11 -28.48 7.87
C ASN A 646 -1.05 -28.53 6.67
N TYR A 647 -2.26 -28.00 6.82
CA TYR A 647 -3.18 -27.86 5.68
C TYR A 647 -3.99 -26.59 5.93
N GLY A 648 -4.33 -25.93 4.82
CA GLY A 648 -5.32 -24.84 4.87
C GLY A 648 -6.38 -25.01 3.80
N ALA A 649 -7.24 -24.01 3.71
CA ALA A 649 -8.07 -23.78 2.53
C ALA A 649 -8.12 -22.29 2.22
N VAL A 650 -8.59 -21.98 1.01
CA VAL A 650 -8.83 -20.59 0.55
C VAL A 650 -10.15 -20.61 -0.24
N VAL A 651 -10.71 -19.41 -0.35
CA VAL A 651 -12.02 -19.16 -1.01
C VAL A 651 -12.01 -17.70 -1.45
N LEU A 652 -12.57 -17.42 -2.61
CA LEU A 652 -12.65 -16.03 -3.13
C LEU A 652 -13.98 -15.44 -2.68
N THR A 653 -13.92 -14.20 -2.20
CA THR A 653 -15.08 -13.33 -1.89
C THR A 653 -14.84 -11.99 -2.59
N ARG A 654 -15.89 -11.18 -2.70
CA ARG A 654 -15.82 -9.91 -3.44
C ARG A 654 -14.74 -9.05 -2.78
N GLY A 655 -13.63 -8.77 -3.46
CA GLY A 655 -12.62 -7.80 -3.00
C GLY A 655 -11.43 -8.43 -2.31
N GLY A 656 -11.39 -9.77 -2.18
CA GLY A 656 -10.31 -10.44 -1.43
C GLY A 656 -10.38 -11.96 -1.40
N VAL A 657 -9.24 -12.58 -1.11
CA VAL A 657 -9.11 -14.03 -0.79
C VAL A 657 -9.23 -14.25 0.72
N VAL A 658 -9.94 -15.30 1.15
CA VAL A 658 -9.89 -15.68 2.58
C VAL A 658 -9.13 -16.99 2.73
N ARG A 659 -8.27 -16.96 3.76
CA ARG A 659 -7.49 -18.10 4.30
C ARG A 659 -8.30 -18.66 5.48
N LEU A 660 -8.69 -19.94 5.43
CA LEU A 660 -9.05 -20.76 6.61
C LEU A 660 -7.78 -21.50 7.07
N ASN A 661 -7.50 -21.45 8.37
CA ASN A 661 -6.34 -22.12 9.02
C ASN A 661 -6.81 -23.21 10.01
N PHE A 662 -6.08 -24.32 10.02
CA PHE A 662 -6.40 -25.53 10.80
C PHE A 662 -5.19 -25.89 11.66
N ASN A 663 -5.44 -26.67 12.72
CA ASN A 663 -4.41 -27.33 13.54
C ASN A 663 -4.44 -28.80 13.18
N PRO A 664 -3.43 -29.34 12.47
CA PRO A 664 -3.50 -30.70 11.98
C PRO A 664 -3.53 -31.65 13.19
N GLY A 665 -3.02 -31.20 14.35
CA GLY A 665 -2.89 -32.04 15.55
C GLY A 665 -4.16 -32.81 15.88
N ASN A 666 -5.29 -32.09 16.04
CA ASN A 666 -6.61 -32.62 16.49
C ASN A 666 -7.69 -32.21 15.47
N ASP A 667 -7.26 -31.81 14.26
CA ASP A 667 -8.12 -31.36 13.14
C ASP A 667 -9.16 -30.36 13.65
N SER A 668 -8.66 -29.27 14.26
CA SER A 668 -9.44 -28.11 14.80
C SER A 668 -9.12 -26.83 14.01
N LEU A 669 -10.02 -25.84 14.02
CA LEU A 669 -9.67 -24.43 13.73
C LEU A 669 -8.50 -24.01 14.63
N LEU A 670 -7.52 -23.36 14.04
CA LEU A 670 -6.46 -22.60 14.76
C LEU A 670 -7.18 -21.61 15.68
N SER A 671 -6.89 -21.70 16.98
CA SER A 671 -7.19 -20.64 17.96
C SER A 671 -5.89 -20.19 18.61
N THR A 672 -5.97 -19.10 19.37
CA THR A 672 -4.90 -18.60 20.28
C THR A 672 -5.56 -18.23 21.60
N THR A 673 -4.78 -17.98 22.67
CA THR A 673 -5.32 -17.87 24.05
C THR A 673 -6.16 -16.60 24.20
N ASP A 674 -5.68 -15.47 23.68
CA ASP A 674 -6.31 -14.14 23.85
C ASP A 674 -7.65 -14.13 23.09
N ASN A 675 -8.68 -13.51 23.64
CA ASN A 675 -9.99 -13.31 22.96
C ASN A 675 -10.04 -11.91 22.37
N ASN A 676 -9.06 -11.05 22.73
CA ASN A 676 -8.82 -9.69 22.13
C ASN A 676 -8.54 -9.82 20.62
N ILE A 677 -7.42 -10.45 20.23
CA ILE A 677 -7.18 -10.85 18.80
C ILE A 677 -8.36 -11.74 18.38
N ALA A 678 -8.70 -11.71 17.09
CA ALA A 678 -9.94 -12.28 16.53
C ALA A 678 -9.68 -13.69 16.02
N PRO A 679 -10.71 -14.55 15.93
CA PRO A 679 -10.51 -15.97 15.69
C PRO A 679 -9.53 -16.14 14.53
N ILE A 680 -8.42 -16.79 14.84
CA ILE A 680 -7.14 -16.84 14.07
C ILE A 680 -7.29 -17.95 13.02
N SER A 681 -8.50 -18.50 12.90
CA SER A 681 -8.88 -19.49 11.86
C SER A 681 -9.11 -18.79 10.52
N PHE A 682 -9.28 -17.45 10.51
CA PHE A 682 -9.69 -16.63 9.35
C PHE A 682 -8.75 -15.43 9.19
N SER A 683 -8.42 -15.13 7.94
CA SER A 683 -7.57 -14.03 7.43
C SER A 683 -8.14 -13.61 6.06
N PHE A 684 -8.23 -12.30 5.81
CA PHE A 684 -8.75 -11.66 4.59
C PHE A 684 -7.63 -10.81 4.00
N THR A 685 -7.25 -11.09 2.75
CA THR A 685 -6.22 -10.31 2.02
C THR A 685 -6.92 -9.65 0.83
N PRO A 686 -6.99 -8.31 0.78
CA PRO A 686 -7.74 -7.63 -0.26
C PRO A 686 -7.04 -7.75 -1.62
N PHE A 687 -7.83 -8.00 -2.66
CA PHE A 687 -7.47 -7.90 -4.10
C PHE A 687 -6.90 -6.52 -4.45
N THR A 688 -5.96 -6.47 -5.39
CA THR A 688 -5.60 -5.23 -6.10
C THR A 688 -6.56 -5.00 -7.28
N ALA A 689 -6.40 -3.89 -8.00
CA ALA A 689 -7.16 -3.60 -9.23
C ALA A 689 -7.23 -4.81 -10.20
N ALA A 690 -6.10 -5.48 -10.43
CA ALA A 690 -6.04 -6.60 -11.36
C ALA A 690 -6.90 -7.80 -10.95
N GLU A 691 -7.01 -8.13 -9.66
CA GLU A 691 -7.82 -9.31 -9.23
C GLU A 691 -9.26 -8.85 -9.14
N SER A 692 -9.49 -7.61 -8.70
CA SER A 692 -10.83 -7.00 -8.63
C SER A 692 -11.51 -6.98 -10.01
N ALA A 693 -10.74 -6.80 -11.09
CA ALA A 693 -11.25 -6.73 -12.46
C ALA A 693 -11.81 -8.06 -12.96
N VAL A 694 -11.37 -9.20 -12.40
CA VAL A 694 -11.87 -10.53 -12.82
C VAL A 694 -13.36 -10.67 -12.48
N ASP A 695 -14.13 -11.21 -13.42
CA ASP A 695 -15.58 -11.44 -13.24
C ASP A 695 -15.74 -12.75 -12.50
N LEU A 696 -16.09 -12.67 -11.21
CA LEU A 696 -16.20 -13.80 -10.26
C LEU A 696 -17.36 -14.69 -10.67
N THR A 697 -18.31 -14.22 -11.47
CA THR A 697 -19.47 -15.07 -11.89
C THR A 697 -19.05 -16.02 -13.00
N THR A 698 -17.82 -15.87 -13.52
CA THR A 698 -17.22 -16.74 -14.58
C THR A 698 -16.31 -17.83 -13.99
N PHE A 699 -16.19 -17.95 -12.66
CA PHE A 699 -15.38 -19.00 -12.02
C PHE A 699 -15.66 -20.35 -12.70
N LYS A 700 -14.66 -21.11 -13.13
CA LYS A 700 -14.93 -22.43 -13.78
C LYS A 700 -14.52 -23.58 -12.88
N GLU A 701 -13.47 -23.41 -12.09
CA GLU A 701 -12.74 -24.55 -11.48
C GLU A 701 -11.54 -23.99 -10.71
N VAL A 702 -11.15 -24.71 -9.66
CA VAL A 702 -9.96 -24.36 -8.83
C VAL A 702 -9.21 -25.66 -8.57
N THR A 703 -7.91 -25.66 -8.84
CA THR A 703 -7.01 -26.81 -8.57
C THR A 703 -6.02 -26.38 -7.50
N TYR A 704 -5.53 -27.36 -6.77
CA TYR A 704 -4.40 -27.14 -5.85
C TYR A 704 -3.32 -28.10 -6.29
N ASN A 705 -2.07 -27.67 -6.23
CA ASN A 705 -0.92 -28.52 -6.58
C ASN A 705 -0.06 -28.68 -5.32
N GLN A 706 0.20 -29.92 -4.89
CA GLN A 706 0.85 -30.14 -3.58
C GLN A 706 2.35 -29.81 -3.67
N GLU A 707 2.97 -29.90 -4.84
CA GLU A 707 4.43 -29.62 -4.94
C GLU A 707 4.64 -28.10 -4.76
N SER A 708 3.88 -27.27 -5.49
CA SER A 708 4.04 -25.79 -5.46
C SER A 708 3.41 -25.21 -4.20
N GLY A 709 2.44 -25.89 -3.60
CA GLY A 709 1.71 -25.33 -2.44
C GLY A 709 0.87 -24.12 -2.82
N LEU A 710 0.33 -24.15 -4.05
CA LEU A 710 -0.31 -23.05 -4.81
C LEU A 710 -1.69 -23.51 -5.35
N TRP A 711 -2.70 -22.64 -5.26
CA TRP A 711 -4.09 -22.81 -5.78
C TRP A 711 -4.24 -22.06 -7.12
N SER A 712 -4.86 -22.67 -8.12
CA SER A 712 -5.09 -22.02 -9.43
C SER A 712 -6.59 -21.80 -9.59
N TYR A 713 -7.05 -20.57 -9.77
CA TYR A 713 -8.49 -20.29 -9.95
C TYR A 713 -8.64 -19.93 -11.41
N ILE A 714 -9.43 -20.71 -12.14
CA ILE A 714 -9.69 -20.57 -13.60
C ILE A 714 -11.04 -19.90 -13.79
N PHE A 715 -11.06 -18.75 -14.48
CA PHE A 715 -12.28 -18.03 -14.94
C PHE A 715 -12.38 -18.17 -16.47
N ASP A 716 -13.53 -18.63 -16.94
CA ASP A 716 -13.87 -18.83 -18.37
C ASP A 716 -15.03 -17.89 -18.74
N SER A 717 -14.81 -16.90 -19.61
CA SER A 717 -15.80 -15.87 -19.96
C SER A 717 -16.89 -16.43 -20.88
N SER A 718 -16.74 -17.67 -21.34
CA SER A 718 -17.82 -18.35 -22.11
C SER A 718 -19.01 -18.64 -21.17
N LEU A 719 -18.82 -18.54 -19.87
CA LEU A 719 -19.90 -18.77 -18.90
C LEU A 719 -20.82 -17.54 -18.80
N LYS A 720 -20.43 -16.36 -19.32
CA LYS A 720 -21.27 -15.13 -19.21
C LYS A 720 -22.59 -15.45 -19.87
N PRO A 721 -23.74 -14.88 -19.47
CA PRO A 721 -25.01 -15.09 -20.16
C PRO A 721 -25.00 -14.50 -21.58
N SER A 722 -25.95 -14.90 -22.42
CA SER A 722 -26.03 -14.44 -23.83
C SER A 722 -26.44 -12.97 -23.87
N HIS A 723 -27.35 -12.57 -22.98
CA HIS A 723 -28.02 -11.24 -22.93
C HIS A 723 -28.06 -10.67 -21.50
N ASP A 724 -27.60 -9.42 -21.36
CA ASP A 724 -27.97 -8.32 -20.43
C ASP A 724 -29.38 -8.42 -19.82
N GLY A 725 -29.60 -7.62 -18.79
CA GLY A 725 -30.93 -7.30 -18.26
C GLY A 725 -31.71 -6.37 -19.16
N LYS A 726 -31.07 -5.69 -20.08
CA LYS A 726 -31.75 -4.89 -21.15
C LYS A 726 -31.81 -5.67 -22.46
N GLN A 727 -31.46 -6.97 -22.44
CA GLN A 727 -31.63 -7.92 -23.56
C GLN A 727 -30.69 -7.57 -24.71
N THR A 728 -29.59 -6.88 -24.39
CA THR A 728 -28.47 -6.53 -25.33
C THR A 728 -27.50 -7.70 -25.41
N PRO A 729 -27.28 -8.31 -26.59
CA PRO A 729 -26.23 -9.33 -26.76
C PRO A 729 -24.99 -8.99 -25.92
N VAL A 730 -24.41 -9.95 -25.22
CA VAL A 730 -23.21 -9.75 -24.37
C VAL A 730 -22.04 -10.14 -25.25
N THR A 731 -21.06 -9.27 -25.48
CA THR A 731 -19.97 -9.55 -26.49
C THR A 731 -18.57 -9.69 -25.88
N ASP A 732 -18.37 -9.58 -24.57
CA ASP A 732 -17.05 -9.80 -23.92
C ASP A 732 -17.02 -11.25 -23.34
N ASN A 733 -17.54 -12.22 -24.10
CA ASN A 733 -17.76 -13.61 -23.65
C ASN A 733 -16.67 -14.51 -24.21
N MET A 734 -15.52 -13.94 -24.51
CA MET A 734 -14.39 -14.63 -25.15
C MET A 734 -13.20 -14.55 -24.19
N GLY A 735 -12.59 -15.65 -23.83
CA GLY A 735 -11.32 -15.55 -23.10
C GLY A 735 -11.43 -16.20 -21.76
N PHE A 736 -10.56 -15.82 -20.84
CA PHE A 736 -10.40 -16.52 -19.56
C PHE A 736 -9.28 -15.82 -18.82
N SER A 737 -9.08 -16.25 -17.58
CA SER A 737 -8.17 -15.60 -16.60
C SER A 737 -7.85 -16.62 -15.52
N VAL A 738 -6.64 -16.56 -14.99
CA VAL A 738 -6.14 -17.43 -13.89
C VAL A 738 -5.71 -16.55 -12.73
N ILE A 739 -6.19 -16.85 -11.53
CA ILE A 739 -5.75 -16.23 -10.27
C ILE A 739 -5.05 -17.36 -9.50
N THR A 740 -3.82 -17.06 -9.08
CA THR A 740 -2.92 -17.94 -8.32
C THR A 740 -2.93 -17.46 -6.88
N VAL A 741 -3.28 -18.34 -5.95
CA VAL A 741 -3.28 -18.03 -4.48
C VAL A 741 -2.11 -18.80 -3.87
N SER A 742 -1.36 -18.10 -3.03
CA SER A 742 -0.24 -18.63 -2.22
C SER A 742 -0.51 -18.29 -0.74
N ARG A 743 0.18 -18.97 0.19
CA ARG A 743 0.13 -18.69 1.65
C ARG A 743 1.15 -17.59 1.97
N THR A 744 0.84 -16.79 3.00
CA THR A 744 1.67 -15.71 3.57
C THR A 744 1.60 -15.80 5.10
N GLY A 745 2.73 -15.60 5.77
CA GLY A 745 2.84 -15.44 7.22
C GLY A 745 3.71 -16.52 7.81
N ILE A 746 3.75 -16.59 9.14
CA ILE A 746 4.41 -17.66 9.91
C ILE A 746 3.39 -18.77 10.19
N GLU A 747 3.60 -19.93 9.56
CA GLU A 747 2.78 -21.15 9.62
C GLU A 747 3.09 -21.93 10.92
N LEU A 748 2.12 -22.75 11.37
CA LEU A 748 2.18 -23.58 12.61
C LEU A 748 3.24 -24.66 12.47
N ASN A 749 4.19 -24.70 13.43
CA ASN A 749 5.02 -25.87 13.82
C ASN A 749 6.32 -25.87 13.02
N GLN A 750 6.92 -24.70 12.83
CA GLN A 750 8.21 -24.53 12.11
C GLN A 750 9.33 -24.95 13.06
N ASP A 751 9.25 -24.45 14.30
CA ASP A 751 10.23 -24.67 15.40
C ASP A 751 9.51 -24.37 16.72
N GLN A 752 10.16 -24.59 17.87
CA GLN A 752 9.47 -24.56 19.17
C GLN A 752 8.53 -23.35 19.23
N ALA A 753 8.86 -22.24 18.55
CA ALA A 753 8.13 -20.96 18.70
C ALA A 753 6.73 -21.01 18.07
N THR A 754 6.54 -21.85 17.05
CA THR A 754 5.39 -21.83 16.12
C THR A 754 4.42 -22.98 16.43
N THR A 755 4.52 -23.58 17.64
CA THR A 755 3.49 -24.45 18.29
C THR A 755 2.34 -23.56 18.80
N THR A 756 2.72 -22.47 19.47
CA THR A 756 1.92 -21.25 19.80
C THR A 756 1.92 -20.27 18.61
N LEU A 757 0.76 -19.71 18.23
CA LEU A 757 0.62 -18.62 17.23
C LEU A 757 -0.44 -17.64 17.72
N ASP A 758 -0.15 -16.34 17.71
CA ASP A 758 -1.13 -15.27 18.05
C ASP A 758 -1.36 -14.36 16.83
N VAL A 759 -0.87 -14.76 15.64
CA VAL A 759 -1.12 -14.07 14.32
C VAL A 759 -1.58 -15.11 13.28
N ALA A 760 -2.81 -14.96 12.78
CA ALA A 760 -3.45 -15.83 11.77
C ALA A 760 -2.65 -15.87 10.47
N PRO A 761 -2.19 -17.04 9.99
CA PRO A 761 -1.69 -17.16 8.63
C PRO A 761 -2.77 -16.68 7.64
N SER A 762 -2.36 -16.15 6.47
CA SER A 762 -3.27 -15.61 5.41
C SER A 762 -2.82 -16.11 4.05
N ALA A 763 -3.48 -15.64 2.99
CA ALA A 763 -3.17 -15.96 1.59
C ALA A 763 -3.09 -14.66 0.79
N LEU A 764 -2.69 -14.80 -0.47
CA LEU A 764 -2.49 -13.70 -1.44
C LEU A 764 -2.92 -14.18 -2.82
N ALA A 765 -3.93 -13.51 -3.38
CA ALA A 765 -4.41 -13.78 -4.76
C ALA A 765 -3.70 -12.80 -5.71
N VAL A 766 -3.14 -13.35 -6.76
CA VAL A 766 -2.39 -12.55 -7.77
C VAL A 766 -3.03 -12.94 -9.08
N GLN A 767 -3.54 -11.98 -9.84
CA GLN A 767 -3.75 -12.23 -11.31
C GLN A 767 -2.37 -12.38 -11.94
N SER A 768 -2.11 -13.60 -12.41
CA SER A 768 -0.80 -14.22 -12.70
C SER A 768 -0.19 -13.70 -14.03
N GLY A 769 -1.00 -13.15 -14.95
CA GLY A 769 -0.61 -12.89 -16.36
C GLY A 769 -1.24 -13.85 -17.37
N ILE A 770 -1.60 -15.07 -16.99
CA ILE A 770 -2.33 -16.02 -17.87
C ILE A 770 -3.76 -15.53 -18.03
N GLN A 771 -4.06 -14.85 -19.13
CA GLN A 771 -5.42 -14.36 -19.45
C GLN A 771 -5.55 -14.12 -20.96
N SER A 772 -6.77 -13.85 -21.40
CA SER A 772 -7.15 -13.70 -22.80
C SER A 772 -8.57 -13.15 -22.88
N THR A 773 -8.75 -12.18 -23.76
CA THR A 773 -10.03 -11.69 -24.25
C THR A 773 -10.32 -12.21 -25.66
N THR A 774 -9.46 -13.10 -26.22
CA THR A 774 -9.62 -13.58 -27.61
C THR A 774 -9.89 -15.10 -27.67
N GLN A 775 -9.21 -15.94 -26.90
CA GLN A 775 -9.21 -17.40 -27.17
C GLN A 775 -10.38 -18.04 -26.40
N THR A 776 -10.87 -19.20 -26.84
CA THR A 776 -11.81 -20.04 -26.09
C THR A 776 -11.02 -21.08 -25.31
N LEU A 777 -11.17 -21.13 -24.00
CA LEU A 777 -10.40 -22.08 -23.14
C LEU A 777 -10.96 -23.49 -23.27
N THR A 778 -10.07 -24.45 -23.27
CA THR A 778 -10.26 -25.89 -23.10
C THR A 778 -9.74 -26.20 -21.69
N GLY A 779 -8.50 -25.85 -21.39
CA GLY A 779 -7.89 -26.20 -20.09
C GLY A 779 -6.59 -25.47 -19.83
N VAL A 780 -6.24 -25.31 -18.56
CA VAL A 780 -4.95 -24.79 -18.04
C VAL A 780 -4.27 -25.90 -17.25
N LEU A 781 -3.07 -26.32 -17.66
CA LEU A 781 -2.31 -27.36 -16.91
C LEU A 781 -1.17 -26.67 -16.18
N PRO A 782 -1.28 -26.56 -14.84
CA PRO A 782 -0.21 -26.02 -14.01
C PRO A 782 0.91 -27.05 -13.84
N LEU A 783 1.75 -27.16 -14.86
CA LEU A 783 2.91 -28.09 -14.96
C LEU A 783 3.83 -27.89 -13.76
N SER A 784 4.04 -26.64 -13.39
CA SER A 784 5.00 -26.35 -12.30
C SER A 784 4.83 -24.89 -11.89
N GLU A 785 5.48 -24.54 -10.80
CA GLU A 785 5.55 -23.13 -10.37
C GLU A 785 6.07 -22.27 -11.53
N GLU A 786 7.05 -22.76 -12.29
CA GLU A 786 7.73 -21.96 -13.33
C GLU A 786 6.89 -21.98 -14.63
N PHE A 787 5.92 -22.90 -14.81
CA PHE A 787 5.26 -23.05 -16.14
C PHE A 787 3.84 -23.55 -16.05
N SER A 788 2.97 -22.96 -16.85
CA SER A 788 1.60 -23.42 -17.16
C SER A 788 1.42 -23.60 -18.68
N ALA A 789 0.72 -24.64 -19.09
CA ALA A 789 0.26 -24.88 -20.46
C ALA A 789 -1.20 -24.50 -20.56
N VAL A 790 -1.53 -23.68 -21.52
CA VAL A 790 -2.93 -23.32 -21.80
C VAL A 790 -3.32 -24.07 -23.07
N ILE A 791 -4.46 -24.75 -23.08
CA ILE A 791 -5.02 -25.30 -24.34
C ILE A 791 -6.26 -24.47 -24.68
N ALA A 792 -6.32 -23.96 -25.89
CA ALA A 792 -7.39 -23.05 -26.36
C ALA A 792 -7.63 -23.28 -27.84
N LYS A 793 -8.75 -22.81 -28.35
CA LYS A 793 -9.03 -22.75 -29.81
C LYS A 793 -8.98 -21.26 -30.16
N ASP A 794 -8.30 -20.88 -31.24
CA ASP A 794 -8.40 -19.49 -31.75
C ASP A 794 -9.73 -19.41 -32.50
N SER A 795 -9.83 -20.16 -33.60
CA SER A 795 -11.09 -20.45 -34.33
C SER A 795 -11.74 -21.71 -33.73
N ASP A 796 -11.30 -22.93 -34.13
CA ASP A 796 -12.01 -24.22 -33.87
C ASP A 796 -11.05 -25.39 -33.60
N GLN A 797 -9.76 -25.32 -33.97
CA GLN A 797 -8.74 -26.34 -33.57
C GLN A 797 -8.09 -25.90 -32.25
N ASN A 798 -7.60 -26.86 -31.45
CA ASN A 798 -6.87 -26.62 -30.16
C ASN A 798 -5.43 -26.19 -30.44
N LYS A 799 -4.94 -25.22 -29.67
CA LYS A 799 -3.57 -24.64 -29.70
C LYS A 799 -2.98 -24.70 -28.29
N ILE A 800 -1.67 -24.90 -28.16
CA ILE A 800 -0.93 -25.01 -26.88
C ILE A 800 -0.03 -23.77 -26.72
N ASP A 801 -0.32 -22.96 -25.74
CA ASP A 801 0.58 -21.87 -25.32
C ASP A 801 1.24 -22.31 -24.03
N ILE A 802 2.50 -21.94 -23.88
CA ILE A 802 3.24 -22.10 -22.61
C ILE A 802 3.46 -20.70 -22.04
N TYR A 803 3.07 -20.52 -20.80
CA TYR A 803 3.30 -19.29 -20.03
C TYR A 803 4.43 -19.60 -19.07
N LYS A 804 5.41 -18.73 -18.99
CA LYS A 804 6.59 -18.86 -18.12
C LYS A 804 6.52 -17.82 -17.02
N ASN A 805 6.66 -18.24 -15.78
CA ASN A 805 6.70 -17.34 -14.62
C ASN A 805 8.00 -16.55 -14.63
N ASN A 806 7.93 -15.22 -14.67
CA ASN A 806 9.07 -14.28 -14.60
C ASN A 806 8.94 -13.45 -13.33
N ASN A 807 9.60 -13.87 -12.25
CA ASN A 807 9.60 -13.15 -10.98
C ASN A 807 8.17 -12.84 -10.46
N GLY A 808 7.28 -13.82 -10.53
CA GLY A 808 5.89 -13.73 -10.06
C GLY A 808 4.86 -13.41 -11.15
N LEU A 809 5.27 -12.92 -12.33
CA LEU A 809 4.39 -12.60 -13.45
C LEU A 809 4.60 -13.57 -14.63
N PHE A 810 3.57 -14.33 -14.98
CA PHE A 810 3.53 -15.27 -16.14
C PHE A 810 3.41 -14.46 -17.41
N GLU A 811 4.17 -14.82 -18.43
CA GLU A 811 4.17 -14.25 -19.77
C GLU A 811 4.24 -15.41 -20.76
N ILE A 812 3.62 -15.27 -21.93
CA ILE A 812 3.71 -16.31 -22.97
C ILE A 812 5.18 -16.47 -23.41
N ASP A 813 5.64 -17.68 -23.65
CA ASP A 813 6.94 -17.94 -24.31
C ASP A 813 6.63 -18.56 -25.69
N THR A 814 6.79 -17.77 -26.74
CA THR A 814 6.32 -18.16 -28.06
C THR A 814 7.25 -19.22 -28.62
N GLN A 815 8.56 -19.10 -28.45
CA GLN A 815 9.48 -20.17 -28.90
C GLN A 815 9.19 -21.48 -28.15
N LEU A 816 9.02 -21.51 -26.84
CA LEU A 816 8.74 -22.74 -26.10
C LEU A 816 7.34 -23.26 -26.49
N SER A 817 6.38 -22.38 -26.76
CA SER A 817 5.02 -22.75 -27.21
C SER A 817 5.14 -23.51 -28.53
N ASN A 818 5.90 -22.97 -29.45
CA ASN A 818 6.10 -23.60 -30.76
C ASN A 818 6.86 -24.91 -30.57
N SER A 819 7.83 -24.92 -29.68
CA SER A 819 8.64 -26.14 -29.41
C SER A 819 7.70 -27.22 -28.86
N VAL A 820 6.83 -26.89 -27.92
CA VAL A 820 5.97 -27.90 -27.26
C VAL A 820 4.86 -28.32 -28.21
N ALA A 821 4.37 -27.43 -29.02
CA ALA A 821 3.21 -27.69 -29.89
C ALA A 821 3.65 -28.49 -31.08
N THR A 822 4.94 -28.57 -31.35
CA THR A 822 5.46 -29.34 -32.49
C THR A 822 5.66 -30.76 -32.00
N ASN A 823 4.56 -31.51 -31.92
CA ASN A 823 4.60 -32.91 -31.47
C ASN A 823 4.46 -33.86 -32.66
N ASN A 824 4.06 -33.34 -33.84
CA ASN A 824 3.88 -34.12 -35.10
C ASN A 824 2.81 -35.21 -34.92
N GLY A 825 1.76 -34.96 -34.14
CA GLY A 825 0.68 -35.94 -33.85
C GLY A 825 0.98 -36.93 -32.70
N GLY A 826 2.25 -37.07 -32.27
CA GLY A 826 2.65 -37.82 -31.06
C GLY A 826 2.12 -37.15 -29.80
N LEU A 827 2.33 -37.78 -28.66
CA LEU A 827 1.87 -37.29 -27.35
C LEU A 827 2.84 -36.25 -26.82
N ALA A 828 4.05 -36.11 -27.35
CA ALA A 828 5.07 -35.26 -26.74
C ALA A 828 5.90 -34.48 -27.78
N PRO A 829 6.57 -33.38 -27.39
CA PRO A 829 7.30 -32.56 -28.37
C PRO A 829 8.43 -33.32 -29.05
N SER A 830 8.57 -33.06 -30.35
CA SER A 830 9.62 -33.63 -31.18
C SER A 830 11.02 -33.40 -30.57
N TYR A 831 11.93 -34.31 -30.85
CA TYR A 831 13.37 -34.11 -30.59
C TYR A 831 14.07 -33.82 -31.92
N THR A 832 14.84 -32.74 -32.01
CA THR A 832 15.71 -32.47 -33.17
C THR A 832 17.13 -32.32 -32.70
N GLU A 833 18.07 -33.00 -33.32
CA GLU A 833 19.48 -32.98 -32.90
C GLU A 833 20.06 -31.55 -32.84
N ASN A 834 19.75 -30.70 -33.79
CA ASN A 834 20.58 -29.50 -34.12
C ASN A 834 19.83 -28.28 -33.57
N ARG A 835 18.87 -28.51 -32.70
CA ARG A 835 17.94 -27.44 -32.26
C ARG A 835 17.79 -27.47 -30.73
N VAL A 836 17.83 -26.30 -30.10
CA VAL A 836 17.43 -26.18 -28.71
C VAL A 836 15.90 -26.23 -28.72
N ASP A 837 15.31 -27.38 -28.47
CA ASP A 837 13.83 -27.51 -28.54
C ASP A 837 13.30 -27.69 -27.11
N ALA A 838 12.13 -28.32 -26.91
CA ALA A 838 11.60 -28.51 -25.56
C ALA A 838 12.58 -29.36 -24.77
N TRP A 839 13.43 -30.15 -25.44
CA TRP A 839 14.38 -31.08 -24.77
C TRP A 839 15.75 -30.45 -24.72
N GLY A 840 15.81 -29.14 -24.85
CA GLY A 840 17.15 -28.55 -24.74
C GLY A 840 17.94 -28.94 -25.94
N LYS A 841 19.24 -29.04 -25.84
CA LYS A 841 20.08 -29.52 -26.98
C LYS A 841 21.22 -30.36 -26.41
N VAL A 842 21.46 -31.51 -26.98
CA VAL A 842 22.48 -32.46 -26.52
C VAL A 842 23.49 -32.63 -27.64
N GLU A 843 24.75 -32.28 -27.42
CA GLU A 843 25.84 -32.60 -28.37
C GLU A 843 26.74 -33.65 -27.73
N PHE A 844 26.89 -34.82 -28.36
CA PHE A 844 27.80 -35.90 -27.90
C PHE A 844 29.24 -35.58 -28.27
N ALA A 845 30.16 -35.98 -27.41
CA ALA A 845 31.61 -35.99 -27.64
C ALA A 845 31.89 -36.90 -28.82
N ASP A 846 32.96 -36.61 -29.54
CA ASP A 846 33.48 -37.58 -30.51
C ASP A 846 33.95 -38.81 -29.71
N ASN A 847 33.94 -39.99 -30.34
CA ASN A 847 34.54 -41.26 -29.86
C ASN A 847 36.02 -41.08 -29.51
N SER A 848 36.68 -40.08 -30.08
CA SER A 848 38.14 -39.84 -29.94
C SER A 848 38.47 -39.28 -28.53
N VAL A 849 37.48 -39.15 -27.66
CA VAL A 849 37.68 -38.56 -26.33
C VAL A 849 38.28 -39.65 -25.43
N LEU A 850 37.77 -40.88 -25.57
CA LEU A 850 38.31 -42.10 -24.89
C LEU A 850 39.84 -42.13 -25.00
N GLN A 851 40.41 -42.13 -26.19
CA GLN A 851 41.89 -42.18 -26.37
C GLN A 851 42.53 -40.97 -25.68
N ALA A 852 42.04 -39.74 -25.93
CA ALA A 852 42.67 -38.51 -25.46
C ALA A 852 42.76 -38.44 -23.92
N ARG A 853 41.69 -38.88 -23.23
CA ARG A 853 41.57 -38.87 -21.76
C ARG A 853 42.00 -40.18 -21.09
N ASN A 854 42.53 -41.14 -21.87
CA ASN A 854 43.00 -42.47 -21.44
C ASN A 854 41.91 -43.36 -20.81
N LEU A 855 40.64 -43.11 -21.12
CA LEU A 855 39.47 -43.90 -20.69
C LEU A 855 39.41 -45.28 -21.36
N VAL A 856 40.26 -45.57 -22.36
CA VAL A 856 40.35 -46.88 -23.05
C VAL A 856 40.87 -47.94 -22.05
N ASP A 857 41.65 -47.50 -21.05
CA ASP A 857 42.18 -48.35 -19.94
C ASP A 857 41.07 -48.66 -18.94
N LYS A 858 40.03 -47.83 -18.81
CA LYS A 858 38.79 -48.18 -18.06
C LYS A 858 37.99 -49.22 -18.86
N THR A 859 37.28 -50.13 -18.19
CA THR A 859 36.37 -51.09 -18.86
C THR A 859 35.02 -50.43 -18.97
N VAL A 860 34.12 -51.11 -19.68
CA VAL A 860 32.71 -50.69 -19.87
C VAL A 860 32.00 -50.66 -18.52
N ASP A 861 32.35 -51.57 -17.61
CA ASP A 861 31.56 -51.75 -16.35
C ASP A 861 31.93 -50.62 -15.39
N GLU A 862 33.24 -50.37 -15.25
CA GLU A 862 33.81 -49.17 -14.59
C GLU A 862 33.11 -47.90 -15.08
N ILE A 863 33.24 -47.54 -16.36
CA ILE A 863 32.61 -46.35 -16.98
C ILE A 863 31.13 -46.41 -16.66
N ILE A 864 30.49 -47.56 -16.83
CA ILE A 864 29.00 -47.64 -16.71
C ILE A 864 28.59 -47.34 -15.27
N ASN A 865 29.47 -47.55 -14.27
CA ASN A 865 29.21 -47.27 -12.83
C ASN A 865 29.99 -46.03 -12.36
N THR A 866 29.94 -44.92 -13.10
CA THR A 866 30.75 -43.71 -12.88
C THR A 866 30.07 -42.58 -13.62
N PRO A 867 28.89 -42.15 -13.12
CA PRO A 867 27.98 -41.34 -13.89
C PRO A 867 28.67 -39.99 -14.16
N GLU A 868 29.59 -39.50 -13.30
CA GLU A 868 30.33 -38.27 -13.57
C GLU A 868 31.25 -38.38 -14.81
N ILE A 869 31.85 -39.56 -15.06
CA ILE A 869 32.60 -39.81 -16.32
C ILE A 869 31.62 -39.66 -17.49
N LEU A 870 30.40 -40.19 -17.35
CA LEU A 870 29.58 -40.31 -18.57
C LEU A 870 28.69 -39.07 -18.74
N ASN A 871 28.64 -38.15 -17.80
CA ASN A 871 28.18 -36.75 -18.02
C ASN A 871 29.22 -36.01 -18.91
N SER A 872 30.49 -36.46 -18.97
CA SER A 872 31.55 -35.83 -19.79
C SER A 872 31.45 -36.29 -21.28
N PHE A 873 30.45 -37.09 -21.60
CA PHE A 873 30.20 -37.62 -22.96
C PHE A 873 29.21 -36.71 -23.69
N PHE A 874 28.69 -35.67 -23.08
CA PHE A 874 27.82 -34.74 -23.83
C PHE A 874 27.91 -33.36 -23.20
N ARG A 875 27.56 -32.35 -23.98
CA ARG A 875 27.38 -30.94 -23.55
C ARG A 875 25.90 -30.61 -23.82
N PHE A 876 25.22 -30.07 -22.83
CA PHE A 876 23.75 -29.88 -22.82
C PHE A 876 23.43 -28.39 -22.80
N THR A 877 22.49 -27.91 -23.58
CA THR A 877 22.11 -26.48 -23.59
C THR A 877 20.66 -26.47 -23.14
N PRO A 878 20.35 -25.87 -22.01
CA PRO A 878 18.98 -25.98 -21.55
C PRO A 878 18.15 -24.98 -22.36
N ALA A 879 16.89 -25.37 -22.60
CA ALA A 879 15.88 -24.47 -23.20
C ALA A 879 15.36 -23.48 -22.18
N PHE A 880 15.27 -23.84 -20.91
CA PHE A 880 14.87 -22.94 -19.79
C PHE A 880 15.86 -23.14 -18.65
N GLU A 881 16.08 -22.10 -17.85
CA GLU A 881 17.12 -22.07 -16.80
C GLU A 881 16.94 -23.29 -15.89
N ASP A 882 18.05 -23.96 -15.58
CA ASP A 882 18.06 -25.04 -14.54
C ASP A 882 17.26 -26.29 -15.01
N GLN A 883 16.92 -26.41 -16.29
CA GLN A 883 16.49 -27.66 -16.93
C GLN A 883 17.68 -28.62 -16.91
N LYS A 884 17.46 -29.88 -16.54
CA LYS A 884 18.59 -30.81 -16.33
C LYS A 884 18.47 -32.03 -17.23
N ALA A 885 19.61 -32.69 -17.41
CA ALA A 885 19.75 -33.82 -18.32
C ALA A 885 20.90 -34.68 -17.82
N THR A 886 20.76 -36.01 -17.95
CA THR A 886 21.83 -37.02 -17.70
C THR A 886 21.82 -38.05 -18.86
N LEU A 887 22.91 -38.82 -18.93
CA LEU A 887 23.03 -39.94 -19.86
C LEU A 887 22.77 -41.24 -19.10
N VAL A 888 21.82 -42.04 -19.58
CA VAL A 888 21.62 -43.45 -19.17
C VAL A 888 22.54 -44.30 -20.06
N ALA A 889 23.39 -45.15 -19.49
CA ALA A 889 24.31 -46.04 -20.23
C ALA A 889 23.75 -47.46 -20.27
N THR A 890 24.05 -48.16 -21.36
CA THR A 890 23.68 -49.56 -21.68
C THR A 890 24.90 -50.24 -22.27
N LYS A 891 25.33 -51.35 -21.70
CA LYS A 891 26.41 -52.20 -22.27
C LYS A 891 25.94 -52.78 -23.61
N GLN A 892 26.80 -52.71 -24.64
CA GLN A 892 26.46 -53.15 -26.01
C GLN A 892 27.32 -54.35 -26.37
N SER A 893 28.59 -54.30 -26.01
CA SER A 893 29.52 -55.42 -26.17
C SER A 893 30.54 -55.36 -25.02
N ASP A 894 31.51 -56.24 -25.02
CA ASP A 894 32.68 -56.23 -24.13
C ASP A 894 33.45 -54.91 -24.20
N THR A 895 33.27 -54.12 -25.25
CA THR A 895 34.28 -53.11 -25.68
C THR A 895 33.60 -51.76 -25.90
N SER A 896 32.27 -51.71 -25.67
CA SER A 896 31.43 -50.60 -26.15
C SER A 896 30.14 -50.49 -25.34
N LEU A 897 29.64 -49.27 -25.20
CA LEU A 897 28.31 -48.97 -24.63
C LEU A 897 27.58 -47.91 -25.48
N SER A 898 26.29 -47.71 -25.24
CA SER A 898 25.51 -46.58 -25.75
C SER A 898 24.93 -45.77 -24.59
N VAL A 899 24.68 -44.52 -24.87
CA VAL A 899 24.13 -43.51 -23.95
C VAL A 899 22.97 -42.83 -24.66
N SER A 900 22.05 -42.34 -23.86
CA SER A 900 20.73 -41.84 -24.31
C SER A 900 20.29 -40.88 -23.24
N PRO A 901 19.92 -39.64 -23.59
CA PRO A 901 19.69 -38.61 -22.59
C PRO A 901 18.38 -38.85 -21.84
N ARG A 902 18.40 -38.48 -20.57
CA ARG A 902 17.25 -38.37 -19.65
C ARG A 902 17.12 -36.87 -19.34
N ILE A 903 16.01 -36.24 -19.72
CA ILE A 903 15.94 -34.76 -19.82
C ILE A 903 14.69 -34.28 -19.07
N GLN A 904 14.78 -33.17 -18.30
CA GLN A 904 13.55 -32.67 -17.65
C GLN A 904 12.74 -31.88 -18.67
N PHE A 905 11.43 -32.07 -18.58
CA PHE A 905 10.40 -31.26 -19.25
C PHE A 905 10.05 -30.12 -18.32
N LEU A 906 9.04 -29.37 -18.73
CA LEU A 906 8.51 -28.16 -18.07
C LEU A 906 7.91 -28.53 -16.71
N ASP A 907 7.55 -29.76 -16.50
CA ASP A 907 6.80 -30.14 -15.28
C ASP A 907 7.78 -30.61 -14.20
N GLY A 908 9.10 -30.50 -14.40
CA GLY A 908 10.11 -30.89 -13.40
C GLY A 908 10.46 -32.36 -13.43
N ASN A 909 9.85 -33.13 -14.35
CA ASN A 909 10.00 -34.60 -14.43
C ASN A 909 10.98 -34.94 -15.55
N PHE A 910 11.68 -36.04 -15.37
CA PHE A 910 12.66 -36.54 -16.36
C PHE A 910 11.94 -37.47 -17.32
N TYR A 911 12.24 -37.39 -18.62
CA TYR A 911 11.74 -38.33 -19.64
C TYR A 911 12.95 -38.93 -20.35
N ASP A 912 12.78 -40.18 -20.80
CA ASP A 912 13.81 -40.98 -21.53
C ASP A 912 13.07 -41.91 -22.50
N LEU A 913 13.77 -42.82 -23.15
CA LEU A 913 13.19 -43.74 -24.18
C LEU A 913 12.02 -44.53 -23.64
N ASN A 914 12.04 -44.93 -22.37
CA ASN A 914 11.03 -45.85 -21.79
C ASN A 914 9.89 -45.15 -21.09
N SER A 915 9.83 -43.82 -21.09
CA SER A 915 8.77 -43.08 -20.37
C SER A 915 7.38 -43.44 -20.88
N THR A 916 6.43 -43.50 -19.94
CA THR A 916 4.98 -43.59 -20.21
C THR A 916 4.22 -42.49 -19.47
N ILE A 917 3.02 -42.24 -19.99
CA ILE A 917 1.88 -41.60 -19.33
C ILE A 917 0.69 -42.56 -19.46
N ALA A 918 0.05 -42.89 -18.35
CA ALA A 918 -1.13 -43.76 -18.35
C ALA A 918 -0.71 -45.05 -19.01
N GLY A 919 0.56 -45.40 -18.92
CA GLY A 919 1.05 -46.74 -19.34
C GLY A 919 1.38 -46.79 -20.81
N VAL A 920 1.17 -45.68 -21.54
CA VAL A 920 1.33 -45.61 -23.02
C VAL A 920 2.73 -45.06 -23.29
N PRO A 921 3.59 -45.81 -23.99
CA PRO A 921 4.95 -45.32 -24.22
C PRO A 921 4.88 -44.00 -24.97
N LEU A 922 5.65 -43.00 -24.59
CA LEU A 922 5.62 -41.70 -25.29
C LEU A 922 6.43 -41.76 -26.59
N ASN A 923 7.53 -42.52 -26.64
CA ASN A 923 8.32 -42.67 -27.87
C ASN A 923 8.69 -41.27 -28.37
N ILE A 924 9.36 -40.53 -27.52
CA ILE A 924 9.72 -39.11 -27.74
C ILE A 924 10.78 -39.04 -28.84
N GLY A 925 11.75 -39.94 -28.80
CA GLY A 925 12.73 -39.85 -29.90
C GLY A 925 14.11 -39.36 -29.47
N PHE A 926 14.44 -39.52 -28.21
CA PHE A 926 15.82 -39.26 -27.71
C PHE A 926 16.78 -40.12 -28.51
N PRO A 927 17.97 -39.60 -28.76
CA PRO A 927 18.97 -40.34 -29.52
C PRO A 927 19.66 -41.38 -28.64
N SER A 928 20.48 -42.23 -29.25
CA SER A 928 21.37 -43.23 -28.61
C SER A 928 22.74 -43.01 -29.23
N ARG A 929 23.83 -43.22 -28.57
CA ARG A 929 25.12 -42.87 -29.16
C ARG A 929 26.10 -43.95 -28.70
N VAL A 930 26.68 -44.73 -29.62
CA VAL A 930 27.72 -45.72 -29.23
C VAL A 930 29.05 -45.01 -29.00
N PHE A 931 29.68 -45.36 -27.89
CA PHE A 931 31.12 -45.16 -27.61
C PHE A 931 31.81 -46.52 -27.56
N ALA A 932 33.00 -46.64 -28.12
CA ALA A 932 33.66 -47.95 -28.22
C ALA A 932 35.18 -47.79 -28.16
N GLY A 933 35.92 -48.88 -27.92
CA GLY A 933 37.38 -48.86 -27.72
C GLY A 933 37.80 -49.00 -26.25
N PHE A 934 36.85 -49.09 -25.31
CA PHE A 934 37.11 -49.41 -23.88
C PHE A 934 37.70 -50.81 -23.80
N ALA A 935 38.53 -51.09 -22.79
CA ALA A 935 39.18 -52.40 -22.58
C ALA A 935 38.22 -53.43 -21.94
N ALA A 936 38.52 -54.72 -22.05
CA ALA A 936 38.03 -55.78 -21.14
C ALA A 936 39.20 -56.12 -20.19
N LEU A 937 38.98 -56.13 -18.88
CA LEU A 937 40.07 -56.40 -17.90
C LEU A 937 40.16 -57.93 -17.70
N GLN B 59 48.66 2.94 -17.67
CA GLN B 59 48.38 1.56 -17.18
C GLN B 59 48.77 1.41 -15.70
N ALA B 60 50.07 1.44 -15.38
CA ALA B 60 50.60 1.30 -14.02
C ALA B 60 50.23 2.47 -13.09
N VAL B 61 50.25 2.22 -11.77
CA VAL B 61 49.79 3.14 -10.70
C VAL B 61 50.53 4.48 -10.72
N ASP B 62 49.78 5.59 -10.58
CA ASP B 62 50.29 6.93 -10.33
C ASP B 62 49.83 7.44 -8.95
N GLU B 63 50.78 7.70 -8.05
CA GLU B 63 50.52 8.10 -6.66
C GLU B 63 49.99 9.54 -6.51
N THR B 64 50.01 10.36 -7.56
CA THR B 64 49.57 11.77 -7.51
C THR B 64 48.05 11.96 -7.45
N LEU B 65 47.26 10.89 -7.61
CA LEU B 65 45.80 10.91 -7.47
C LEU B 65 45.34 10.30 -6.13
N THR B 66 44.49 11.00 -5.39
CA THR B 66 44.10 10.71 -3.99
C THR B 66 42.58 10.48 -3.85
N PRO B 67 42.11 9.57 -2.96
CA PRO B 67 40.69 9.21 -2.87
C PRO B 67 39.80 10.30 -2.26
N TRP B 68 38.53 10.34 -2.68
CA TRP B 68 37.57 11.41 -2.36
C TRP B 68 36.11 10.89 -2.34
N THR B 69 35.21 11.64 -1.71
CA THR B 69 33.78 11.30 -1.58
C THR B 69 32.89 12.33 -2.30
N TRP B 70 32.03 11.91 -3.24
CA TRP B 70 31.08 12.83 -3.90
C TRP B 70 29.91 13.16 -2.98
N ASN B 71 29.51 14.43 -2.90
CA ASN B 71 28.46 14.90 -1.98
C ASN B 71 27.06 14.31 -2.27
N ASN B 72 26.78 13.91 -3.52
CA ASN B 72 25.44 13.56 -3.98
C ASN B 72 25.00 12.11 -3.66
N ASN B 73 25.95 11.17 -3.59
CA ASN B 73 25.71 9.76 -3.25
C ASN B 73 26.61 9.25 -2.09
N ASN B 74 27.62 10.03 -1.69
CA ASN B 74 28.66 9.66 -0.72
C ASN B 74 29.42 8.37 -1.06
N PHE B 75 29.44 7.96 -2.32
CA PHE B 75 30.28 6.84 -2.78
C PHE B 75 31.76 7.24 -2.75
N SER B 76 32.64 6.27 -2.51
CA SER B 76 34.09 6.43 -2.66
C SER B 76 34.77 5.11 -3.03
N SER B 77 34.27 3.96 -2.55
CA SER B 77 34.72 2.63 -2.97
C SER B 77 33.64 1.55 -2.99
N LEU B 78 33.85 0.55 -3.85
CA LEU B 78 33.11 -0.73 -3.89
C LEU B 78 34.00 -1.86 -3.36
N LYS B 79 33.49 -2.66 -2.41
CA LYS B 79 34.06 -3.96 -2.04
C LYS B 79 33.71 -5.00 -3.12
N ILE B 80 34.71 -5.55 -3.82
CA ILE B 80 34.51 -6.72 -4.69
C ILE B 80 34.31 -7.97 -3.83
N THR B 81 33.44 -8.89 -4.26
CA THR B 81 33.11 -10.13 -3.55
C THR B 81 33.09 -11.35 -4.49
N GLY B 82 33.16 -12.56 -3.92
CA GLY B 82 33.21 -13.81 -4.68
C GLY B 82 34.64 -14.24 -5.06
N GLU B 83 34.85 -14.59 -6.33
CA GLU B 83 36.01 -15.33 -6.81
C GLU B 83 37.38 -14.62 -6.69
N ASN B 84 37.43 -13.29 -6.64
CA ASN B 84 38.68 -12.51 -6.47
C ASN B 84 38.39 -11.18 -5.71
N PRO B 85 38.38 -11.17 -4.36
CA PRO B 85 38.03 -10.00 -3.57
C PRO B 85 39.08 -8.87 -3.62
N GLY B 86 38.66 -7.66 -3.23
CA GLY B 86 39.46 -6.43 -3.27
C GLY B 86 38.57 -5.18 -3.26
N SER B 87 39.08 -4.05 -3.77
CA SER B 87 38.34 -2.79 -3.81
C SER B 87 38.53 -2.06 -5.15
N PHE B 88 37.49 -1.38 -5.65
CA PHE B 88 37.63 -0.24 -6.59
C PHE B 88 37.35 1.05 -5.83
N GLY B 89 38.05 2.14 -6.11
CA GLY B 89 37.73 3.43 -5.50
C GLY B 89 38.05 4.65 -6.36
N LEU B 90 37.25 5.71 -6.21
CA LEU B 90 37.43 6.97 -6.93
C LEU B 90 38.68 7.70 -6.41
N VAL B 91 39.47 8.29 -7.31
CA VAL B 91 40.60 9.17 -6.97
C VAL B 91 40.64 10.41 -7.88
N ARG B 92 41.25 11.51 -7.41
CA ARG B 92 41.38 12.78 -8.15
C ARG B 92 42.72 13.47 -7.85
N SER B 93 43.15 14.38 -8.73
CA SER B 93 44.40 15.14 -8.53
C SER B 93 44.31 16.10 -7.34
N GLN B 94 45.42 16.28 -6.61
CA GLN B 94 45.47 16.99 -5.32
C GLN B 94 45.53 18.54 -5.45
N ASN B 95 45.80 19.07 -6.65
CA ASN B 95 46.18 20.46 -6.89
C ASN B 95 45.12 21.53 -6.52
N ASP B 96 45.57 22.62 -5.91
CA ASP B 96 44.77 23.79 -5.49
C ASP B 96 44.62 24.86 -6.60
N ASN B 97 44.04 26.02 -6.25
CA ASN B 97 43.89 27.22 -7.11
C ASN B 97 43.05 26.99 -8.39
N LEU B 98 41.99 26.19 -8.31
CA LEU B 98 41.07 25.91 -9.42
C LEU B 98 40.16 27.12 -9.74
N ASN B 99 40.69 28.11 -10.46
CA ASN B 99 39.99 29.32 -10.89
C ASN B 99 39.08 29.04 -12.09
N ILE B 100 37.88 28.47 -11.86
CA ILE B 100 36.87 28.23 -12.92
C ILE B 100 36.32 29.56 -13.47
N SER B 101 36.23 30.61 -12.64
CA SER B 101 35.77 31.96 -13.03
C SER B 101 36.59 32.61 -14.16
N SER B 102 37.77 32.09 -14.49
CA SER B 102 38.55 32.48 -15.66
C SER B 102 37.90 32.10 -17.00
N VAL B 103 36.96 31.15 -17.02
CA VAL B 103 36.14 30.79 -18.20
C VAL B 103 35.01 31.82 -18.34
N THR B 104 35.32 32.98 -18.95
CA THR B 104 34.41 34.14 -19.02
C THR B 104 33.10 33.83 -19.76
N LYS B 105 31.97 34.29 -19.22
CA LYS B 105 30.63 34.16 -19.81
C LYS B 105 30.15 35.51 -20.35
N ASN B 106 29.83 35.58 -21.65
CA ASN B 106 29.26 36.76 -22.30
C ASN B 106 27.72 36.84 -22.08
N SER B 107 27.11 38.00 -22.32
CA SER B 107 25.66 38.21 -22.18
C SER B 107 24.84 37.77 -23.40
N SER B 108 25.48 37.62 -24.57
CA SER B 108 24.83 37.43 -25.88
C SER B 108 24.58 35.98 -26.29
N ASP B 109 24.91 34.97 -25.47
CA ASP B 109 24.83 33.54 -25.81
C ASP B 109 24.29 32.64 -24.68
N ASP B 110 23.89 31.42 -25.04
CA ASP B 110 23.33 30.40 -24.13
C ASP B 110 24.40 29.62 -23.33
N ASN B 111 23.97 28.74 -22.42
CA ASN B 111 24.85 28.04 -21.47
C ASN B 111 25.72 26.93 -22.10
N LEU B 112 25.35 26.33 -23.24
CA LEU B 112 25.93 25.06 -23.69
C LEU B 112 27.41 25.19 -24.06
N LYS B 113 27.78 26.22 -24.82
CA LYS B 113 29.18 26.49 -25.19
C LYS B 113 30.06 26.87 -24.00
N TYR B 114 29.49 27.55 -23.00
CA TYR B 114 30.14 27.78 -21.70
C TYR B 114 30.37 26.47 -20.93
N LEU B 115 29.37 25.60 -20.79
CA LEU B 115 29.54 24.32 -20.10
C LEU B 115 30.58 23.42 -20.80
N ASN B 116 30.59 23.38 -22.14
CA ASN B 116 31.63 22.67 -22.89
C ASN B 116 33.03 23.29 -22.70
N ALA B 117 33.14 24.62 -22.63
CA ALA B 117 34.40 25.29 -22.30
C ALA B 117 34.88 24.97 -20.86
N VAL B 118 33.96 24.88 -19.89
CA VAL B 118 34.29 24.45 -18.51
C VAL B 118 34.75 22.98 -18.50
N GLU B 119 34.09 22.06 -19.20
CA GLU B 119 34.58 20.67 -19.32
C GLU B 119 35.98 20.62 -19.98
N LYS B 120 36.21 21.38 -21.07
CA LYS B 120 37.53 21.48 -21.72
C LYS B 120 38.62 22.08 -20.81
N TYR B 121 38.25 23.04 -19.95
CA TYR B 121 39.14 23.61 -18.94
C TYR B 121 39.47 22.59 -17.84
N LEU B 122 38.46 21.92 -17.29
CA LEU B 122 38.64 20.88 -16.27
C LEU B 122 39.44 19.66 -16.79
N ASP B 123 39.34 19.32 -18.08
CA ASP B 123 40.21 18.32 -18.73
C ASP B 123 41.71 18.69 -18.69
N GLY B 124 42.05 19.98 -18.65
CA GLY B 124 43.42 20.45 -18.47
C GLY B 124 43.83 20.61 -17.00
N GLN B 125 42.95 21.17 -16.17
CA GLN B 125 43.26 21.54 -14.78
C GLN B 125 43.22 20.38 -13.77
N GLN B 126 42.53 19.25 -14.04
CA GLN B 126 42.40 18.13 -13.10
C GLN B 126 42.45 16.76 -13.79
N ASN B 127 42.77 15.72 -13.01
CA ASN B 127 42.71 14.32 -13.42
C ASN B 127 41.87 13.49 -12.43
N PHE B 128 41.15 12.50 -12.93
CA PHE B 128 40.28 11.59 -12.16
C PHE B 128 40.45 10.14 -12.63
N ALA B 129 40.37 9.18 -11.71
CA ALA B 129 40.61 7.76 -12.02
C ALA B 129 39.89 6.81 -11.05
N ILE B 130 39.85 5.51 -11.38
CA ILE B 130 39.17 4.46 -10.59
C ILE B 130 40.07 3.24 -10.39
N ARG B 131 41.15 3.41 -9.63
CA ARG B 131 42.13 2.34 -9.37
C ARG B 131 41.54 1.12 -8.63
N ARG B 132 42.07 -0.08 -8.92
CA ARG B 132 41.83 -1.28 -8.10
C ARG B 132 42.85 -1.40 -6.97
N TYR B 133 42.41 -1.90 -5.83
CA TYR B 133 43.22 -2.29 -4.67
C TYR B 133 43.01 -3.78 -4.33
N ASP B 134 44.02 -4.42 -3.75
CA ASP B 134 43.90 -5.78 -3.19
C ASP B 134 43.10 -5.81 -1.87
N ASN B 135 42.90 -7.01 -1.31
CA ASN B 135 42.08 -7.24 -0.12
C ASN B 135 42.59 -6.54 1.16
N ASN B 136 43.85 -6.08 1.19
CA ASN B 136 44.45 -5.30 2.28
C ASN B 136 44.64 -3.81 1.91
N GLY B 137 44.24 -3.36 0.72
CA GLY B 137 44.31 -1.96 0.30
C GLY B 137 45.57 -1.55 -0.48
N ARG B 138 46.38 -2.48 -0.99
CA ARG B 138 47.51 -2.17 -1.90
C ARG B 138 47.01 -1.89 -3.32
N ALA B 139 47.38 -0.76 -3.92
CA ALA B 139 46.97 -0.41 -5.28
C ALA B 139 47.56 -1.36 -6.35
N LEU B 140 46.81 -1.65 -7.43
CA LEU B 140 47.18 -2.61 -8.48
C LEU B 140 47.37 -1.97 -9.87
N TYR B 141 46.38 -1.22 -10.37
CA TYR B 141 46.43 -0.51 -11.67
C TYR B 141 45.50 0.72 -11.67
N ASP B 142 45.81 1.70 -12.52
CA ASP B 142 45.42 3.11 -12.31
C ASP B 142 44.01 3.49 -12.82
N ILE B 143 43.67 3.10 -14.05
CA ILE B 143 42.39 3.38 -14.73
C ILE B 143 41.98 4.87 -14.71
N ASN B 144 42.84 5.76 -15.23
CA ASN B 144 42.45 7.12 -15.61
C ASN B 144 41.75 7.08 -16.99
N LEU B 145 40.42 7.01 -16.99
CA LEU B 145 39.62 6.77 -18.20
C LEU B 145 39.82 7.80 -19.34
N ALA B 146 40.26 9.02 -19.02
CA ALA B 146 40.60 10.03 -20.02
C ALA B 146 41.96 9.77 -20.74
N LYS B 147 42.81 8.89 -20.20
CA LYS B 147 44.23 8.77 -20.58
C LYS B 147 44.75 7.33 -20.84
N MET B 148 44.06 6.27 -20.40
CA MET B 148 44.56 4.89 -20.53
C MET B 148 44.82 4.47 -21.98
N GLU B 149 45.87 3.65 -22.16
CA GLU B 149 46.36 3.15 -23.44
C GLU B 149 45.45 2.06 -24.04
N ASN B 150 45.38 2.01 -25.38
CA ASN B 150 44.71 0.97 -26.18
C ASN B 150 43.34 0.47 -25.64
N PRO B 151 42.35 1.36 -25.41
CA PRO B 151 41.04 0.97 -24.90
C PRO B 151 40.29 0.05 -25.88
N SER B 152 39.61 -0.97 -25.36
CA SER B 152 38.91 -1.98 -26.16
C SER B 152 37.67 -2.53 -25.46
N THR B 153 36.67 -2.95 -26.22
CA THR B 153 35.65 -3.90 -25.74
C THR B 153 36.20 -5.34 -25.68
N VAL B 154 35.59 -6.22 -24.90
CA VAL B 154 35.91 -7.66 -24.80
C VAL B 154 35.31 -8.46 -25.96
N GLN B 155 36.10 -9.35 -26.55
CA GLN B 155 35.72 -10.28 -27.62
C GLN B 155 34.82 -11.42 -27.10
N ARG B 156 33.84 -11.86 -27.91
CA ARG B 156 32.81 -12.85 -27.51
C ARG B 156 32.84 -14.11 -28.36
N GLY B 157 32.46 -15.24 -27.76
CA GLY B 157 32.04 -16.44 -28.49
C GLY B 157 30.62 -16.32 -29.08
N LEU B 158 30.22 -17.29 -29.91
CA LEU B 158 28.92 -17.26 -30.60
C LEU B 158 27.70 -17.37 -29.65
N ASN B 159 27.90 -17.89 -28.43
CA ASN B 159 26.90 -17.92 -27.35
C ASN B 159 26.91 -16.66 -26.45
N GLY B 160 27.62 -15.60 -26.82
CA GLY B 160 27.68 -14.31 -26.12
C GLY B 160 28.71 -14.23 -24.98
N GLU B 161 29.25 -15.36 -24.51
CA GLU B 161 30.25 -15.40 -23.43
C GLU B 161 31.55 -14.67 -23.83
N PRO B 162 32.18 -13.90 -22.93
CA PRO B 162 33.49 -13.28 -23.15
C PRO B 162 34.59 -14.35 -23.17
N ILE B 163 35.50 -14.30 -24.14
CA ILE B 163 36.63 -15.24 -24.20
C ILE B 163 37.69 -14.85 -23.16
N PHE B 164 38.08 -15.80 -22.31
CA PHE B 164 38.87 -15.55 -21.10
C PHE B 164 39.73 -16.76 -20.68
N ASP B 165 40.88 -16.50 -20.05
CA ASP B 165 41.73 -17.47 -19.36
C ASP B 165 42.52 -16.72 -18.27
N PRO B 166 42.35 -16.99 -16.96
CA PRO B 166 42.78 -16.10 -15.87
C PRO B 166 44.19 -15.48 -15.97
N PHE B 167 45.21 -16.24 -16.38
CA PHE B 167 46.57 -15.72 -16.49
C PHE B 167 46.76 -14.78 -17.70
N LYS B 168 46.12 -15.08 -18.83
CA LYS B 168 46.10 -14.23 -20.03
C LYS B 168 45.16 -13.03 -19.88
N GLY B 169 44.06 -13.20 -19.16
CA GLY B 169 42.95 -12.26 -19.06
C GLY B 169 41.92 -12.43 -20.19
N PHE B 170 41.18 -11.36 -20.49
CA PHE B 170 40.18 -11.35 -21.54
C PHE B 170 40.78 -11.20 -22.94
N GLY B 171 40.07 -11.67 -23.97
CA GLY B 171 40.35 -11.31 -25.36
C GLY B 171 39.82 -9.92 -25.69
N LEU B 172 40.66 -9.06 -26.28
CA LEU B 172 40.31 -7.68 -26.65
C LEU B 172 40.17 -7.57 -28.17
N THR B 173 39.10 -6.96 -28.65
CA THR B 173 38.84 -6.79 -30.10
C THR B 173 39.77 -5.77 -30.77
N GLY B 174 40.44 -4.91 -30.00
CA GLY B 174 41.36 -3.88 -30.49
C GLY B 174 40.69 -2.57 -30.90
N ASN B 175 39.40 -2.39 -30.60
CA ASN B 175 38.64 -1.16 -30.85
C ASN B 175 37.75 -0.77 -29.66
N ALA B 176 37.66 0.52 -29.37
CA ALA B 176 36.90 1.06 -28.25
C ALA B 176 35.37 0.86 -28.43
N PRO B 177 34.58 0.86 -27.34
CA PRO B 177 33.12 0.89 -27.41
C PRO B 177 32.55 2.08 -28.22
N THR B 178 31.24 2.07 -28.46
CA THR B 178 30.53 3.19 -29.09
C THR B 178 30.62 4.48 -28.26
N ASP B 179 30.58 5.63 -28.93
CA ASP B 179 30.61 6.98 -28.32
C ASP B 179 31.87 7.30 -27.48
N TRP B 180 32.99 6.62 -27.74
CA TRP B 180 34.25 6.79 -27.00
C TRP B 180 34.80 8.24 -27.07
N ASN B 181 34.55 8.93 -28.18
CA ASN B 181 34.97 10.32 -28.39
C ASN B 181 34.27 11.35 -27.46
N GLU B 182 33.18 10.99 -26.78
CA GLU B 182 32.52 11.84 -25.78
C GLU B 182 32.40 11.21 -24.37
N ILE B 183 32.63 9.89 -24.20
CA ILE B 183 32.74 9.30 -22.85
C ILE B 183 34.06 9.69 -22.15
N LYS B 184 35.14 9.89 -22.92
CA LYS B 184 36.50 10.16 -22.37
C LYS B 184 36.63 11.44 -21.54
N GLY B 185 35.69 12.38 -21.65
CA GLY B 185 35.62 13.58 -20.82
C GLY B 185 34.85 13.42 -19.50
N LYS B 186 34.09 12.34 -19.32
CA LYS B 186 33.23 12.09 -18.15
C LYS B 186 34.02 11.51 -16.97
N VAL B 187 33.54 11.78 -15.76
CA VAL B 187 34.12 11.27 -14.50
C VAL B 187 33.22 10.16 -13.92
N PRO B 188 33.77 8.99 -13.55
CA PRO B 188 33.02 7.94 -12.87
C PRO B 188 32.70 8.33 -11.41
N VAL B 189 31.49 8.00 -10.95
CA VAL B 189 30.98 8.46 -9.63
C VAL B 189 30.29 7.36 -8.80
N GLU B 190 29.99 6.19 -9.38
CA GLU B 190 29.51 5.03 -8.61
C GLU B 190 29.83 3.71 -9.32
N VAL B 191 30.14 2.63 -8.58
CA VAL B 191 30.52 1.31 -9.13
C VAL B 191 29.79 0.19 -8.39
N VAL B 192 29.33 -0.85 -9.10
CA VAL B 192 28.66 -2.05 -8.55
C VAL B 192 29.05 -3.33 -9.32
N GLN B 193 28.77 -4.50 -8.76
CA GLN B 193 29.14 -5.83 -9.29
C GLN B 193 27.89 -6.67 -9.65
N SER B 194 27.97 -7.52 -10.68
CA SER B 194 26.89 -8.47 -11.01
C SER B 194 26.67 -9.52 -9.91
N PRO B 195 25.41 -9.84 -9.54
CA PRO B 195 25.15 -10.85 -8.50
C PRO B 195 25.35 -12.30 -8.99
N HIS B 196 25.20 -12.56 -10.29
CA HIS B 196 25.18 -13.91 -10.87
C HIS B 196 26.30 -14.20 -11.89
N SER B 197 26.93 -13.18 -12.48
CA SER B 197 27.96 -13.35 -13.52
C SER B 197 29.38 -13.07 -13.00
N PRO B 198 30.38 -13.95 -13.23
CA PRO B 198 31.73 -13.78 -12.72
C PRO B 198 32.49 -12.66 -13.44
N ASN B 199 33.37 -11.97 -12.73
CA ASN B 199 34.24 -10.88 -13.24
C ASN B 199 33.51 -9.70 -13.93
N LEU B 200 32.19 -9.54 -13.76
CA LEU B 200 31.38 -8.55 -14.48
C LEU B 200 30.91 -7.42 -13.53
N TYR B 201 31.19 -6.18 -13.92
CA TYR B 201 30.97 -4.98 -13.11
C TYR B 201 30.29 -3.86 -13.92
N PHE B 202 29.71 -2.89 -13.23
CA PHE B 202 29.04 -1.73 -13.82
C PHE B 202 29.50 -0.43 -13.15
N VAL B 203 29.69 0.64 -13.94
CA VAL B 203 30.09 1.96 -13.45
C VAL B 203 29.25 3.07 -14.09
N LEU B 204 28.90 4.07 -13.29
CA LEU B 204 28.13 5.27 -13.64
C LEU B 204 29.06 6.48 -13.76
N LEU B 205 28.88 7.27 -14.82
CA LEU B 205 29.71 8.42 -15.20
C LEU B 205 28.87 9.68 -15.50
N VAL B 206 29.41 10.86 -15.19
CA VAL B 206 28.77 12.18 -15.35
C VAL B 206 29.76 13.22 -15.89
N PRO B 207 29.31 14.36 -16.47
CA PRO B 207 30.18 15.51 -16.75
C PRO B 207 30.81 16.06 -15.45
N LYS B 208 32.04 16.59 -15.49
CA LYS B 208 32.72 17.08 -14.27
C LYS B 208 32.02 18.27 -13.61
N VAL B 209 31.22 19.06 -14.33
CA VAL B 209 30.35 20.09 -13.72
C VAL B 209 29.39 19.49 -12.67
N ALA B 210 28.96 18.23 -12.77
CA ALA B 210 28.16 17.59 -11.73
C ALA B 210 28.91 17.41 -10.39
N LEU B 211 30.25 17.50 -10.39
CA LEU B 211 31.05 17.65 -9.17
C LEU B 211 31.27 19.14 -8.85
N GLU B 212 31.73 19.92 -9.84
CA GLU B 212 32.20 21.30 -9.65
C GLU B 212 31.10 22.38 -9.61
N TYR B 213 29.81 22.01 -9.65
CA TYR B 213 28.66 22.92 -9.75
C TYR B 213 28.71 24.13 -8.79
N HIS B 214 29.08 23.93 -7.50
CA HIS B 214 29.22 25.03 -6.53
C HIS B 214 30.47 25.90 -6.70
N ASN B 215 31.47 25.44 -7.47
CA ASN B 215 32.69 26.16 -7.80
C ASN B 215 32.61 26.95 -9.13
N LEU B 216 31.60 26.70 -9.97
CA LEU B 216 31.26 27.57 -11.12
C LEU B 216 30.83 28.97 -10.65
N ASN B 217 30.94 29.97 -11.52
CA ASN B 217 30.79 31.39 -11.16
C ASN B 217 29.33 31.83 -10.89
N ASN B 218 29.16 32.72 -9.90
CA ASN B 218 27.88 32.94 -9.22
C ASN B 218 26.79 33.65 -10.05
N GLN B 219 27.12 34.40 -11.12
CA GLN B 219 26.12 35.08 -11.95
C GLN B 219 25.41 34.17 -12.96
N VAL B 220 25.91 32.93 -13.15
CA VAL B 220 25.20 31.88 -13.92
C VAL B 220 24.64 30.78 -13.01
N VAL B 221 25.39 30.29 -12.02
CA VAL B 221 24.86 29.36 -10.98
C VAL B 221 24.20 30.17 -9.85
N LYS B 222 23.06 30.80 -10.16
CA LYS B 222 22.29 31.67 -9.25
C LYS B 222 21.36 30.90 -8.30
N GLU B 223 20.97 31.56 -7.20
CA GLU B 223 19.82 31.18 -6.38
C GLU B 223 18.48 31.43 -7.12
N SER B 224 17.41 30.73 -6.73
CA SER B 224 16.07 30.93 -7.35
C SER B 224 15.39 32.25 -6.98
N LEU B 225 15.91 32.96 -5.97
CA LEU B 225 15.47 34.26 -5.46
C LEU B 225 16.66 35.24 -5.41
N GLU B 226 16.46 36.51 -5.74
CA GLU B 226 17.51 37.53 -5.69
C GLU B 226 17.76 38.07 -4.26
N VAL B 227 19.01 38.44 -3.96
CA VAL B 227 19.39 39.02 -2.66
C VAL B 227 19.04 40.52 -2.54
N LYS B 228 19.01 41.25 -3.67
CA LYS B 228 18.85 42.71 -3.79
C LYS B 228 19.94 43.58 -3.12
N ALA B 229 20.00 44.84 -3.53
CA ALA B 229 20.98 45.84 -3.03
C ALA B 229 20.58 46.52 -1.71
N THR B 230 19.30 46.42 -1.28
CA THR B 230 18.77 46.96 -0.03
C THR B 230 19.01 48.48 0.20
N GLN B 231 19.14 49.28 -0.86
CA GLN B 231 19.47 50.70 -0.78
C GLN B 231 18.42 51.55 -0.04
N SER B 232 17.14 51.15 -0.08
CA SER B 232 16.04 51.74 0.67
C SER B 232 15.83 51.14 2.08
N SER B 233 16.81 50.37 2.58
CA SER B 233 16.70 49.40 3.69
C SER B 233 15.80 48.20 3.35
N PHE B 234 16.07 47.05 3.97
CA PHE B 234 15.38 45.79 3.68
C PHE B 234 13.97 45.70 4.27
N ASN B 235 13.04 45.09 3.54
CA ASN B 235 11.66 44.82 3.96
C ASN B 235 11.11 43.58 3.21
N PRO B 236 10.78 42.47 3.91
CA PRO B 236 10.38 41.21 3.26
C PRO B 236 8.98 41.27 2.63
N THR B 237 8.17 42.29 2.91
CA THR B 237 6.82 42.46 2.35
C THR B 237 6.81 43.01 0.92
N GLN B 238 7.93 43.56 0.42
CA GLN B 238 7.99 44.23 -0.90
C GLN B 238 7.89 43.25 -2.08
N ARG B 239 8.31 41.99 -1.92
CA ARG B 239 8.23 40.94 -2.95
C ARG B 239 6.86 40.26 -3.03
N LEU B 240 6.07 40.27 -1.96
CA LEU B 240 4.81 39.52 -1.86
C LEU B 240 3.65 40.17 -2.65
N GLN B 241 3.05 39.44 -3.60
CA GLN B 241 1.73 39.76 -4.14
C GLN B 241 0.68 39.46 -3.04
N LYS B 242 -0.09 40.46 -2.60
CA LYS B 242 -0.80 40.41 -1.30
C LYS B 242 -2.28 40.80 -1.31
N ASP B 243 -2.72 41.65 -2.23
CA ASP B 243 -4.05 42.25 -2.21
C ASP B 243 -5.16 41.20 -2.43
N SER B 244 -6.23 41.27 -1.63
CA SER B 244 -7.33 40.29 -1.67
C SER B 244 -8.40 40.63 -2.73
N PRO B 245 -9.09 39.60 -3.29
CA PRO B 245 -10.16 39.78 -4.28
C PRO B 245 -11.45 40.39 -3.70
N VAL B 246 -12.37 40.80 -4.58
CA VAL B 246 -13.62 41.50 -4.23
C VAL B 246 -14.77 41.11 -5.18
N LYS B 247 -16.02 41.28 -4.72
CA LYS B 247 -17.25 41.14 -5.53
C LYS B 247 -17.25 42.10 -6.72
N ASP B 248 -17.54 41.59 -7.92
CA ASP B 248 -17.55 42.33 -9.18
C ASP B 248 -18.70 43.35 -9.26
N SER B 249 -18.36 44.64 -9.37
CA SER B 249 -19.28 45.78 -9.39
C SER B 249 -20.32 45.77 -10.52
N SER B 250 -20.14 44.93 -11.55
CA SER B 250 -21.04 44.83 -12.71
C SER B 250 -21.57 43.41 -12.97
N LYS B 251 -21.38 42.46 -12.04
CA LYS B 251 -21.71 41.03 -12.24
C LYS B 251 -22.17 40.30 -10.96
N GLN B 252 -22.81 41.01 -10.04
CA GLN B 252 -23.24 40.47 -8.74
C GLN B 252 -24.29 39.35 -8.83
N GLY B 253 -25.10 39.32 -9.90
CA GLY B 253 -26.31 38.50 -9.99
C GLY B 253 -26.13 37.03 -10.41
N GLU B 254 -24.94 36.61 -10.88
CA GLU B 254 -24.72 35.26 -11.42
C GLU B 254 -24.50 34.15 -10.35
N LYS B 255 -24.57 34.52 -9.05
CA LYS B 255 -24.47 33.62 -7.88
C LYS B 255 -25.42 32.41 -7.96
N LEU B 256 -25.11 31.34 -7.22
CA LEU B 256 -25.94 30.14 -7.13
C LEU B 256 -27.37 30.47 -6.67
N SER B 257 -28.38 29.83 -7.28
CA SER B 257 -29.78 30.02 -6.92
C SER B 257 -30.14 29.26 -5.63
N GLU B 258 -30.94 29.91 -4.78
CA GLU B 258 -31.53 29.28 -3.59
C GLU B 258 -32.61 28.25 -3.99
N THR B 259 -32.66 27.11 -3.30
CA THR B 259 -33.64 26.04 -3.55
C THR B 259 -35.07 26.52 -3.21
N THR B 260 -35.90 26.78 -4.23
CA THR B 260 -37.23 27.38 -4.07
C THR B 260 -38.26 26.45 -3.41
N ALA B 261 -38.16 25.13 -3.65
CA ALA B 261 -38.87 24.10 -2.93
C ALA B 261 -37.99 22.84 -2.77
N SER B 262 -38.02 22.22 -1.61
CA SER B 262 -37.13 21.09 -1.24
C SER B 262 -37.95 19.81 -0.95
N SER B 263 -37.56 18.69 -1.56
CA SER B 263 -38.29 17.42 -1.46
C SER B 263 -38.40 16.87 -0.03
N MET B 264 -39.55 16.29 0.32
CA MET B 264 -39.85 15.87 1.69
C MET B 264 -38.99 14.70 2.18
N SER B 265 -38.77 13.67 1.34
CA SER B 265 -38.05 12.43 1.71
C SER B 265 -38.59 11.74 2.97
N SER B 266 -39.91 11.85 3.21
CA SER B 266 -40.62 11.41 4.43
C SER B 266 -40.18 12.10 5.73
N GLY B 267 -39.49 13.25 5.65
CA GLY B 267 -39.19 14.11 6.79
C GLY B 267 -40.40 14.92 7.31
N MET B 268 -40.22 15.66 8.41
CA MET B 268 -41.31 16.33 9.13
C MET B 268 -41.00 17.74 9.66
N ALA B 269 -39.79 18.02 10.13
CA ALA B 269 -39.44 19.31 10.75
C ALA B 269 -39.21 20.45 9.73
N THR B 270 -39.26 21.70 10.22
CA THR B 270 -39.22 22.95 9.42
C THR B 270 -38.45 24.06 10.17
N SER B 271 -37.94 25.07 9.45
CA SER B 271 -37.32 26.27 10.04
C SER B 271 -37.48 27.53 9.17
N THR B 272 -37.24 28.70 9.76
CA THR B 272 -37.35 30.02 9.12
C THR B 272 -36.12 30.39 8.25
N ARG B 273 -34.98 29.70 8.42
CA ARG B 273 -33.70 30.00 7.74
C ARG B 273 -33.78 29.80 6.21
N ALA B 274 -32.96 30.57 5.47
CA ALA B 274 -32.71 30.38 4.04
C ALA B 274 -32.21 28.96 3.67
N LYS B 275 -32.54 28.52 2.45
CA LYS B 275 -32.35 27.14 1.97
C LYS B 275 -30.94 26.90 1.38
N ALA B 276 -30.65 25.64 1.01
CA ALA B 276 -29.43 25.27 0.28
C ALA B 276 -29.37 25.88 -1.14
N LEU B 277 -28.15 26.04 -1.66
CA LEU B 277 -27.89 26.63 -2.98
C LEU B 277 -27.64 25.53 -4.02
N LYS B 278 -28.31 25.59 -5.19
CA LYS B 278 -28.14 24.58 -6.26
C LYS B 278 -26.87 24.80 -7.08
N VAL B 279 -26.21 23.71 -7.45
CA VAL B 279 -25.13 23.63 -8.45
C VAL B 279 -25.53 22.62 -9.53
N GLU B 280 -25.56 23.02 -10.80
CA GLU B 280 -25.93 22.15 -11.91
C GLU B 280 -24.94 22.20 -13.08
N VAL B 281 -24.71 21.04 -13.71
CA VAL B 281 -23.85 20.90 -14.89
C VAL B 281 -24.47 19.90 -15.88
N GLU B 282 -24.64 20.29 -17.15
CA GLU B 282 -25.08 19.39 -18.22
C GLU B 282 -24.59 19.83 -19.62
N ARG B 283 -24.38 18.86 -20.52
CA ARG B 283 -23.59 19.01 -21.76
C ARG B 283 -24.28 19.80 -22.89
N GLY B 284 -25.61 19.75 -22.99
CA GLY B 284 -26.35 20.35 -24.11
C GLY B 284 -26.01 19.74 -25.49
N SER B 285 -26.26 20.51 -26.55
CA SER B 285 -26.05 20.12 -27.94
C SER B 285 -24.99 20.95 -28.70
N GLN B 286 -24.51 22.06 -28.12
CA GLN B 286 -23.58 22.99 -28.77
C GLN B 286 -22.15 22.41 -28.91
N SER B 287 -21.44 22.76 -29.98
CA SER B 287 -20.14 22.16 -30.34
C SER B 287 -18.97 22.53 -29.41
N ASP B 288 -19.06 23.63 -28.67
CA ASP B 288 -17.96 24.13 -27.80
C ASP B 288 -18.44 24.73 -26.46
N SER B 289 -19.68 24.43 -26.05
CA SER B 289 -20.29 24.96 -24.81
C SER B 289 -21.16 23.92 -24.13
N LEU B 290 -21.20 23.94 -22.80
CA LEU B 290 -22.22 23.26 -22.01
C LEU B 290 -23.58 24.00 -22.08
N LEU B 291 -24.64 23.38 -21.54
CA LEU B 291 -25.94 24.02 -21.31
C LEU B 291 -26.07 24.59 -19.89
N LYS B 292 -25.42 23.97 -18.90
CA LYS B 292 -25.15 24.54 -17.57
C LYS B 292 -23.78 24.11 -17.05
N ASN B 293 -23.17 24.95 -16.20
CA ASN B 293 -21.85 24.71 -15.62
C ASN B 293 -21.61 25.56 -14.35
N ASP B 294 -22.45 25.41 -13.31
CA ASP B 294 -22.43 26.31 -12.14
C ASP B 294 -21.14 26.32 -11.31
N PHE B 295 -20.28 25.29 -11.39
CA PHE B 295 -18.94 25.34 -10.78
C PHE B 295 -18.01 26.39 -11.42
N ALA B 296 -18.27 26.85 -12.66
CA ALA B 296 -17.40 27.78 -13.39
C ALA B 296 -17.82 29.26 -13.26
N LYS B 297 -18.80 29.59 -12.41
CA LYS B 297 -19.20 30.97 -12.09
C LYS B 297 -18.03 31.76 -11.48
N LYS B 298 -17.99 33.08 -11.68
CA LYS B 298 -16.88 33.97 -11.31
C LYS B 298 -17.37 35.37 -10.90
N PRO B 299 -18.15 35.50 -9.81
CA PRO B 299 -18.62 36.80 -9.30
C PRO B 299 -17.56 37.54 -8.47
N LEU B 300 -16.48 36.88 -8.02
CA LEU B 300 -15.28 37.54 -7.47
C LEU B 300 -14.28 37.89 -8.58
N LYS B 301 -13.52 38.99 -8.39
CA LYS B 301 -12.38 39.38 -9.24
C LYS B 301 -11.23 39.97 -8.42
N HIS B 302 -10.03 39.95 -8.98
CA HIS B 302 -8.81 40.46 -8.33
C HIS B 302 -8.80 41.99 -8.16
N LYS B 303 -8.01 42.46 -7.18
CA LYS B 303 -7.80 43.90 -6.89
C LYS B 303 -7.05 44.62 -8.02
N ASN B 304 -7.33 45.90 -8.20
CA ASN B 304 -6.49 46.83 -8.97
C ASN B 304 -5.73 47.76 -8.00
N SER B 305 -4.41 47.71 -8.04
CA SER B 305 -3.48 48.47 -7.18
C SER B 305 -2.25 48.88 -8.00
N SER B 306 -2.40 49.92 -8.83
CA SER B 306 -1.47 50.26 -9.91
C SER B 306 -1.33 49.11 -10.94
N GLY B 307 -2.48 48.59 -11.38
CA GLY B 307 -2.61 47.38 -12.20
C GLY B 307 -3.16 46.18 -11.42
N GLU B 308 -3.61 45.16 -12.14
CA GLU B 308 -4.25 43.96 -11.56
C GLU B 308 -3.25 43.07 -10.79
N VAL B 309 -3.63 42.61 -9.59
CA VAL B 309 -2.85 41.59 -8.85
C VAL B 309 -3.14 40.18 -9.39
N LYS B 310 -2.09 39.48 -9.82
CA LYS B 310 -2.10 38.09 -10.32
C LYS B 310 -0.70 37.51 -10.39
N LEU B 311 -0.57 36.19 -10.51
CA LEU B 311 0.72 35.56 -10.87
C LEU B 311 1.03 35.80 -12.35
N GLU B 312 2.03 36.63 -12.63
CA GLU B 312 2.41 37.10 -13.97
C GLU B 312 3.95 37.27 -13.99
N ALA B 313 4.67 36.20 -14.33
CA ALA B 313 6.11 36.09 -14.08
C ALA B 313 6.95 37.21 -14.71
N GLU B 314 6.65 37.63 -15.95
CA GLU B 314 7.42 38.65 -16.67
C GLU B 314 7.40 40.05 -16.02
N LYS B 315 6.43 40.37 -15.15
CA LYS B 315 6.42 41.63 -14.37
C LYS B 315 7.00 41.52 -12.96
N GLU B 316 7.49 40.34 -12.56
CA GLU B 316 8.11 40.11 -11.24
C GLU B 316 9.58 39.66 -11.36
N PHE B 317 9.88 38.76 -12.30
CA PHE B 317 11.23 38.21 -12.53
C PHE B 317 11.95 38.92 -13.69
N THR B 318 12.65 40.02 -13.38
CA THR B 318 13.39 40.83 -14.37
C THR B 318 14.64 40.12 -14.94
N GLU B 319 15.17 39.12 -14.25
CA GLU B 319 16.25 38.23 -14.70
C GLU B 319 15.98 36.81 -14.22
N ALA B 320 14.93 36.19 -14.78
CA ALA B 320 14.36 34.93 -14.29
C ALA B 320 15.38 33.78 -14.22
N TRP B 321 15.40 33.07 -13.09
CA TRP B 321 16.21 31.86 -12.88
C TRP B 321 15.77 30.72 -13.80
N LYS B 322 16.74 30.04 -14.42
CA LYS B 322 16.55 28.98 -15.42
C LYS B 322 17.57 27.86 -15.25
N PRO B 323 17.28 26.63 -15.68
CA PRO B 323 18.22 25.51 -15.70
C PRO B 323 19.55 25.80 -16.42
N LEU B 324 20.63 25.12 -16.01
CA LEU B 324 21.88 25.07 -16.79
C LEU B 324 21.65 24.46 -18.18
N LEU B 325 20.88 23.37 -18.29
CA LEU B 325 20.40 22.81 -19.57
C LEU B 325 18.96 22.26 -19.43
N THR B 326 18.22 22.30 -20.53
CA THR B 326 16.86 21.73 -20.64
C THR B 326 16.87 20.22 -20.86
N THR B 327 15.76 19.54 -20.61
CA THR B 327 15.67 18.08 -20.80
C THR B 327 15.89 17.65 -22.26
N ASP B 328 15.48 18.46 -23.23
CA ASP B 328 15.68 18.22 -24.67
C ASP B 328 17.10 18.56 -25.16
N GLN B 329 17.85 19.39 -24.42
CA GLN B 329 19.29 19.56 -24.65
C GLN B 329 20.08 18.36 -24.13
N ILE B 330 19.88 17.95 -22.87
CA ILE B 330 20.66 16.88 -22.23
C ILE B 330 20.48 15.53 -22.96
N ALA B 331 19.32 15.28 -23.54
CA ALA B 331 19.04 14.08 -24.33
C ALA B 331 19.84 13.99 -25.64
N ARG B 332 20.07 15.13 -26.31
CA ARG B 332 20.66 15.21 -27.66
C ARG B 332 22.15 15.58 -27.68
N GLU B 333 22.59 16.40 -26.73
CA GLU B 333 24.01 16.72 -26.50
C GLU B 333 24.67 15.59 -25.68
N LYS B 334 25.06 14.50 -26.36
CA LYS B 334 25.42 13.20 -25.75
C LYS B 334 26.58 13.26 -24.74
N GLY B 335 27.41 14.30 -24.80
CA GLY B 335 28.47 14.58 -23.82
C GLY B 335 27.99 15.09 -22.46
N MET B 336 26.80 15.70 -22.38
CA MET B 336 26.23 16.28 -21.14
C MET B 336 25.30 15.32 -20.38
N GLY B 337 24.76 14.28 -21.02
CA GLY B 337 24.00 13.22 -20.33
C GLY B 337 24.91 12.28 -19.52
N ALA B 338 24.39 11.74 -18.42
CA ALA B 338 25.05 10.67 -17.67
C ALA B 338 25.10 9.34 -18.46
N THR B 339 26.06 8.48 -18.13
CA THR B 339 26.34 7.22 -18.84
C THR B 339 26.56 6.09 -17.83
N VAL B 340 26.10 4.88 -18.12
CA VAL B 340 26.52 3.65 -17.42
C VAL B 340 27.23 2.74 -18.41
N VAL B 341 28.33 2.12 -17.99
CA VAL B 341 29.00 1.07 -18.79
C VAL B 341 29.18 -0.21 -17.97
N SER B 342 29.09 -1.36 -18.65
CA SER B 342 29.59 -2.61 -18.10
C SER B 342 31.08 -2.76 -18.41
N PHE B 343 31.82 -3.44 -17.53
CA PHE B 343 33.25 -3.73 -17.72
C PHE B 343 33.67 -5.04 -17.05
N TYR B 344 34.81 -5.57 -17.49
CA TYR B 344 35.39 -6.82 -17.01
C TYR B 344 36.77 -6.55 -16.40
N ASP B 345 37.06 -7.24 -15.28
CA ASP B 345 38.28 -7.03 -14.49
C ASP B 345 38.80 -8.35 -13.87
N ALA B 346 40.13 -8.51 -13.84
CA ALA B 346 40.82 -9.55 -13.07
C ALA B 346 42.20 -9.02 -12.56
N PRO B 347 42.56 -9.21 -11.28
CA PRO B 347 43.66 -8.48 -10.64
C PRO B 347 45.10 -8.86 -11.05
N TYR B 348 45.32 -10.06 -11.58
CA TYR B 348 46.67 -10.61 -11.82
C TYR B 348 46.90 -11.13 -13.25
N SER B 349 45.98 -10.85 -14.18
CA SER B 349 46.09 -11.20 -15.60
C SER B 349 47.06 -10.29 -16.38
N GLU B 350 47.52 -10.73 -17.55
CA GLU B 350 48.18 -9.83 -18.51
C GLU B 350 47.19 -8.77 -19.06
N ASN B 351 46.06 -9.20 -19.63
CA ASN B 351 44.95 -8.32 -20.04
C ASN B 351 43.98 -8.09 -18.87
N HIS B 352 44.36 -7.30 -17.87
CA HIS B 352 43.63 -7.20 -16.59
C HIS B 352 42.25 -6.53 -16.66
N THR B 353 42.02 -5.58 -17.57
CA THR B 353 40.75 -4.84 -17.68
C THR B 353 40.36 -4.52 -19.12
N ALA B 354 39.06 -4.60 -19.43
CA ALA B 354 38.48 -4.16 -20.70
C ALA B 354 36.96 -3.90 -20.58
N PHE B 355 36.39 -3.15 -21.52
CA PHE B 355 34.98 -2.71 -21.47
C PHE B 355 34.00 -3.77 -22.02
N GLY B 356 32.74 -3.69 -21.59
CA GLY B 356 31.61 -4.40 -22.18
C GLY B 356 30.84 -3.51 -23.14
N LEU B 357 29.72 -2.93 -22.67
CA LEU B 357 28.77 -2.11 -23.44
C LEU B 357 28.52 -0.75 -22.75
N VAL B 358 28.05 0.23 -23.53
CA VAL B 358 27.79 1.62 -23.10
C VAL B 358 26.30 1.96 -23.24
N ASP B 359 25.69 2.58 -22.21
CA ASP B 359 24.32 3.10 -22.24
C ASP B 359 24.21 4.54 -21.73
N HIS B 360 23.44 5.37 -22.44
CA HIS B 360 23.04 6.71 -22.01
C HIS B 360 21.88 6.64 -21.01
N ILE B 361 22.00 7.33 -19.87
CA ILE B 361 20.90 7.51 -18.92
C ILE B 361 20.03 8.68 -19.40
N ASP B 362 19.39 8.48 -20.55
CA ASP B 362 18.69 9.51 -21.33
C ASP B 362 17.45 10.05 -20.59
N PRO B 363 17.37 11.38 -20.31
CA PRO B 363 16.20 11.98 -19.66
C PRO B 363 14.86 11.62 -20.31
N LYS B 364 14.80 11.46 -21.64
CA LYS B 364 13.53 11.13 -22.34
C LYS B 364 13.00 9.75 -21.92
N LYS B 365 13.87 8.80 -21.57
CA LYS B 365 13.48 7.48 -21.04
C LYS B 365 12.90 7.54 -19.61
N MET B 366 12.99 8.69 -18.93
CA MET B 366 12.27 9.02 -17.70
C MET B 366 11.04 9.89 -17.98
N VAL B 367 11.20 11.01 -18.71
CA VAL B 367 10.14 12.02 -18.96
C VAL B 367 8.98 11.47 -19.79
N GLU B 368 9.23 10.62 -20.79
CA GLU B 368 8.16 9.95 -21.54
C GLU B 368 7.45 8.85 -20.73
N ASN B 369 7.95 8.50 -19.54
CA ASN B 369 7.31 7.60 -18.57
C ASN B 369 6.63 8.35 -17.41
N TYR B 370 6.60 9.69 -17.43
CA TYR B 370 5.73 10.45 -16.53
C TYR B 370 4.23 10.17 -16.83
N PRO B 371 3.36 10.09 -15.80
CA PRO B 371 1.92 9.98 -15.96
C PRO B 371 1.29 11.06 -16.87
N PRO B 372 0.17 10.77 -17.59
CA PRO B 372 -0.47 11.71 -18.51
C PRO B 372 -0.80 13.10 -17.92
N SER B 373 -1.20 13.17 -16.64
CA SER B 373 -1.49 14.46 -15.96
C SER B 373 -0.26 15.36 -15.82
N TRP B 374 0.96 14.83 -15.87
CA TRP B 374 2.21 15.61 -15.78
C TRP B 374 2.49 16.42 -17.06
N LYS B 375 1.70 16.22 -18.12
CA LYS B 375 1.63 17.13 -19.28
C LYS B 375 0.93 18.45 -18.94
N THR B 376 0.13 18.50 -17.87
CA THR B 376 -0.67 19.66 -17.43
C THR B 376 -0.58 19.88 -15.91
N PRO B 377 0.60 20.20 -15.35
CA PRO B 377 0.81 20.36 -13.90
C PRO B 377 0.09 21.55 -13.27
N LYS B 378 -0.44 22.48 -14.08
CA LYS B 378 -1.35 23.58 -13.69
C LYS B 378 -2.83 23.16 -13.55
N TRP B 379 -3.16 21.88 -13.74
CA TRP B 379 -4.53 21.34 -13.64
C TRP B 379 -4.59 20.08 -12.76
N ASN B 380 -5.75 19.80 -12.17
CA ASN B 380 -5.99 18.64 -11.30
C ASN B 380 -7.42 18.10 -11.46
N HIS B 381 -7.74 16.92 -10.89
CA HIS B 381 -9.04 16.28 -11.14
C HIS B 381 -10.26 17.02 -10.55
N HIS B 382 -10.09 17.94 -9.59
CA HIS B 382 -11.17 18.83 -9.12
C HIS B 382 -11.42 20.01 -10.06
N GLY B 383 -10.40 20.46 -10.79
CA GLY B 383 -10.54 21.38 -11.93
C GLY B 383 -11.03 22.78 -11.57
N ILE B 384 -12.04 23.27 -12.31
CA ILE B 384 -12.46 24.67 -12.40
C ILE B 384 -12.65 25.42 -11.08
N TRP B 385 -13.35 24.85 -10.09
CA TRP B 385 -13.60 25.56 -8.83
C TRP B 385 -12.32 25.69 -7.99
N ASP B 386 -11.49 24.65 -7.97
CA ASP B 386 -10.24 24.60 -7.23
C ASP B 386 -9.17 25.50 -7.87
N TYR B 387 -9.09 25.47 -9.20
CA TYR B 387 -8.27 26.38 -10.00
C TYR B 387 -8.59 27.86 -9.67
N ASN B 388 -9.89 28.23 -9.69
CA ASN B 388 -10.31 29.58 -9.35
C ASN B 388 -10.05 29.93 -7.87
N ALA B 389 -10.37 29.04 -6.92
CA ALA B 389 -10.12 29.31 -5.50
C ALA B 389 -8.63 29.51 -5.19
N ARG B 390 -7.73 28.73 -5.80
CA ARG B 390 -6.28 28.91 -5.68
C ARG B 390 -5.80 30.21 -6.32
N ASN B 391 -6.25 30.53 -7.54
CA ASN B 391 -5.85 31.76 -8.21
C ASN B 391 -6.38 33.03 -7.47
N LEU B 392 -7.58 32.98 -6.88
CA LEU B 392 -8.14 34.04 -6.05
C LEU B 392 -7.31 34.28 -4.77
N LEU B 393 -6.77 33.21 -4.16
CA LEU B 393 -5.84 33.29 -3.02
C LEU B 393 -4.36 33.48 -3.46
N LEU B 394 -4.09 33.74 -4.75
CA LEU B 394 -2.75 33.94 -5.33
C LEU B 394 -1.79 32.74 -5.11
N GLN B 395 -2.32 31.51 -5.11
CA GLN B 395 -1.57 30.26 -4.94
C GLN B 395 -1.24 29.57 -6.28
N THR B 396 -0.32 28.60 -6.24
CA THR B 396 -0.10 27.63 -7.32
C THR B 396 -1.38 26.84 -7.63
N THR B 397 -1.83 26.87 -8.89
CA THR B 397 -2.89 25.99 -9.43
C THR B 397 -2.35 24.62 -9.84
N GLY B 398 -3.24 23.61 -9.92
CA GLY B 398 -2.89 22.24 -10.34
C GLY B 398 -2.32 21.38 -9.21
N PHE B 399 -1.11 20.86 -9.41
CA PHE B 399 -0.39 20.04 -8.41
C PHE B 399 1.15 20.14 -8.46
N PHE B 400 1.76 20.82 -9.44
CA PHE B 400 3.23 20.83 -9.57
C PHE B 400 3.85 22.07 -10.27
N ASN B 401 3.17 23.22 -10.36
CA ASN B 401 3.65 24.35 -11.17
C ASN B 401 5.01 24.96 -10.67
N PRO B 402 5.76 25.66 -11.55
CA PRO B 402 7.10 26.14 -11.24
C PRO B 402 7.18 27.30 -10.24
N ARG B 403 6.09 27.96 -9.84
CA ARG B 403 6.13 29.04 -8.82
C ARG B 403 6.67 28.52 -7.48
N ARG B 404 6.31 27.30 -7.09
CA ARG B 404 6.95 26.56 -5.98
C ARG B 404 8.11 25.67 -6.43
N HIS B 405 8.01 25.02 -7.60
CA HIS B 405 8.90 23.90 -8.00
C HIS B 405 9.66 24.15 -9.32
N PRO B 406 10.46 25.21 -9.48
CA PRO B 406 11.06 25.56 -10.77
C PRO B 406 12.12 24.57 -11.27
N GLU B 407 12.61 23.66 -10.41
CA GLU B 407 13.72 22.75 -10.70
C GLU B 407 13.40 21.71 -11.79
N TRP B 408 12.13 21.38 -12.00
CA TRP B 408 11.66 20.40 -12.98
C TRP B 408 11.14 21.02 -14.30
N PHE B 409 11.31 22.33 -14.52
CA PHE B 409 10.79 23.03 -15.71
C PHE B 409 11.90 23.66 -16.54
N ASP B 410 11.90 23.43 -17.86
CA ASP B 410 12.94 23.89 -18.79
C ASP B 410 13.11 25.43 -18.86
N GLU B 411 12.06 26.19 -18.57
CA GLU B 411 12.07 27.66 -18.51
C GLU B 411 12.10 28.22 -17.07
N GLY B 412 12.23 27.37 -16.05
CA GLY B 412 12.39 27.78 -14.65
C GLY B 412 11.32 28.78 -14.16
N GLN B 413 11.75 29.90 -13.59
CA GLN B 413 10.86 30.95 -13.07
C GLN B 413 10.10 31.71 -14.18
N ALA B 414 10.52 31.66 -15.45
CA ALA B 414 9.88 32.42 -16.53
C ALA B 414 8.45 31.96 -16.87
N LYS B 415 8.02 30.79 -16.37
CA LYS B 415 6.65 30.24 -16.48
C LYS B 415 5.92 30.09 -15.13
N ALA B 416 6.35 30.85 -14.12
CA ALA B 416 5.79 30.83 -12.75
C ALA B 416 4.41 31.51 -12.65
N ASP B 417 3.42 30.98 -13.36
CA ASP B 417 2.08 31.57 -13.53
C ASP B 417 0.98 30.51 -13.63
N ASN B 418 -0.28 30.91 -13.39
CA ASN B 418 -1.46 30.05 -13.50
C ASN B 418 -2.10 30.03 -14.90
N THR B 419 -1.55 30.72 -15.90
CA THR B 419 -2.19 30.90 -17.21
C THR B 419 -2.15 29.63 -18.08
N SER B 420 -3.17 29.47 -18.93
CA SER B 420 -3.29 28.41 -19.95
C SER B 420 -2.93 27.00 -19.44
N PRO B 421 -3.74 26.41 -18.54
CA PRO B 421 -3.39 25.18 -17.82
C PRO B 421 -3.54 23.87 -18.62
N GLY B 422 -3.58 23.94 -19.96
CA GLY B 422 -4.01 22.82 -20.81
C GLY B 422 -5.53 22.66 -20.92
N PHE B 423 -6.29 23.60 -20.33
CA PHE B 423 -7.76 23.64 -20.36
C PHE B 423 -8.23 25.07 -20.67
N LYS B 424 -9.37 25.19 -21.35
CA LYS B 424 -10.03 26.46 -21.68
C LYS B 424 -10.66 27.08 -20.43
N VAL B 425 -10.12 28.20 -19.97
CA VAL B 425 -10.58 28.93 -18.76
C VAL B 425 -10.45 30.46 -18.93
N GLY B 426 -11.31 31.23 -18.26
CA GLY B 426 -11.27 32.69 -18.26
C GLY B 426 -11.98 33.39 -19.44
N ASP B 427 -12.82 32.69 -20.21
CA ASP B 427 -13.67 33.29 -21.26
C ASP B 427 -14.90 34.00 -20.66
N THR B 428 -15.69 34.69 -21.48
CA THR B 428 -16.81 35.55 -21.03
C THR B 428 -18.07 34.81 -20.53
N ASP B 429 -18.10 33.48 -20.58
CA ASP B 429 -19.28 32.66 -20.25
C ASP B 429 -18.88 31.38 -19.50
N HIS B 430 -19.50 31.10 -18.35
CA HIS B 430 -19.21 29.92 -17.53
C HIS B 430 -19.49 28.60 -18.28
N LYS B 431 -20.37 28.61 -19.28
CA LYS B 431 -20.67 27.43 -20.13
C LYS B 431 -19.60 27.19 -21.21
N LYS B 432 -18.79 28.22 -21.54
CA LYS B 432 -17.71 28.19 -22.54
C LYS B 432 -16.38 27.68 -21.96
N ASP B 433 -16.10 28.00 -20.70
CA ASP B 433 -14.96 27.41 -19.96
C ASP B 433 -15.15 25.89 -19.74
N GLY B 434 -14.04 25.17 -19.51
CA GLY B 434 -14.04 23.78 -19.05
C GLY B 434 -13.96 22.71 -20.16
N PHE B 435 -12.99 22.86 -21.07
CA PHE B 435 -12.67 21.90 -22.13
C PHE B 435 -11.15 21.70 -22.26
N LYS B 436 -10.68 20.48 -22.55
CA LYS B 436 -9.27 20.14 -22.81
C LYS B 436 -8.73 20.88 -24.05
N LYS B 437 -7.47 21.34 -23.99
CA LYS B 437 -6.73 21.94 -25.11
C LYS B 437 -5.21 21.67 -25.03
N ASN B 438 -4.41 22.35 -25.86
CA ASN B 438 -2.94 22.27 -25.83
C ASN B 438 -2.34 22.84 -24.53
N SER B 439 -1.30 22.19 -24.00
CA SER B 439 -0.61 22.62 -22.76
C SER B 439 0.43 23.72 -22.99
N SER B 440 0.63 24.58 -21.98
CA SER B 440 1.66 25.64 -22.00
C SER B 440 3.02 25.22 -21.42
N SER B 441 3.08 24.23 -20.51
CA SER B 441 4.34 23.75 -19.89
C SER B 441 4.17 22.38 -19.20
N PRO B 442 4.70 21.27 -19.74
CA PRO B 442 4.73 19.97 -19.07
C PRO B 442 5.86 19.89 -18.02
N ILE B 443 5.81 18.91 -17.12
CA ILE B 443 6.95 18.56 -16.26
C ILE B 443 8.08 17.95 -17.11
N ALA B 444 9.33 18.35 -16.86
CA ALA B 444 10.53 17.92 -17.59
C ALA B 444 11.54 17.24 -16.65
N LEU B 445 12.80 17.11 -17.09
CA LEU B 445 13.92 16.73 -16.22
C LEU B 445 15.19 17.55 -16.57
N PRO B 446 15.20 18.87 -16.25
CA PRO B 446 16.35 19.74 -16.51
C PRO B 446 17.58 19.38 -15.66
N PHE B 447 18.73 19.99 -15.98
CA PHE B 447 20.04 19.66 -15.42
C PHE B 447 20.07 19.47 -13.89
N GLU B 448 19.48 20.39 -13.13
CA GLU B 448 19.53 20.38 -11.67
C GLU B 448 18.77 19.19 -11.06
N ALA B 449 17.53 18.96 -11.49
CA ALA B 449 16.76 17.79 -11.09
C ALA B 449 17.37 16.50 -11.64
N TYR B 450 17.93 16.52 -12.85
CA TYR B 450 18.52 15.35 -13.49
C TYR B 450 19.65 14.74 -12.65
N PHE B 451 20.66 15.51 -12.23
CA PHE B 451 21.74 14.95 -11.40
C PHE B 451 21.32 14.66 -9.95
N ALA B 452 20.24 15.24 -9.44
CA ALA B 452 19.64 14.75 -8.20
C ALA B 452 18.95 13.37 -8.39
N ASN B 453 18.46 13.06 -9.59
CA ASN B 453 17.98 11.72 -9.96
C ASN B 453 19.09 10.74 -10.39
N ILE B 454 20.38 11.06 -10.19
CA ILE B 454 21.55 10.21 -10.52
C ILE B 454 22.28 9.81 -9.23
N GLY B 455 22.82 8.58 -9.18
CA GLY B 455 23.45 7.97 -8.00
C GLY B 455 22.60 6.90 -7.31
N ASN B 456 23.17 6.25 -6.29
CA ASN B 456 22.60 5.15 -5.52
C ASN B 456 22.20 3.95 -6.40
N MET B 457 23.21 3.17 -6.80
CA MET B 457 23.07 1.99 -7.64
C MET B 457 22.85 0.68 -6.85
N VAL B 458 22.23 -0.30 -7.49
CA VAL B 458 22.16 -1.71 -7.05
C VAL B 458 22.00 -2.62 -8.28
N ALA B 459 22.40 -3.89 -8.19
CA ALA B 459 22.25 -4.87 -9.27
C ALA B 459 21.37 -6.07 -8.83
N ILE B 460 20.47 -6.52 -9.70
CA ILE B 460 19.54 -7.63 -9.44
C ILE B 460 19.35 -8.45 -10.73
N GLY B 461 19.64 -9.75 -10.68
CA GLY B 461 19.64 -10.60 -11.87
C GLY B 461 20.52 -10.05 -13.00
N ASN B 462 20.02 -10.10 -14.24
CA ASN B 462 20.67 -9.50 -15.42
C ASN B 462 20.31 -8.00 -15.59
N SER B 463 20.27 -7.23 -14.49
CA SER B 463 19.92 -5.80 -14.51
C SER B 463 20.60 -4.99 -13.39
N VAL B 464 20.67 -3.67 -13.57
CA VAL B 464 21.27 -2.70 -12.64
C VAL B 464 20.43 -1.41 -12.61
N PHE B 465 20.47 -0.68 -11.50
CA PHE B 465 19.53 0.40 -11.19
C PHE B 465 20.23 1.69 -10.76
N ILE B 466 19.51 2.81 -10.77
CA ILE B 466 19.95 4.12 -10.26
C ILE B 466 18.76 4.77 -9.52
N PHE B 467 18.79 4.81 -8.19
CA PHE B 467 17.71 5.37 -7.35
C PHE B 467 17.82 6.88 -7.11
N GLY B 468 18.82 7.56 -7.68
CA GLY B 468 19.05 8.98 -7.49
C GLY B 468 19.74 9.31 -6.17
N GLY B 469 20.29 10.51 -6.07
CA GLY B 469 21.11 10.96 -4.94
C GLY B 469 20.31 11.60 -3.80
N ASN B 470 21.02 12.32 -2.94
CA ASN B 470 20.43 13.23 -1.95
C ASN B 470 20.15 14.65 -2.54
N GLY B 471 20.66 14.95 -3.73
CA GLY B 471 20.53 16.25 -4.42
C GLY B 471 21.65 17.25 -4.17
N HIS B 472 22.63 16.96 -3.31
CA HIS B 472 23.80 17.84 -3.07
C HIS B 472 24.75 18.00 -4.27
N ALA B 473 24.53 17.32 -5.40
CA ALA B 473 25.15 17.70 -6.68
C ALA B 473 24.74 19.12 -7.14
N THR B 474 23.46 19.48 -6.97
CA THR B 474 22.82 20.59 -7.69
C THR B 474 21.93 21.49 -6.81
N LYS B 475 21.71 21.15 -5.54
CA LYS B 475 21.01 21.98 -4.55
C LYS B 475 21.66 23.35 -4.37
N MET B 476 20.84 24.38 -4.14
CA MET B 476 21.24 25.74 -3.76
C MET B 476 20.36 26.20 -2.58
N PHE B 477 20.67 27.31 -1.91
CA PHE B 477 19.99 27.68 -0.66
C PHE B 477 18.49 27.99 -0.81
N THR B 478 18.00 28.32 -2.01
CA THR B 478 16.56 28.46 -2.32
C THR B 478 16.09 27.51 -3.45
N THR B 479 16.80 26.41 -3.70
CA THR B 479 16.52 25.49 -4.82
C THR B 479 16.68 24.02 -4.37
N ASN B 480 15.65 23.18 -4.51
CA ASN B 480 15.56 21.84 -3.90
C ASN B 480 15.32 20.71 -4.93
N PRO B 481 16.31 20.37 -5.78
CA PRO B 481 16.24 19.18 -6.63
C PRO B 481 16.40 17.90 -5.79
N LEU B 482 15.69 16.83 -6.18
CA LEU B 482 15.61 15.54 -5.45
C LEU B 482 15.57 14.35 -6.43
N SER B 483 15.82 13.14 -5.92
CA SER B 483 15.45 11.91 -6.64
C SER B 483 13.92 11.82 -6.75
N ILE B 484 13.40 11.81 -7.96
CA ILE B 484 11.96 11.69 -8.27
C ILE B 484 11.58 10.26 -8.70
N GLY B 485 12.54 9.36 -8.88
CA GLY B 485 12.28 7.96 -9.20
C GLY B 485 13.53 7.08 -9.33
N VAL B 486 13.42 6.06 -10.20
CA VAL B 486 14.48 5.05 -10.41
C VAL B 486 14.72 4.81 -11.90
N PHE B 487 15.98 4.74 -12.33
CA PHE B 487 16.34 4.17 -13.64
C PHE B 487 16.69 2.68 -13.49
N ARG B 488 16.48 1.89 -14.55
CA ARG B 488 16.97 0.52 -14.72
C ARG B 488 17.68 0.35 -16.07
N ILE B 489 18.78 -0.37 -16.07
CA ILE B 489 19.51 -0.85 -17.24
C ILE B 489 19.47 -2.38 -17.21
N LYS B 490 19.08 -3.02 -18.31
CA LYS B 490 18.83 -4.46 -18.44
C LYS B 490 19.66 -5.05 -19.57
N TYR B 491 20.11 -6.31 -19.43
CA TYR B 491 20.97 -6.99 -20.39
C TYR B 491 20.30 -8.23 -20.99
N THR B 492 20.56 -8.47 -22.28
CA THR B 492 19.84 -9.46 -23.12
C THR B 492 20.77 -10.19 -24.09
N ASP B 493 20.30 -11.32 -24.64
CA ASP B 493 21.06 -12.23 -25.50
C ASP B 493 22.39 -12.68 -24.87
N ASN B 494 22.32 -13.12 -23.60
CA ASN B 494 23.45 -13.50 -22.76
C ASN B 494 24.52 -12.39 -22.68
N PHE B 495 24.10 -11.18 -22.25
CA PHE B 495 24.93 -9.97 -22.18
C PHE B 495 25.55 -9.53 -23.53
N SER B 496 24.97 -9.90 -24.67
CA SER B 496 25.37 -9.39 -26.00
C SER B 496 24.74 -8.03 -26.32
N LYS B 497 23.62 -7.68 -25.67
CA LYS B 497 22.80 -6.48 -25.90
C LYS B 497 22.28 -5.89 -24.58
N SER B 498 21.78 -4.65 -24.61
CA SER B 498 21.25 -3.95 -23.44
C SER B 498 20.08 -3.00 -23.77
N SER B 499 19.35 -2.58 -22.73
CA SER B 499 18.19 -1.68 -22.76
C SER B 499 18.17 -0.78 -21.51
N VAL B 500 17.54 0.40 -21.59
CA VAL B 500 17.51 1.42 -20.52
C VAL B 500 16.13 2.07 -20.38
N THR B 501 15.73 2.36 -19.14
CA THR B 501 14.41 2.92 -18.78
C THR B 501 14.44 3.61 -17.41
N GLY B 502 13.39 4.35 -17.05
CA GLY B 502 13.15 4.80 -15.69
C GLY B 502 11.67 5.14 -15.42
N TRP B 503 11.29 5.19 -14.14
CA TRP B 503 9.91 5.47 -13.71
C TRP B 503 9.88 6.32 -12.42
N PRO B 504 8.88 7.21 -12.23
CA PRO B 504 8.76 8.01 -11.02
C PRO B 504 8.26 7.22 -9.80
N TYR B 505 8.65 7.63 -8.58
CA TYR B 505 8.15 7.02 -7.34
C TYR B 505 6.63 7.12 -7.18
N ALA B 506 5.98 8.09 -7.84
CA ALA B 506 4.54 8.32 -7.76
C ALA B 506 3.67 7.11 -8.14
N VAL B 507 4.10 6.34 -9.15
CA VAL B 507 3.43 5.09 -9.54
C VAL B 507 3.99 3.88 -8.78
N LEU B 508 5.29 3.80 -8.51
CA LEU B 508 5.91 2.70 -7.75
C LEU B 508 5.43 2.63 -6.28
N PHE B 509 5.11 3.75 -5.64
CA PHE B 509 4.56 3.80 -4.27
C PHE B 509 3.02 3.67 -4.21
N GLY B 510 2.33 3.46 -5.34
CA GLY B 510 0.86 3.48 -5.40
C GLY B 510 0.14 2.41 -4.57
N GLY B 511 0.83 1.33 -4.19
CA GLY B 511 0.30 0.25 -3.34
C GLY B 511 0.44 0.47 -1.83
N LEU B 512 0.98 1.60 -1.35
CA LEU B 512 1.11 1.87 0.09
C LEU B 512 -0.24 1.88 0.81
N ILE B 513 -0.31 1.20 1.96
CA ILE B 513 -1.51 1.08 2.82
C ILE B 513 -1.11 1.00 4.31
N ASN B 514 -2.03 1.36 5.20
CA ASN B 514 -1.80 1.38 6.66
C ASN B 514 -1.23 0.08 7.28
N PRO B 515 -1.59 -1.14 6.83
CA PRO B 515 -0.96 -2.38 7.28
C PRO B 515 0.56 -2.51 7.05
N GLN B 516 1.14 -1.75 6.13
CA GLN B 516 2.55 -1.93 5.70
C GLN B 516 3.60 -1.19 6.56
N THR B 517 3.20 -0.53 7.65
CA THR B 517 4.11 0.14 8.61
C THR B 517 3.77 -0.18 10.07
N ASN B 518 4.80 -0.36 10.91
CA ASN B 518 4.69 -0.48 12.37
C ASN B 518 4.72 0.86 13.11
N GLY B 519 4.92 1.99 12.41
CA GLY B 519 4.82 3.35 12.96
C GLY B 519 3.37 3.86 13.03
N LEU B 520 3.21 5.19 13.09
CA LEU B 520 1.91 5.86 13.06
C LEU B 520 1.16 5.67 11.73
N LYS B 521 -0.17 5.79 11.77
CA LYS B 521 -1.09 5.59 10.65
C LYS B 521 -1.57 6.92 10.04
N ASP B 522 -2.20 6.85 8.86
CA ASP B 522 -2.87 7.97 8.16
C ASP B 522 -1.94 9.13 7.69
N LEU B 523 -0.67 8.83 7.39
CA LEU B 523 0.28 9.84 6.85
C LEU B 523 -0.10 10.30 5.42
N PRO B 524 0.34 11.50 4.97
CA PRO B 524 -0.05 12.12 3.70
C PRO B 524 0.67 11.51 2.48
N LEU B 525 0.59 10.20 2.35
CA LEU B 525 1.31 9.38 1.37
C LEU B 525 0.37 8.67 0.37
N GLY B 526 -0.95 8.92 0.46
CA GLY B 526 -1.99 8.30 -0.37
C GLY B 526 -2.12 8.91 -1.77
N THR B 527 -2.77 8.16 -2.67
CA THR B 527 -2.95 8.50 -4.09
C THR B 527 -4.21 7.83 -4.69
N ASN B 528 -4.56 8.14 -5.94
CA ASN B 528 -5.72 7.65 -6.67
C ASN B 528 -5.41 7.39 -8.17
N ARG B 529 -6.42 7.20 -9.02
CA ARG B 529 -6.26 6.95 -10.48
C ARG B 529 -5.50 8.04 -11.26
N TRP B 530 -5.39 9.26 -10.72
CA TRP B 530 -4.52 10.32 -11.23
C TRP B 530 -3.31 10.52 -10.30
N PHE B 531 -2.10 10.43 -10.86
CA PHE B 531 -0.84 10.56 -10.10
C PHE B 531 -0.46 12.02 -9.81
N GLU B 532 -1.38 12.77 -9.20
CA GLU B 532 -1.23 14.17 -8.78
C GLU B 532 -0.46 14.34 -7.45
N TYR B 533 -0.41 13.30 -6.62
CA TYR B 533 0.60 13.17 -5.55
C TYR B 533 1.95 12.76 -6.17
N VAL B 534 3.01 13.52 -5.89
CA VAL B 534 4.33 13.35 -6.49
C VAL B 534 5.41 13.20 -5.40
N PRO B 535 5.62 11.98 -4.86
CA PRO B 535 6.68 11.72 -3.90
C PRO B 535 8.07 11.81 -4.54
N ARG B 536 9.01 12.44 -3.82
CA ARG B 536 10.43 12.54 -4.18
C ARG B 536 11.29 12.56 -2.92
N MET B 537 12.55 12.16 -3.06
CA MET B 537 13.42 11.79 -1.94
C MET B 537 14.82 12.36 -2.06
N ALA B 538 15.42 12.65 -0.92
CA ALA B 538 16.88 12.60 -0.80
C ALA B 538 17.24 11.18 -0.37
N VAL B 539 18.02 10.45 -1.18
CA VAL B 539 18.18 9.00 -1.01
C VAL B 539 19.50 8.68 -0.31
N SER B 540 19.42 7.92 0.78
CA SER B 540 20.57 7.44 1.56
C SER B 540 21.24 6.22 0.93
N GLY B 541 20.46 5.38 0.25
CA GLY B 541 20.95 4.28 -0.58
C GLY B 541 19.98 3.11 -0.69
N VAL B 542 20.41 2.09 -1.43
CA VAL B 542 19.73 0.78 -1.53
C VAL B 542 20.76 -0.34 -1.29
N LYS B 543 20.46 -1.28 -0.39
CA LYS B 543 21.35 -2.38 0.00
C LYS B 543 20.57 -3.65 0.41
N TRP B 544 21.26 -4.79 0.42
CA TRP B 544 20.76 -6.07 0.92
C TRP B 544 20.92 -6.18 2.45
N VAL B 545 19.82 -6.20 3.18
CA VAL B 545 19.75 -6.52 4.62
C VAL B 545 19.45 -8.00 4.78
N GLY B 546 20.50 -8.82 4.89
CA GLY B 546 20.37 -10.28 4.82
C GLY B 546 19.76 -10.72 3.47
N ASN B 547 18.60 -11.37 3.51
CA ASN B 547 17.84 -11.79 2.33
C ASN B 547 16.97 -10.67 1.69
N GLN B 548 16.78 -9.52 2.35
CA GLN B 548 15.81 -8.49 1.97
C GLN B 548 16.47 -7.27 1.31
N LEU B 549 15.99 -6.82 0.15
CA LEU B 549 16.43 -5.56 -0.47
C LEU B 549 15.72 -4.35 0.17
N VAL B 550 16.50 -3.37 0.64
CA VAL B 550 16.02 -2.24 1.45
C VAL B 550 16.47 -0.89 0.86
N LEU B 551 15.57 0.09 0.90
CA LEU B 551 15.77 1.50 0.53
C LEU B 551 15.73 2.38 1.78
N ALA B 552 16.52 3.47 1.81
CA ALA B 552 16.47 4.46 2.87
C ALA B 552 16.70 5.91 2.36
N GLY B 553 16.22 6.90 3.12
CA GLY B 553 16.41 8.33 2.83
C GLY B 553 15.45 9.25 3.61
N THR B 554 15.21 10.43 3.07
CA THR B 554 14.13 11.35 3.51
C THR B 554 13.21 11.65 2.33
N LEU B 555 11.92 11.83 2.61
CA LEU B 555 10.80 11.81 1.64
C LEU B 555 9.90 13.04 1.78
N THR B 556 9.34 13.51 0.67
CA THR B 556 8.22 14.48 0.64
C THR B 556 6.86 13.79 0.89
N MET B 557 6.15 14.21 1.94
CA MET B 557 4.69 14.03 2.04
C MET B 557 3.94 14.94 1.05
N GLY B 558 2.60 14.84 0.98
CA GLY B 558 1.77 15.96 0.52
C GLY B 558 1.87 17.20 1.42
N ASP B 559 1.55 18.38 0.91
CA ASP B 559 1.64 19.67 1.63
C ASP B 559 0.59 19.75 2.77
N THR B 560 1.04 19.60 4.01
CA THR B 560 0.22 19.72 5.23
C THR B 560 -0.03 21.17 5.67
N ALA B 561 0.69 22.16 5.14
CA ALA B 561 0.61 23.56 5.61
C ALA B 561 -0.57 24.36 5.02
N THR B 562 -1.19 23.87 3.93
CA THR B 562 -2.23 24.60 3.18
C THR B 562 -3.52 23.81 2.96
N VAL B 563 -3.74 22.71 3.69
CA VAL B 563 -5.03 21.98 3.70
C VAL B 563 -6.17 22.82 4.30
N PRO B 564 -6.00 23.51 5.45
CA PRO B 564 -6.91 24.60 5.83
C PRO B 564 -6.78 25.79 4.87
N ARG B 565 -7.89 26.48 4.57
CA ARG B 565 -7.96 27.53 3.53
C ARG B 565 -8.65 28.81 4.00
N LEU B 566 -8.12 29.97 3.60
CA LEU B 566 -8.56 31.30 4.05
C LEU B 566 -9.96 31.69 3.52
N LYS B 567 -10.69 32.53 4.28
CA LYS B 567 -11.77 33.35 3.72
C LYS B 567 -11.19 34.41 2.77
N TYR B 568 -11.90 34.73 1.69
CA TYR B 568 -11.38 35.45 0.52
C TYR B 568 -10.80 36.85 0.76
N ASP B 569 -11.30 37.63 1.73
CA ASP B 569 -10.92 39.04 1.91
C ASP B 569 -9.73 39.28 2.87
N GLN B 570 -9.42 38.35 3.79
CA GLN B 570 -8.55 38.61 4.95
C GLN B 570 -7.03 38.45 4.73
N LEU B 571 -6.53 38.39 3.50
CA LEU B 571 -5.10 38.12 3.22
C LEU B 571 -4.15 39.17 3.85
N GLU B 572 -4.57 40.44 3.95
CA GLU B 572 -3.75 41.54 4.51
C GLU B 572 -3.42 41.40 6.01
N LYS B 573 -4.12 40.51 6.73
CA LYS B 573 -3.84 40.13 8.13
C LYS B 573 -3.36 38.67 8.29
N HIS B 574 -2.95 38.02 7.19
CA HIS B 574 -2.44 36.62 7.15
C HIS B 574 -1.22 36.44 6.23
N LEU B 575 -0.29 37.40 6.22
CA LEU B 575 0.78 37.48 5.21
C LEU B 575 1.69 36.23 5.13
N ASN B 576 2.05 35.60 6.27
CA ASN B 576 2.86 34.37 6.24
C ASN B 576 2.12 33.20 5.58
N LEU B 577 0.82 33.04 5.83
CA LEU B 577 0.04 31.91 5.30
C LEU B 577 -0.11 31.96 3.77
N VAL B 578 -0.22 33.15 3.18
CA VAL B 578 -0.14 33.32 1.71
C VAL B 578 1.30 33.22 1.19
N ALA B 579 2.30 33.81 1.87
CA ALA B 579 3.71 33.72 1.46
C ALA B 579 4.24 32.27 1.40
N GLN B 580 3.78 31.42 2.33
CA GLN B 580 4.09 29.98 2.36
C GLN B 580 3.49 29.21 1.17
N GLY B 581 2.43 29.72 0.55
CA GLY B 581 1.87 29.18 -0.71
C GLY B 581 2.48 29.77 -1.99
N GLN B 582 3.04 30.99 -1.91
CA GLN B 582 3.57 31.79 -3.02
C GLN B 582 4.96 31.36 -3.53
N GLY B 583 5.62 30.40 -2.89
CA GLY B 583 7.05 30.10 -3.15
C GLY B 583 8.04 31.12 -2.56
N LEU B 584 7.54 32.17 -1.91
CA LEU B 584 8.35 33.21 -1.25
C LEU B 584 8.93 32.72 0.09
N LEU B 585 8.16 31.90 0.81
CA LEU B 585 8.58 31.18 2.01
C LEU B 585 8.51 29.67 1.72
N ARG B 586 9.67 29.02 1.61
CA ARG B 586 9.81 27.60 1.21
C ARG B 586 9.81 26.67 2.43
N GLU B 587 8.78 26.78 3.26
CA GLU B 587 8.64 26.05 4.53
C GLU B 587 7.46 25.06 4.49
N ASP B 588 7.68 23.84 4.99
CA ASP B 588 6.70 22.74 4.97
C ASP B 588 6.03 22.48 6.34
N LEU B 589 6.53 23.09 7.43
CA LEU B 589 5.91 22.98 8.76
C LEU B 589 4.50 23.60 8.81
N GLN B 590 3.60 22.95 9.55
CA GLN B 590 2.24 23.41 9.82
C GLN B 590 2.24 24.59 10.82
N ILE B 591 1.48 25.66 10.55
CA ILE B 591 1.46 26.91 11.35
C ILE B 591 0.03 27.24 11.83
N PHE B 592 -0.11 27.57 13.11
CA PHE B 592 -1.40 27.86 13.77
C PHE B 592 -2.01 29.20 13.29
N THR B 593 -3.11 29.12 12.54
CA THR B 593 -3.77 30.26 11.88
C THR B 593 -5.31 30.21 11.86
N PRO B 594 -6.03 29.54 12.80
CA PRO B 594 -7.43 29.14 12.58
C PRO B 594 -8.45 30.27 12.39
N TYR B 595 -8.20 31.44 12.98
CA TYR B 595 -9.18 32.54 13.02
C TYR B 595 -9.61 33.08 11.62
N GLY B 596 -8.78 32.87 10.58
CA GLY B 596 -9.05 33.31 9.20
C GLY B 596 -9.52 32.24 8.23
N TRP B 597 -9.63 30.97 8.64
CA TRP B 597 -10.05 29.89 7.73
C TRP B 597 -11.56 29.93 7.42
N ALA B 598 -11.95 29.46 6.24
CA ALA B 598 -13.34 29.20 5.85
C ALA B 598 -13.90 27.92 6.50
N ASN B 599 -15.22 27.72 6.41
CA ASN B 599 -15.95 26.59 7.02
C ASN B 599 -15.55 25.20 6.48
N ARG B 600 -15.28 25.09 5.17
CA ARG B 600 -14.71 23.89 4.51
C ARG B 600 -13.71 24.33 3.42
N PRO B 601 -12.62 23.60 3.18
CA PRO B 601 -11.72 23.81 2.05
C PRO B 601 -12.36 23.67 0.64
N ASP B 602 -13.54 23.06 0.53
CA ASP B 602 -14.11 22.60 -0.76
C ASP B 602 -15.45 23.28 -1.17
N ILE B 603 -15.81 24.41 -0.57
CA ILE B 603 -16.97 25.22 -1.03
C ILE B 603 -16.62 25.93 -2.37
N PRO B 604 -17.45 25.80 -3.44
CA PRO B 604 -17.16 26.41 -4.73
C PRO B 604 -17.31 27.94 -4.73
N VAL B 605 -16.52 28.62 -5.55
CA VAL B 605 -16.39 30.10 -5.56
C VAL B 605 -17.68 30.87 -5.87
N GLY B 606 -18.66 30.25 -6.54
CA GLY B 606 -19.98 30.85 -6.78
C GLY B 606 -20.87 30.97 -5.54
N ALA B 607 -20.56 30.20 -4.47
CA ALA B 607 -21.34 30.15 -3.24
C ALA B 607 -20.90 31.17 -2.16
N TRP B 608 -19.69 31.73 -2.24
CA TRP B 608 -19.07 32.46 -1.11
C TRP B 608 -19.81 33.75 -0.72
N LEU B 609 -20.30 34.53 -1.70
CA LEU B 609 -20.82 35.90 -1.54
C LEU B 609 -22.24 36.02 -0.94
N GLN B 610 -22.61 35.11 -0.04
CA GLN B 610 -23.93 35.02 0.60
C GLN B 610 -24.07 35.81 1.92
N ASP B 611 -22.99 36.37 2.47
CA ASP B 611 -23.03 37.27 3.63
C ASP B 611 -21.80 38.20 3.65
N GLU B 612 -21.75 39.18 2.73
CA GLU B 612 -20.66 40.18 2.64
C GLU B 612 -20.59 41.11 3.86
N MET B 613 -21.70 41.32 4.57
CA MET B 613 -21.74 42.11 5.82
C MET B 613 -21.29 41.30 7.05
N GLY B 614 -21.40 39.97 7.01
CA GLY B 614 -21.26 39.10 8.19
C GLY B 614 -22.46 39.15 9.15
N SER B 615 -23.56 39.81 8.79
CA SER B 615 -24.68 40.12 9.69
C SER B 615 -25.59 38.92 10.00
N LYS B 616 -25.46 37.82 9.25
CA LYS B 616 -26.12 36.53 9.51
C LYS B 616 -25.14 35.44 9.98
N PHE B 617 -23.88 35.80 10.26
CA PHE B 617 -22.78 34.84 10.49
C PHE B 617 -22.71 33.78 9.36
N GLY B 618 -22.86 34.22 8.11
CA GLY B 618 -22.67 33.45 6.87
C GLY B 618 -23.18 32.00 6.89
N PRO B 619 -24.51 31.77 6.90
CA PRO B 619 -25.08 30.43 7.09
C PRO B 619 -24.49 29.32 6.20
N HIS B 620 -24.11 29.62 4.95
CA HIS B 620 -23.49 28.66 4.03
C HIS B 620 -21.95 28.68 4.02
N TYR B 621 -21.33 29.76 4.50
CA TYR B 621 -19.89 30.06 4.40
C TYR B 621 -19.50 31.20 5.35
N PHE B 622 -18.65 30.91 6.35
CA PHE B 622 -18.19 31.86 7.38
C PHE B 622 -16.84 31.45 8.02
N LEU B 623 -16.33 32.25 8.96
CA LEU B 623 -15.06 32.01 9.65
C LEU B 623 -15.09 30.81 10.60
N ASN B 624 -14.03 30.01 10.58
CA ASN B 624 -13.84 28.80 11.40
C ASN B 624 -13.55 29.11 12.90
N ASN B 625 -14.58 29.46 13.68
CA ASN B 625 -14.51 29.45 15.14
C ASN B 625 -15.24 28.20 15.67
N PRO B 626 -14.64 27.39 16.59
CA PRO B 626 -15.20 26.08 16.92
C PRO B 626 -16.44 26.15 17.84
N ASP B 627 -16.58 27.21 18.65
CA ASP B 627 -17.66 27.33 19.64
C ASP B 627 -19.04 27.63 19.03
N ILE B 628 -19.09 28.30 17.87
CA ILE B 628 -20.32 28.82 17.23
C ILE B 628 -20.75 28.02 15.99
N GLN B 629 -20.36 26.74 15.91
CA GLN B 629 -20.89 25.78 14.93
C GLN B 629 -22.42 25.62 15.09
N ASP B 630 -23.15 25.47 13.98
CA ASP B 630 -24.59 25.21 14.03
C ASP B 630 -24.90 23.85 14.69
N ASN B 631 -25.79 23.80 15.67
CA ASN B 631 -26.15 22.53 16.29
C ASN B 631 -27.15 21.71 15.45
N VAL B 632 -26.76 20.54 14.93
CA VAL B 632 -27.69 19.60 14.26
C VAL B 632 -28.75 19.01 15.20
N ASN B 633 -28.52 19.03 16.52
CA ASN B 633 -29.42 18.57 17.59
C ASN B 633 -30.09 17.22 17.24
N ASN B 634 -31.36 17.22 16.83
CA ASN B 634 -31.92 16.20 15.92
C ASN B 634 -33.13 16.74 15.15
N ASP B 635 -33.87 17.69 15.71
CA ASP B 635 -34.92 18.43 14.99
C ASP B 635 -34.36 19.33 13.86
N THR B 636 -33.09 19.77 13.97
CA THR B 636 -32.50 20.75 13.04
C THR B 636 -32.21 20.17 11.65
N VAL B 637 -31.88 18.89 11.54
CA VAL B 637 -31.30 18.33 10.30
C VAL B 637 -32.21 18.47 9.08
N GLU B 638 -33.54 18.43 9.26
CA GLU B 638 -34.53 18.47 8.17
C GLU B 638 -34.47 19.78 7.35
N ALA B 639 -34.09 20.89 7.98
CA ALA B 639 -33.91 22.16 7.29
C ALA B 639 -32.54 22.33 6.62
N LEU B 640 -31.48 21.73 7.18
CA LEU B 640 -30.08 22.02 6.82
C LEU B 640 -29.40 20.94 5.97
N ILE B 641 -29.88 19.69 5.97
CA ILE B 641 -29.32 18.59 5.16
C ILE B 641 -30.34 17.49 4.80
N SER B 642 -31.22 17.10 5.72
CA SER B 642 -32.19 15.98 5.58
C SER B 642 -33.41 16.33 4.70
N SER B 643 -33.13 16.75 3.47
CA SER B 643 -34.10 17.02 2.39
C SER B 643 -33.42 17.20 1.02
N TYR B 644 -32.22 17.81 0.96
CA TYR B 644 -31.53 18.19 -0.27
C TYR B 644 -30.85 17.00 -0.99
N LYS B 645 -31.65 16.15 -1.65
CA LYS B 645 -31.16 15.02 -2.46
C LYS B 645 -30.53 15.49 -3.79
N ASN B 646 -29.37 14.92 -4.11
CA ASN B 646 -28.63 15.15 -5.36
C ASN B 646 -29.14 14.27 -6.53
N THR B 647 -28.72 14.59 -7.76
CA THR B 647 -29.06 13.87 -8.99
C THR B 647 -27.86 13.81 -9.95
N ASP B 648 -27.99 13.06 -11.05
CA ASP B 648 -27.00 12.99 -12.14
C ASP B 648 -26.72 14.34 -12.86
N LYS B 649 -27.39 15.44 -12.50
CA LYS B 649 -27.02 16.79 -12.91
C LYS B 649 -27.16 17.91 -11.85
N LEU B 650 -27.57 17.58 -10.62
CA LEU B 650 -27.86 18.57 -9.55
C LEU B 650 -27.14 18.19 -8.24
N LYS B 651 -26.41 19.13 -7.63
CA LYS B 651 -25.78 19.02 -6.30
C LYS B 651 -26.00 20.31 -5.50
N HIS B 652 -25.78 20.28 -4.17
CA HIS B 652 -26.16 21.38 -3.27
C HIS B 652 -25.01 21.88 -2.39
N VAL B 653 -25.06 23.16 -2.02
CA VAL B 653 -24.25 23.75 -0.93
C VAL B 653 -25.16 24.09 0.25
N TYR B 654 -24.90 23.47 1.40
CA TYR B 654 -25.80 23.51 2.57
C TYR B 654 -25.77 24.83 3.34
N PRO B 655 -26.89 25.26 3.96
CA PRO B 655 -26.97 26.42 4.85
C PRO B 655 -26.48 26.10 6.28
N TYR B 656 -25.38 25.36 6.40
CA TYR B 656 -24.82 24.86 7.68
C TYR B 656 -23.41 25.40 7.98
N ARG B 657 -23.22 25.99 9.18
CA ARG B 657 -21.94 26.51 9.70
C ARG B 657 -20.98 25.40 10.17
N TYR B 658 -20.33 24.69 9.24
CA TYR B 658 -19.23 23.76 9.54
C TYR B 658 -18.04 24.45 10.23
N SER B 659 -17.37 23.78 11.19
CA SER B 659 -16.15 24.28 11.84
C SER B 659 -15.29 23.17 12.49
N GLY B 660 -13.98 23.39 12.59
CA GLY B 660 -13.04 22.50 13.33
C GLY B 660 -11.56 22.88 13.17
N LEU B 661 -10.73 22.53 14.17
CA LEU B 661 -9.29 22.83 14.21
C LEU B 661 -8.43 21.89 13.32
N TYR B 662 -7.11 22.11 13.33
CA TYR B 662 -6.15 21.59 12.35
C TYR B 662 -6.22 20.07 12.10
N ALA B 663 -6.42 19.26 13.14
CA ALA B 663 -6.55 17.81 13.00
C ALA B 663 -7.81 17.39 12.22
N TRP B 664 -8.96 18.02 12.48
CA TRP B 664 -10.20 17.80 11.73
C TRP B 664 -10.08 18.24 10.26
N GLN B 665 -9.33 19.31 9.97
CA GLN B 665 -9.05 19.74 8.60
C GLN B 665 -8.26 18.64 7.85
N LEU B 666 -7.15 18.17 8.41
CA LEU B 666 -6.31 17.14 7.79
C LEU B 666 -7.04 15.79 7.71
N PHE B 667 -7.79 15.40 8.73
CA PHE B 667 -8.54 14.14 8.76
C PHE B 667 -9.56 14.03 7.60
N ASN B 668 -10.12 15.15 7.16
CA ASN B 668 -11.08 15.21 6.05
C ASN B 668 -10.44 15.43 4.66
N TRP B 669 -9.43 16.30 4.53
CA TRP B 669 -8.92 16.74 3.20
C TRP B 669 -7.42 16.51 2.93
N SER B 670 -6.66 15.87 3.84
CA SER B 670 -5.30 15.39 3.53
C SER B 670 -5.31 14.14 2.64
N ASN B 671 -4.25 13.89 1.86
CA ASN B 671 -4.07 12.64 1.09
C ASN B 671 -3.63 11.47 2.00
N LYS B 672 -4.38 11.19 3.06
CA LYS B 672 -4.07 10.16 4.06
C LYS B 672 -4.03 8.74 3.47
N LEU B 673 -3.14 7.89 3.99
CA LEU B 673 -3.19 6.44 3.78
C LEU B 673 -4.49 5.83 4.34
N THR B 674 -4.86 4.67 3.79
CA THR B 674 -6.04 3.86 4.18
C THR B 674 -5.72 2.36 4.05
N ASN B 675 -6.69 1.47 4.24
CA ASN B 675 -6.48 0.02 4.18
C ASN B 675 -6.49 -0.59 2.76
N THR B 676 -6.89 0.15 1.72
CA THR B 676 -6.93 -0.33 0.32
C THR B 676 -6.30 0.71 -0.65
N PRO B 677 -5.60 0.28 -1.72
CA PRO B 677 -4.83 1.18 -2.58
C PRO B 677 -5.72 2.02 -3.50
N LEU B 678 -5.14 3.10 -4.05
CA LEU B 678 -5.78 4.04 -4.99
C LEU B 678 -7.04 4.76 -4.46
N SER B 679 -7.23 4.81 -3.13
CA SER B 679 -8.47 5.26 -2.48
C SER B 679 -8.58 6.78 -2.25
N ALA B 680 -7.47 7.51 -2.16
CA ALA B 680 -7.44 8.89 -1.66
C ALA B 680 -7.97 9.93 -2.69
N ASN B 681 -9.26 10.26 -2.64
CA ASN B 681 -9.90 11.20 -3.58
C ASN B 681 -9.43 12.67 -3.40
N PHE B 682 -8.89 13.05 -2.24
CA PHE B 682 -8.38 14.40 -1.98
C PHE B 682 -6.85 14.44 -1.93
N VAL B 683 -6.25 15.33 -2.73
CA VAL B 683 -4.83 15.70 -2.70
C VAL B 683 -4.74 17.23 -2.78
N ASN B 684 -3.91 17.85 -1.94
CA ASN B 684 -3.78 19.30 -1.84
C ASN B 684 -2.73 19.86 -2.83
N GLU B 685 -1.45 19.65 -2.52
CA GLU B 685 -0.26 20.17 -3.20
C GLU B 685 0.97 19.35 -2.74
N ASN B 686 2.15 19.48 -3.35
CA ASN B 686 3.34 18.69 -3.05
C ASN B 686 4.43 19.53 -2.32
N SER B 687 5.19 18.90 -1.42
CA SER B 687 6.13 19.55 -0.48
C SER B 687 7.25 20.37 -1.16
N TYR B 688 7.81 21.41 -0.52
CA TYR B 688 9.01 22.08 -1.02
C TYR B 688 10.24 21.17 -0.91
N ALA B 689 10.45 20.58 0.26
CA ALA B 689 11.62 19.78 0.62
C ALA B 689 11.19 18.46 1.32
N PRO B 690 12.09 17.47 1.50
CA PRO B 690 11.78 16.27 2.26
C PRO B 690 11.37 16.63 3.69
N ASN B 691 10.23 16.14 4.16
CA ASN B 691 9.65 16.44 5.47
C ASN B 691 9.33 15.17 6.29
N SER B 692 9.74 13.99 5.81
CA SER B 692 9.62 12.70 6.49
C SER B 692 10.94 11.93 6.43
N LEU B 693 11.27 11.17 7.49
CA LEU B 693 12.16 10.01 7.34
C LEU B 693 11.48 8.96 6.43
N PHE B 694 12.24 8.10 5.77
CA PHE B 694 11.69 6.95 5.05
C PHE B 694 12.69 5.81 4.90
N ALA B 695 12.27 4.58 5.20
CA ALA B 695 12.95 3.37 4.77
C ALA B 695 11.93 2.28 4.42
N ALA B 696 12.27 1.37 3.50
CA ALA B 696 11.32 0.40 2.95
C ALA B 696 11.98 -0.93 2.53
N ILE B 697 11.20 -2.01 2.55
CA ILE B 697 11.55 -3.32 1.98
C ILE B 697 10.90 -3.42 0.60
N LEU B 698 11.67 -3.83 -0.40
CA LEU B 698 11.24 -3.90 -1.80
C LEU B 698 11.11 -5.36 -2.27
N ASN B 699 10.19 -5.60 -3.20
CA ASN B 699 10.11 -6.81 -4.02
C ASN B 699 11.23 -6.79 -5.09
N GLU B 700 12.39 -7.36 -4.77
CA GLU B 700 13.55 -7.45 -5.68
C GLU B 700 13.24 -8.27 -6.94
N ASP B 701 12.37 -9.28 -6.77
CA ASP B 701 11.84 -10.08 -7.85
C ASP B 701 10.96 -9.21 -8.78
N LEU B 702 9.94 -8.52 -8.27
CA LEU B 702 9.07 -7.68 -9.12
C LEU B 702 9.85 -6.53 -9.81
N LEU B 703 10.80 -5.90 -9.12
CA LEU B 703 11.72 -4.92 -9.73
C LEU B 703 12.55 -5.52 -10.89
N THR B 704 12.81 -6.83 -10.87
CA THR B 704 13.46 -7.56 -11.98
C THR B 704 12.45 -7.99 -13.06
N GLY B 705 11.22 -8.35 -12.68
CA GLY B 705 10.19 -8.89 -13.57
C GLY B 705 9.39 -7.86 -14.39
N LEU B 706 9.22 -6.64 -13.87
CA LEU B 706 8.46 -5.59 -14.56
C LEU B 706 9.08 -5.23 -15.93
N SER B 707 8.23 -4.96 -16.92
CA SER B 707 8.61 -4.58 -18.27
C SER B 707 9.35 -3.23 -18.32
N ASP B 708 10.20 -3.00 -19.32
CA ASP B 708 10.94 -1.73 -19.46
C ASP B 708 10.00 -0.52 -19.64
N LYS B 709 8.97 -0.65 -20.50
CA LYS B 709 8.07 0.47 -20.85
C LYS B 709 6.76 0.37 -20.09
N ILE B 710 6.47 1.41 -19.30
CA ILE B 710 5.14 1.63 -18.72
C ILE B 710 4.20 2.24 -19.77
N PHE B 711 3.00 1.68 -19.87
CA PHE B 711 1.91 2.19 -20.70
C PHE B 711 0.74 2.60 -19.80
N TYR B 712 0.47 3.90 -19.77
CA TYR B 712 -0.75 4.51 -19.25
C TYR B 712 -1.85 4.51 -20.34
N GLY B 713 -3.03 5.02 -20.02
CA GLY B 713 -4.12 5.19 -21.00
C GLY B 713 -5.18 6.20 -20.56
N LYS B 714 -6.33 6.20 -21.22
CA LYS B 714 -7.46 7.09 -20.92
C LYS B 714 -7.97 6.95 -19.48
N GLU B 715 -7.74 5.81 -18.82
CA GLU B 715 -8.03 5.65 -17.40
C GLU B 715 -7.22 6.58 -16.46
N ASN B 716 -6.11 7.17 -16.93
CA ASN B 716 -5.31 8.16 -16.18
C ASN B 716 -5.43 9.62 -16.71
N GLU B 717 -6.31 9.88 -17.67
CA GLU B 717 -6.57 11.24 -18.18
C GLU B 717 -7.58 12.01 -17.31
N PHE B 718 -7.43 13.34 -17.20
CA PHE B 718 -8.46 14.22 -16.63
C PHE B 718 -9.70 14.28 -17.55
N ALA B 719 -10.86 14.64 -17.01
CA ALA B 719 -12.12 14.72 -17.75
C ALA B 719 -12.03 15.73 -18.93
N GLU B 720 -12.47 15.34 -20.12
CA GLU B 720 -12.31 16.15 -21.35
C GLU B 720 -13.18 17.42 -21.36
N ASN B 721 -14.34 17.37 -20.70
CA ASN B 721 -15.22 18.50 -20.44
C ASN B 721 -16.01 18.32 -19.12
N GLU B 722 -16.56 19.40 -18.57
CA GLU B 722 -17.11 19.38 -17.21
C GLU B 722 -18.36 18.50 -17.00
N ALA B 723 -19.08 18.08 -18.04
CA ALA B 723 -20.15 17.10 -17.86
C ALA B 723 -19.60 15.73 -17.42
N ASP B 724 -18.43 15.35 -17.93
CA ASP B 724 -17.68 14.16 -17.47
C ASP B 724 -16.98 14.40 -16.11
N ARG B 725 -16.78 15.66 -15.69
CA ARG B 725 -16.27 16.03 -14.35
C ARG B 725 -17.36 15.96 -13.28
N PHE B 726 -18.62 16.25 -13.61
CA PHE B 726 -19.72 16.22 -12.64
C PHE B 726 -20.06 14.79 -12.18
N ASN B 727 -20.08 13.83 -13.11
CA ASN B 727 -20.27 12.39 -12.87
C ASN B 727 -18.94 11.61 -13.00
N GLN B 728 -17.85 12.19 -12.51
CA GLN B 728 -16.47 11.70 -12.63
C GLN B 728 -16.23 10.35 -11.93
N LEU B 729 -15.73 9.37 -12.69
CA LEU B 729 -15.42 8.03 -12.17
C LEU B 729 -14.19 8.06 -11.24
N LEU B 730 -14.33 7.55 -10.02
CA LEU B 730 -13.27 7.54 -9.00
C LEU B 730 -12.18 6.49 -9.25
N SER B 731 -12.52 5.36 -9.89
CA SER B 731 -11.60 4.26 -10.20
C SER B 731 -12.04 3.49 -11.46
N LEU B 732 -11.08 2.85 -12.15
CA LEU B 732 -11.28 2.07 -13.38
C LEU B 732 -10.34 0.86 -13.44
N ASN B 733 -10.76 -0.20 -14.13
CA ASN B 733 -9.88 -1.32 -14.50
C ASN B 733 -8.86 -0.87 -15.57
N PRO B 734 -7.62 -1.40 -15.58
CA PRO B 734 -6.67 -1.18 -16.66
C PRO B 734 -7.24 -1.58 -18.04
N ASN B 735 -6.98 -0.80 -19.08
CA ASN B 735 -7.36 -1.15 -20.45
C ASN B 735 -6.49 -2.31 -21.01
N PRO B 736 -6.96 -3.09 -22.02
CA PRO B 736 -6.24 -4.26 -22.53
C PRO B 736 -4.78 -4.03 -22.98
N ASN B 737 -4.45 -2.82 -23.46
CA ASN B 737 -3.10 -2.47 -23.92
C ASN B 737 -2.18 -1.90 -22.82
N THR B 738 -2.72 -1.51 -21.65
CA THR B 738 -1.98 -0.76 -20.61
C THR B 738 -1.40 -1.70 -19.54
N ASN B 739 -0.39 -1.24 -18.79
CA ASN B 739 0.30 -2.08 -17.80
C ASN B 739 0.69 -1.37 -16.48
N TRP B 740 0.34 -0.08 -16.33
CA TRP B 740 0.69 0.76 -15.17
C TRP B 740 0.35 0.13 -13.80
N ALA B 741 -0.75 -0.62 -13.71
CA ALA B 741 -1.20 -1.26 -12.47
C ALA B 741 -0.23 -2.35 -11.94
N ARG B 742 0.67 -2.89 -12.78
CA ARG B 742 1.69 -3.87 -12.35
C ARG B 742 2.76 -3.25 -11.45
N TYR B 743 3.08 -1.98 -11.66
CA TYR B 743 4.18 -1.27 -10.97
C TYR B 743 3.82 -0.83 -9.53
N LEU B 744 2.54 -0.85 -9.15
CA LEU B 744 2.04 -0.36 -7.86
C LEU B 744 2.63 -1.09 -6.62
N ASN B 745 3.07 -2.34 -6.79
CA ASN B 745 3.36 -3.28 -5.68
C ASN B 745 4.86 -3.57 -5.45
N VAL B 746 5.78 -2.71 -5.90
CA VAL B 746 7.22 -2.92 -5.66
C VAL B 746 7.65 -2.77 -4.19
N VAL B 747 6.84 -2.14 -3.32
CA VAL B 747 7.11 -2.03 -1.87
C VAL B 747 6.34 -3.10 -1.09
N GLN B 748 7.03 -3.85 -0.22
CA GLN B 748 6.40 -4.77 0.76
C GLN B 748 6.00 -4.05 2.05
N ARG B 749 6.93 -3.29 2.65
CA ARG B 749 6.84 -2.67 3.98
C ARG B 749 7.59 -1.35 4.00
N PHE B 750 7.22 -0.44 4.89
CA PHE B 750 7.89 0.85 5.10
C PHE B 750 7.91 1.28 6.57
N THR B 751 8.80 2.21 6.92
CA THR B 751 8.94 2.77 8.27
C THR B 751 9.34 4.25 8.23
N THR B 752 9.00 4.98 9.30
CA THR B 752 8.92 6.45 9.31
C THR B 752 9.40 7.09 10.63
N GLY B 753 9.73 6.28 11.64
CA GLY B 753 10.07 6.72 12.99
C GLY B 753 9.89 5.61 14.04
N PRO B 754 9.91 5.94 15.35
CA PRO B 754 9.68 4.98 16.43
C PRO B 754 8.37 4.19 16.30
N ASN B 755 8.37 2.93 16.77
CA ASN B 755 7.18 2.06 16.84
C ASN B 755 6.29 2.44 18.06
N LEU B 756 5.82 3.68 18.13
CA LEU B 756 5.04 4.25 19.23
C LEU B 756 3.69 4.80 18.75
N ASP B 757 2.66 4.78 19.60
CA ASP B 757 1.29 5.19 19.26
C ASP B 757 0.77 6.35 20.13
N SER B 758 -0.03 7.24 19.52
CA SER B 758 -0.63 8.42 20.17
C SER B 758 0.43 9.35 20.82
N SER B 759 0.06 10.07 21.88
CA SER B 759 0.89 11.06 22.61
C SER B 759 2.23 10.51 23.12
N THR B 760 2.36 9.19 23.24
CA THR B 760 3.62 8.47 23.48
C THR B 760 4.73 8.89 22.52
N PHE B 761 4.38 9.16 21.26
CA PHE B 761 5.30 9.63 20.23
C PHE B 761 5.78 11.07 20.51
N ASP B 762 4.89 11.95 20.98
CA ASP B 762 5.28 13.28 21.47
C ASP B 762 6.18 13.19 22.72
N GLN B 763 6.05 12.13 23.52
CA GLN B 763 6.95 11.87 24.64
C GLN B 763 8.38 11.53 24.18
N PHE B 764 8.53 10.76 23.10
CA PHE B 764 9.85 10.52 22.48
C PHE B 764 10.45 11.80 21.91
N LEU B 765 9.65 12.62 21.22
CA LEU B 765 10.05 13.95 20.73
C LEU B 765 10.60 14.85 21.86
N ASP B 766 10.00 14.79 23.05
CA ASP B 766 10.52 15.48 24.24
C ASP B 766 11.76 14.81 24.88
N PHE B 767 12.00 13.52 24.66
CA PHE B 767 13.11 12.80 25.30
C PHE B 767 14.48 13.05 24.67
N LEU B 768 14.56 13.20 23.34
CA LEU B 768 15.85 13.35 22.64
C LEU B 768 16.51 14.73 22.88
N PRO B 769 17.86 14.80 22.98
CA PRO B 769 18.58 16.06 23.23
C PRO B 769 18.69 16.96 21.99
N TRP B 770 18.57 18.28 22.17
CA TRP B 770 18.88 19.26 21.11
C TRP B 770 20.40 19.40 20.91
N ILE B 771 20.88 19.19 19.69
CA ILE B 771 22.33 19.09 19.41
C ILE B 771 23.12 20.39 19.67
N GLY B 772 22.43 21.54 19.72
CA GLY B 772 23.04 22.83 20.02
C GLY B 772 23.47 23.01 21.48
N ASN B 773 22.99 22.18 22.42
CA ASN B 773 23.31 22.33 23.86
C ASN B 773 23.26 21.00 24.69
N GLY B 774 22.90 19.87 24.09
CA GLY B 774 22.83 18.56 24.76
C GLY B 774 21.69 18.38 25.77
N LYS B 775 20.68 19.25 25.74
CA LYS B 775 19.55 19.29 26.70
C LYS B 775 18.26 18.69 26.07
N PRO B 776 17.51 17.81 26.76
CA PRO B 776 16.27 17.24 26.23
C PRO B 776 15.10 18.24 26.32
N PHE B 777 14.23 18.28 25.30
CA PHE B 777 13.10 19.21 25.24
C PHE B 777 12.05 19.00 26.36
N SER B 778 12.07 17.84 27.04
CA SER B 778 11.29 17.53 28.25
C SER B 778 11.62 18.40 29.48
N ASN B 779 12.77 19.09 29.52
CA ASN B 779 13.19 20.05 30.56
C ASN B 779 13.29 19.54 32.02
N SER B 780 12.88 18.32 32.35
CA SER B 780 12.84 17.81 33.73
C SER B 780 14.19 17.64 34.46
N PRO B 781 15.35 17.37 33.84
CA PRO B 781 16.64 17.28 34.54
C PRO B 781 17.24 18.68 34.81
N SER B 782 16.49 19.55 35.49
CA SER B 782 16.83 20.93 35.90
C SER B 782 17.67 21.69 34.87
N SER B 789 9.66 25.75 42.98
CA SER B 789 8.70 26.62 42.27
C SER B 789 9.34 27.27 41.04
N SER B 790 8.52 27.81 40.14
CA SER B 790 8.92 28.62 38.97
C SER B 790 9.84 27.92 37.94
N THR B 791 9.82 26.59 37.88
CA THR B 791 10.57 25.79 36.88
C THR B 791 9.93 25.86 35.48
N PRO B 792 10.72 25.72 34.40
CA PRO B 792 10.23 25.79 33.02
C PRO B 792 9.41 24.56 32.60
N LEU B 793 8.71 24.67 31.47
CA LEU B 793 7.77 23.67 30.93
C LEU B 793 8.29 23.01 29.63
N PRO B 794 7.90 21.75 29.34
CA PRO B 794 8.26 21.06 28.10
C PRO B 794 7.56 21.63 26.85
N THR B 795 8.00 21.25 25.64
CA THR B 795 7.44 21.79 24.38
C THR B 795 6.51 20.84 23.61
N PHE B 796 6.83 19.54 23.48
CA PHE B 796 6.04 18.64 22.62
C PHE B 796 4.90 17.94 23.36
N SER B 797 5.16 17.29 24.50
CA SER B 797 4.13 16.57 25.28
C SER B 797 3.31 17.51 26.19
N ASN B 798 2.13 17.05 26.62
CA ASN B 798 1.19 17.79 27.47
C ASN B 798 1.28 17.41 28.96
N ILE B 799 2.08 16.39 29.32
CA ILE B 799 2.21 15.91 30.70
C ILE B 799 2.85 16.98 31.59
N ASN B 800 2.25 17.24 32.76
CA ASN B 800 2.62 18.32 33.69
C ASN B 800 2.50 19.75 33.13
N VAL B 801 1.77 19.97 32.03
CA VAL B 801 1.53 21.33 31.47
C VAL B 801 0.12 21.82 31.86
N GLY B 802 0.04 23.00 32.45
CA GLY B 802 -1.21 23.53 33.02
C GLY B 802 -1.60 22.79 34.31
N VAL B 803 -2.78 22.17 34.33
CA VAL B 803 -3.33 21.44 35.48
C VAL B 803 -4.15 20.23 35.02
N LYS B 804 -4.29 19.21 35.88
CA LYS B 804 -5.21 18.09 35.67
C LYS B 804 -6.67 18.50 35.93
N SER B 805 -7.60 18.00 35.11
CA SER B 805 -9.02 17.95 35.47
C SER B 805 -9.74 16.79 34.77
N MET B 806 -10.87 16.34 35.33
CA MET B 806 -11.67 15.26 34.74
C MET B 806 -12.45 15.74 33.51
N ILE B 807 -12.45 14.96 32.43
CA ILE B 807 -13.17 15.28 31.18
C ILE B 807 -14.69 15.02 31.23
N THR B 808 -15.28 14.76 32.40
CA THR B 808 -16.69 14.35 32.55
C THR B 808 -17.73 15.36 32.04
N GLN B 809 -17.38 16.65 31.95
CA GLN B 809 -18.26 17.70 31.44
C GLN B 809 -18.17 17.95 29.92
N HIS B 810 -17.25 17.29 29.19
CA HIS B 810 -17.05 17.52 27.75
C HIS B 810 -18.10 16.82 26.86
N LEU B 811 -18.48 17.50 25.77
CA LEU B 811 -19.26 16.98 24.63
C LEU B 811 -20.49 16.15 25.03
N ASN B 812 -20.41 14.82 24.99
CA ASN B 812 -21.52 13.90 25.25
C ASN B 812 -21.77 13.62 26.76
N LYS B 813 -20.83 13.98 27.63
CA LYS B 813 -20.85 13.72 29.09
C LYS B 813 -21.07 12.24 29.47
N GLU B 814 -20.61 11.31 28.63
CA GLU B 814 -20.83 9.86 28.76
C GLU B 814 -19.58 9.02 28.45
N ASN B 815 -19.58 7.74 28.83
CA ASN B 815 -18.51 6.74 28.63
C ASN B 815 -17.17 7.00 29.38
N THR B 816 -16.86 8.25 29.72
CA THR B 816 -15.58 8.69 30.32
C THR B 816 -15.16 7.92 31.57
N ARG B 817 -16.12 7.47 32.40
CA ARG B 817 -15.86 6.76 33.66
C ARG B 817 -15.23 5.37 33.49
N TRP B 818 -15.35 4.74 32.30
CA TRP B 818 -14.98 3.33 32.10
C TRP B 818 -14.32 2.99 30.75
N VAL B 819 -14.43 3.85 29.73
CA VAL B 819 -13.95 3.56 28.36
C VAL B 819 -13.06 4.69 27.81
N PHE B 820 -12.19 5.25 28.65
CA PHE B 820 -11.22 6.32 28.30
C PHE B 820 -9.88 6.16 29.04
N ILE B 821 -9.92 5.99 30.36
CA ILE B 821 -8.76 5.80 31.25
C ILE B 821 -8.98 4.49 32.04
N PRO B 822 -7.94 3.69 32.36
CA PRO B 822 -8.04 2.47 33.18
C PRO B 822 -8.52 2.65 34.64
N ASN B 823 -9.13 3.79 35.00
CA ASN B 823 -9.28 4.28 36.37
C ASN B 823 -10.59 5.08 36.58
N PHE B 824 -11.00 5.24 37.84
CA PHE B 824 -12.29 5.81 38.23
C PHE B 824 -12.44 7.32 37.97
N SER B 825 -11.33 8.08 37.89
CA SER B 825 -11.29 9.52 37.62
C SER B 825 -10.73 9.80 36.20
N PRO B 826 -11.52 10.37 35.26
CA PRO B 826 -11.12 10.62 33.86
C PRO B 826 -10.13 11.78 33.65
N ASP B 827 -8.99 11.78 34.34
CA ASP B 827 -8.02 12.89 34.33
C ASP B 827 -7.33 13.10 32.97
N ILE B 828 -7.31 14.33 32.46
CA ILE B 828 -6.42 14.81 31.38
C ILE B 828 -5.79 16.16 31.77
N TRP B 829 -4.50 16.36 31.44
CA TRP B 829 -3.82 17.66 31.58
C TRP B 829 -4.35 18.68 30.55
N THR B 830 -4.86 19.83 31.00
CA THR B 830 -5.52 20.80 30.11
C THR B 830 -4.58 21.60 29.18
N GLY B 831 -3.26 21.50 29.34
CA GLY B 831 -2.27 22.13 28.47
C GLY B 831 -2.07 23.64 28.69
N ALA B 832 -1.15 24.21 27.90
CA ALA B 832 -0.82 25.63 27.94
C ALA B 832 -1.94 26.49 27.30
N GLY B 833 -2.30 27.60 27.94
CA GLY B 833 -3.38 28.49 27.50
C GLY B 833 -4.75 27.83 27.52
N TYR B 834 -5.49 27.93 28.64
CA TYR B 834 -6.77 27.24 28.85
C TYR B 834 -7.83 28.13 29.54
N ARG B 835 -9.11 27.76 29.39
CA ARG B 835 -10.29 28.48 29.87
C ARG B 835 -11.09 27.71 30.92
N VAL B 836 -11.38 28.36 32.04
CA VAL B 836 -12.21 27.90 33.17
C VAL B 836 -12.90 29.10 33.84
N GLN B 837 -14.04 28.89 34.54
CA GLN B 837 -14.69 29.96 35.31
C GLN B 837 -13.90 30.31 36.60
N SER B 838 -13.25 29.33 37.22
CA SER B 838 -12.44 29.47 38.43
C SER B 838 -11.50 28.27 38.58
N ALA B 839 -10.51 28.36 39.48
CA ALA B 839 -9.63 27.24 39.82
C ALA B 839 -10.36 26.04 40.46
N ASN B 840 -11.54 26.26 41.05
CA ASN B 840 -12.43 25.20 41.55
C ASN B 840 -13.27 24.56 40.43
N GLN B 841 -13.84 25.37 39.53
CA GLN B 841 -14.67 24.93 38.39
C GLN B 841 -13.80 24.46 37.19
N LYS B 842 -12.86 23.54 37.46
CA LYS B 842 -11.76 23.15 36.55
C LYS B 842 -12.14 22.19 35.40
N ASN B 843 -13.36 21.65 35.39
CA ASN B 843 -13.84 20.69 34.40
C ASN B 843 -14.89 21.32 33.44
N GLY B 844 -14.59 21.32 32.14
CA GLY B 844 -15.44 21.86 31.08
C GLY B 844 -15.58 23.40 31.08
N ILE B 845 -16.35 23.91 30.12
CA ILE B 845 -16.86 25.29 30.10
C ILE B 845 -18.25 25.27 29.41
N PRO B 846 -19.24 26.07 29.85
CA PRO B 846 -20.51 26.22 29.14
C PRO B 846 -20.38 27.12 27.91
N PHE B 847 -21.45 27.28 27.13
CA PHE B 847 -21.53 28.21 25.99
C PHE B 847 -21.64 29.68 26.44
N GLU B 848 -20.69 30.16 27.26
CA GLU B 848 -20.63 31.56 27.73
C GLU B 848 -19.83 32.48 26.79
N GLN B 849 -18.87 31.97 26.01
CA GLN B 849 -18.14 32.74 25.00
C GLN B 849 -18.92 32.86 23.67
N VAL B 850 -20.11 33.45 23.75
CA VAL B 850 -20.80 34.06 22.58
C VAL B 850 -19.96 35.22 22.02
N LYS B 851 -19.98 35.42 20.70
CA LYS B 851 -19.10 36.38 19.99
C LYS B 851 -19.87 37.25 19.00
N PRO B 852 -19.59 38.56 18.90
CA PRO B 852 -20.22 39.44 17.92
C PRO B 852 -19.57 39.29 16.53
N SER B 853 -20.29 39.69 15.47
CA SER B 853 -19.76 39.71 14.11
C SER B 853 -18.90 40.96 13.84
N ASN B 854 -19.44 42.15 14.15
CA ASN B 854 -18.72 43.44 14.22
C ASN B 854 -18.93 44.03 15.64
N ASN B 855 -19.48 45.25 15.75
CA ASN B 855 -20.08 45.76 16.98
C ASN B 855 -21.59 45.42 17.13
N SER B 856 -22.16 44.68 16.17
CA SER B 856 -23.59 44.39 15.98
C SER B 856 -24.20 43.35 16.95
N THR B 857 -23.83 43.41 18.23
CA THR B 857 -24.22 42.49 19.33
C THR B 857 -23.78 41.02 19.13
N PRO B 858 -23.84 40.15 20.16
CA PRO B 858 -23.41 38.74 20.10
C PRO B 858 -24.13 37.84 19.07
N PHE B 859 -23.79 36.54 19.09
CA PHE B 859 -24.26 35.49 18.17
C PHE B 859 -25.79 35.25 18.14
N ASP B 860 -26.55 35.89 19.03
CA ASP B 860 -28.02 35.90 19.05
C ASP B 860 -28.67 34.50 19.22
N PRO B 861 -28.41 33.78 20.34
CA PRO B 861 -29.12 32.55 20.67
C PRO B 861 -30.59 32.80 21.03
N ASN B 862 -31.44 31.78 20.87
CA ASN B 862 -32.93 31.88 20.94
C ASN B 862 -33.56 32.79 19.86
N SER B 863 -32.81 33.19 18.84
CA SER B 863 -33.29 33.92 17.67
C SER B 863 -33.78 32.99 16.56
N ASP B 864 -34.68 33.44 15.69
CA ASP B 864 -35.37 32.56 14.72
C ASP B 864 -34.46 31.99 13.60
N ASP B 865 -33.27 32.57 13.37
CA ASP B 865 -32.23 31.96 12.51
C ASP B 865 -31.46 30.80 13.19
N ASN B 866 -31.58 30.69 14.52
CA ASN B 866 -30.91 29.74 15.41
C ASN B 866 -31.93 28.88 16.20
N LYS B 867 -33.10 28.65 15.60
CA LYS B 867 -34.25 27.86 16.11
C LYS B 867 -34.90 27.05 15.00
N VAL B 868 -35.68 26.03 15.37
CA VAL B 868 -36.50 25.20 14.46
C VAL B 868 -37.87 24.87 15.07
N THR B 869 -38.86 24.51 14.25
CA THR B 869 -40.26 24.29 14.65
C THR B 869 -40.79 22.92 14.17
N PRO B 870 -40.39 21.81 14.83
CA PRO B 870 -40.94 20.48 14.59
C PRO B 870 -42.39 20.33 15.09
N SER B 871 -43.03 19.21 14.76
CA SER B 871 -44.39 18.87 15.21
C SER B 871 -44.48 18.78 16.73
N GLY B 872 -45.60 19.26 17.28
CA GLY B 872 -45.82 19.45 18.73
C GLY B 872 -45.48 20.86 19.25
N GLY B 873 -44.81 21.70 18.45
CA GLY B 873 -44.54 23.11 18.77
C GLY B 873 -43.42 23.37 19.78
N SER B 874 -42.77 22.33 20.31
CA SER B 874 -41.56 22.45 21.14
C SER B 874 -40.38 22.99 20.31
N SER B 875 -39.54 23.86 20.90
CA SER B 875 -38.38 24.45 20.22
C SER B 875 -37.25 24.74 21.22
N LYS B 876 -35.99 24.75 20.74
CA LYS B 876 -34.78 24.97 21.55
C LYS B 876 -33.64 25.61 20.71
N PRO B 877 -32.70 26.36 21.32
CA PRO B 877 -31.66 27.07 20.58
C PRO B 877 -30.58 26.12 20.03
N THR B 878 -30.14 26.36 18.80
CA THR B 878 -29.18 25.48 18.10
C THR B 878 -27.72 25.78 18.48
N THR B 879 -27.30 25.46 19.71
CA THR B 879 -25.91 25.65 20.19
C THR B 879 -25.46 24.58 21.21
N TYR B 880 -24.15 24.49 21.47
CA TYR B 880 -23.50 23.54 22.38
C TYR B 880 -24.07 23.56 23.82
N PRO B 881 -24.13 22.40 24.51
CA PRO B 881 -24.34 22.36 25.96
C PRO B 881 -23.08 22.70 26.77
N ALA B 882 -21.91 22.16 26.38
CA ALA B 882 -20.60 22.40 27.00
C ALA B 882 -19.45 22.09 26.03
N LEU B 883 -18.25 22.65 26.26
CA LEU B 883 -17.14 22.66 25.28
C LEU B 883 -15.78 22.34 25.95
N PRO B 884 -14.74 21.92 25.18
CA PRO B 884 -13.38 21.73 25.67
C PRO B 884 -12.67 22.98 26.23
N ASN B 885 -11.69 22.74 27.10
CA ASN B 885 -11.00 23.76 27.90
C ASN B 885 -9.81 24.47 27.22
N SER B 886 -9.34 24.05 26.04
CA SER B 886 -8.26 24.74 25.33
C SER B 886 -8.30 24.53 23.81
N ILE B 887 -7.88 25.55 23.05
CA ILE B 887 -7.81 25.57 21.58
C ILE B 887 -6.36 25.75 21.06
N SER B 888 -5.36 25.85 21.95
CA SER B 888 -3.97 26.18 21.59
C SER B 888 -3.30 25.08 20.75
N PRO B 889 -2.27 25.39 19.92
CA PRO B 889 -1.67 24.42 19.00
C PRO B 889 -0.98 23.22 19.69
N THR B 890 -0.70 23.33 20.99
CA THR B 890 -0.17 22.23 21.79
C THR B 890 -1.25 21.17 22.13
N SER B 891 -2.54 21.42 21.86
CA SER B 891 -3.66 20.58 22.33
C SER B 891 -3.61 19.14 21.82
N ASP B 892 -4.09 18.22 22.66
CA ASP B 892 -3.92 16.76 22.53
C ASP B 892 -5.19 16.00 22.97
N TRP B 893 -6.37 16.58 22.73
CA TRP B 893 -7.65 16.06 23.22
C TRP B 893 -8.02 14.70 22.61
N ILE B 894 -8.28 13.71 23.46
CA ILE B 894 -8.68 12.34 23.05
C ILE B 894 -10.13 12.32 22.52
N ASN B 895 -11.02 13.09 23.14
CA ASN B 895 -12.47 13.10 22.85
C ASN B 895 -12.92 14.06 21.74
N ALA B 896 -12.07 15.00 21.29
CA ALA B 896 -12.51 16.14 20.47
C ALA B 896 -11.59 16.42 19.27
N LEU B 897 -11.81 15.70 18.17
CA LEU B 897 -11.08 15.88 16.91
C LEU B 897 -11.17 17.32 16.37
N THR B 898 -12.29 18.00 16.61
CA THR B 898 -12.53 19.40 16.23
C THR B 898 -11.81 20.44 17.11
N PHE B 899 -11.17 20.04 18.22
CA PHE B 899 -10.37 20.93 19.10
C PHE B 899 -8.91 20.47 19.28
N THR B 900 -8.56 19.21 18.98
CA THR B 900 -7.17 18.75 18.99
C THR B 900 -6.39 19.32 17.80
N ASN B 901 -5.12 19.67 18.01
CA ASN B 901 -4.25 20.28 16.99
C ASN B 901 -3.08 19.37 16.55
N LYS B 902 -2.55 18.54 17.45
CA LYS B 902 -1.56 17.49 17.12
C LYS B 902 -2.11 16.51 16.08
N ASN B 903 -1.24 16.03 15.20
CA ASN B 903 -1.58 15.04 14.16
C ASN B 903 -0.35 14.20 13.78
N ASN B 904 -0.57 12.98 13.26
CA ASN B 904 0.52 12.06 12.91
C ASN B 904 1.49 12.59 11.84
N PRO B 905 1.04 13.28 10.77
CA PRO B 905 1.95 14.02 9.89
C PRO B 905 2.85 14.98 10.66
N GLN B 906 2.29 15.86 11.48
CA GLN B 906 3.09 16.82 12.25
C GLN B 906 4.08 16.11 13.18
N ARG B 907 3.69 15.00 13.82
CA ARG B 907 4.61 14.18 14.64
C ARG B 907 5.83 13.71 13.85
N ASN B 908 5.63 13.23 12.61
CA ASN B 908 6.73 12.81 11.74
C ASN B 908 7.52 14.00 11.18
N GLN B 909 6.88 15.12 10.85
CA GLN B 909 7.56 16.35 10.42
C GLN B 909 8.45 16.93 11.53
N LEU B 910 7.93 17.00 12.76
CA LEU B 910 8.66 17.45 13.92
C LEU B 910 9.79 16.48 14.28
N LEU B 911 9.60 15.16 14.16
CA LEU B 911 10.68 14.19 14.40
C LEU B 911 11.90 14.53 13.54
N LEU B 912 11.70 14.64 12.22
CA LEU B 912 12.79 14.95 11.30
C LEU B 912 13.43 16.32 11.61
N ARG B 913 12.62 17.38 11.69
CA ARG B 913 13.15 18.75 11.84
C ARG B 913 13.71 19.05 13.23
N SER B 914 13.30 18.33 14.28
CA SER B 914 13.93 18.41 15.60
C SER B 914 15.24 17.62 15.69
N LEU B 915 15.41 16.52 14.93
CA LEU B 915 16.72 15.89 14.75
C LEU B 915 17.69 16.86 14.08
N LEU B 916 17.35 17.44 12.92
CA LEU B 916 18.21 18.46 12.29
C LEU B 916 18.33 19.76 13.11
N GLY B 917 17.44 19.97 14.09
CA GLY B 917 17.50 21.08 15.05
C GLY B 917 17.03 22.44 14.51
N THR B 918 16.20 22.45 13.47
CA THR B 918 15.81 23.65 12.69
C THR B 918 14.31 23.97 12.70
N ILE B 919 13.62 23.65 13.81
CA ILE B 919 12.27 24.17 14.09
C ILE B 919 12.37 25.69 14.35
N PRO B 920 11.57 26.56 13.70
CA PRO B 920 11.62 28.00 13.93
C PRO B 920 10.92 28.40 15.24
N VAL B 921 11.24 29.60 15.74
CA VAL B 921 10.63 30.20 16.95
C VAL B 921 10.06 31.58 16.62
N LEU B 922 8.96 31.95 17.28
CA LEU B 922 8.27 33.23 17.09
C LEU B 922 8.80 34.27 18.07
N ILE B 923 9.07 35.48 17.60
CA ILE B 923 9.79 36.55 18.32
C ILE B 923 9.06 37.90 18.22
N ASN B 924 8.99 38.64 19.33
CA ASN B 924 8.72 40.09 19.34
C ASN B 924 9.98 40.95 19.58
N LYS B 925 10.99 40.39 20.26
CA LYS B 925 12.04 41.15 20.96
C LYS B 925 13.44 40.55 20.73
N SER B 926 14.41 41.38 20.39
CA SER B 926 15.82 40.98 20.18
C SER B 926 16.74 41.44 21.31
N GLY B 927 18.01 41.01 21.29
CA GLY B 927 19.02 41.43 22.28
C GLY B 927 19.49 42.90 22.16
N ASP B 928 19.05 43.64 21.14
CA ASP B 928 19.44 45.03 20.88
C ASP B 928 18.97 46.03 21.97
N SER B 929 19.60 47.22 22.03
CA SER B 929 19.33 48.22 23.06
C SER B 929 17.84 48.63 23.12
N ASN B 930 17.27 48.60 24.32
CA ASN B 930 15.84 48.80 24.64
C ASN B 930 14.85 47.83 23.95
N ASP B 931 15.32 46.78 23.24
CA ASP B 931 14.47 45.79 22.55
C ASP B 931 14.32 44.45 23.31
N GLN B 932 14.99 44.31 24.45
CA GLN B 932 15.25 43.06 25.18
C GLN B 932 14.02 42.40 25.85
N PHE B 933 14.09 41.07 25.99
CA PHE B 933 13.15 40.22 26.73
C PHE B 933 13.87 39.41 27.82
N ASN B 934 13.32 39.30 29.02
CA ASN B 934 14.03 38.76 30.20
C ASN B 934 13.61 37.33 30.61
N LYS B 935 14.59 36.54 31.08
CA LYS B 935 14.40 35.23 31.73
C LYS B 935 13.57 35.32 33.02
N ASP B 936 13.69 36.42 33.75
CA ASP B 936 13.08 36.67 35.06
C ASP B 936 12.27 37.98 35.09
N SER B 937 11.26 38.04 35.96
CA SER B 937 10.31 39.16 36.11
C SER B 937 9.50 39.54 34.85
N GLU B 938 9.43 38.64 33.86
CA GLU B 938 8.75 38.88 32.57
C GLU B 938 8.10 37.61 31.95
N GLN B 939 8.31 36.44 32.57
CA GLN B 939 7.75 35.13 32.20
C GLN B 939 7.25 34.42 33.47
N LYS B 940 6.03 33.86 33.46
CA LYS B 940 5.42 33.19 34.62
C LYS B 940 4.96 31.76 34.28
N TRP B 941 5.88 30.81 34.38
CA TRP B 941 5.63 29.39 34.09
C TRP B 941 4.53 28.76 34.97
N ASP B 942 4.29 29.31 36.17
CA ASP B 942 3.26 28.87 37.11
C ASP B 942 1.84 29.43 36.81
N LYS B 943 1.69 30.34 35.83
CA LYS B 943 0.43 31.08 35.57
C LYS B 943 0.06 31.10 34.09
N THR B 944 -0.10 29.92 33.46
CA THR B 944 -0.48 29.78 32.05
C THR B 944 -1.91 30.28 31.70
N GLU B 945 -2.72 30.67 32.70
CA GLU B 945 -4.06 31.23 32.52
C GLU B 945 -4.09 32.68 32.01
N THR B 946 -2.96 33.41 32.04
CA THR B 946 -2.92 34.85 31.72
C THR B 946 -1.79 35.22 30.74
N ASN B 947 -1.78 36.47 30.24
CA ASN B 947 -0.77 36.97 29.30
C ASN B 947 0.67 36.87 29.83
N GLU B 948 0.88 36.84 31.15
CA GLU B 948 2.20 36.67 31.77
C GLU B 948 2.84 35.28 31.50
N GLY B 949 2.06 34.31 31.01
CA GLY B 949 2.57 33.05 30.45
C GLY B 949 3.11 33.15 29.02
N ASN B 950 2.90 34.27 28.33
CA ASN B 950 3.44 34.59 26.99
C ASN B 950 3.13 33.57 25.87
N LEU B 951 2.03 32.82 25.92
CA LEU B 951 1.59 31.94 24.81
C LEU B 951 1.09 32.80 23.62
N PRO B 952 1.63 32.66 22.39
CA PRO B 952 1.27 33.54 21.27
C PRO B 952 -0.20 33.52 20.84
N GLY B 953 -0.79 32.33 20.66
CA GLY B 953 -2.16 32.17 20.15
C GLY B 953 -2.34 32.45 18.65
N PHE B 954 -1.30 32.88 17.93
CA PHE B 954 -1.28 33.02 16.46
C PHE B 954 0.15 32.86 15.91
N GLY B 955 0.30 32.32 14.69
CA GLY B 955 1.59 32.21 13.99
C GLY B 955 2.60 31.19 14.55
N GLU B 956 2.20 30.42 15.56
CA GLU B 956 3.02 29.41 16.25
C GLU B 956 3.09 28.08 15.48
N VAL B 957 4.23 27.37 15.54
CA VAL B 957 4.37 26.04 14.89
C VAL B 957 3.44 25.01 15.55
N ASN B 958 2.74 24.21 14.74
CA ASN B 958 1.70 23.31 15.24
C ASN B 958 2.24 22.17 16.13
N GLY B 959 1.44 21.70 17.08
CA GLY B 959 1.74 20.58 17.98
C GLY B 959 2.58 20.93 19.22
N LEU B 960 3.49 21.91 19.13
CA LEU B 960 4.48 22.26 20.16
C LEU B 960 4.12 23.50 20.99
N TYR B 961 5.10 24.10 21.71
CA TYR B 961 4.94 25.35 22.49
C TYR B 961 6.19 26.25 22.40
N ASN B 962 6.03 27.49 21.91
CA ASN B 962 7.11 28.40 21.53
C ASN B 962 8.04 28.81 22.70
N ALA B 963 7.50 29.20 23.85
CA ALA B 963 8.33 29.69 24.97
C ALA B 963 9.25 28.59 25.53
N ALA B 964 8.76 27.35 25.58
CA ALA B 964 9.56 26.18 25.91
C ALA B 964 10.67 25.94 24.88
N LEU B 965 10.37 26.04 23.58
CA LEU B 965 11.39 25.90 22.53
C LEU B 965 12.47 26.99 22.63
N LEU B 966 12.08 28.26 22.86
CA LEU B 966 13.02 29.35 23.15
C LEU B 966 13.89 29.09 24.39
N HIS B 967 13.34 28.52 25.46
CA HIS B 967 14.12 28.12 26.64
C HIS B 967 15.12 27.00 26.32
N THR B 968 14.72 25.98 25.57
CA THR B 968 15.60 24.87 25.16
C THR B 968 16.71 25.31 24.20
N TYR B 969 16.43 26.29 23.32
CA TYR B 969 17.45 26.94 22.50
C TYR B 969 18.33 27.89 23.32
N GLY B 970 17.82 28.41 24.44
CA GLY B 970 18.51 29.35 25.33
C GLY B 970 18.55 30.78 24.79
N PHE B 971 17.54 31.20 24.02
CA PHE B 971 17.45 32.57 23.49
C PHE B 971 17.26 33.62 24.60
N PHE B 972 16.74 33.22 25.76
CA PHE B 972 16.76 33.97 27.00
C PHE B 972 17.31 33.11 28.14
N GLY B 973 18.06 33.72 29.06
CA GLY B 973 18.76 33.04 30.16
C GLY B 973 20.11 32.43 29.76
N THR B 974 20.95 32.11 30.74
CA THR B 974 22.33 31.60 30.58
C THR B 974 22.42 30.11 30.21
N ASN B 975 21.39 29.53 29.58
CA ASN B 975 21.32 28.09 29.26
C ASN B 975 22.32 27.66 28.17
N THR B 976 22.56 28.50 27.16
CA THR B 976 23.39 28.18 25.96
C THR B 976 24.69 29.03 25.87
N ASN B 977 24.78 30.11 26.65
CA ASN B 977 25.86 31.11 26.60
C ASN B 977 26.21 31.65 28.00
N SER B 978 27.42 32.17 28.16
CA SER B 978 27.95 32.69 29.43
C SER B 978 27.25 33.96 29.96
N THR B 979 26.42 34.62 29.14
CA THR B 979 25.54 35.73 29.54
C THR B 979 24.22 35.71 28.76
N ASP B 980 23.17 36.26 29.35
CA ASP B 980 21.78 36.22 28.86
C ASP B 980 21.61 36.95 27.49
N PRO B 981 21.27 36.25 26.38
CA PRO B 981 21.07 36.89 25.07
C PRO B 981 19.82 37.77 24.97
N LYS B 982 18.84 37.62 25.87
CA LYS B 982 17.61 38.44 25.96
C LYS B 982 16.73 38.52 24.70
N ILE B 983 16.63 37.44 23.92
CA ILE B 983 15.79 37.32 22.72
C ILE B 983 14.51 36.53 23.05
N GLY B 984 13.33 36.97 22.61
CA GLY B 984 12.09 36.24 22.90
C GLY B 984 10.76 36.86 22.44
N PHE B 985 9.68 36.45 23.11
CA PHE B 985 8.29 36.78 22.81
C PHE B 985 7.54 37.20 24.09
N LYS B 986 6.70 38.24 24.03
CA LYS B 986 5.89 38.73 25.16
C LYS B 986 4.47 39.09 24.74
N ALA B 987 3.48 38.71 25.55
CA ALA B 987 2.09 39.13 25.38
C ALA B 987 1.75 40.33 26.29
N ASP B 988 1.34 41.46 25.70
CA ASP B 988 1.02 42.71 26.41
C ASP B 988 -0.46 43.11 26.22
N SER B 989 -1.05 43.71 27.25
CA SER B 989 -2.42 44.23 27.25
C SER B 989 -2.54 45.75 27.02
N SER B 990 -1.43 46.47 26.93
CA SER B 990 -1.39 47.93 26.82
C SER B 990 -1.43 48.48 25.38
N SER B 991 -1.05 47.70 24.37
CA SER B 991 -0.90 48.17 22.98
C SER B 991 -0.96 47.06 21.92
N SER B 992 -1.21 47.46 20.67
CA SER B 992 -1.00 46.62 19.47
C SER B 992 0.48 46.24 19.30
N SER B 993 0.77 45.04 18.79
CA SER B 993 2.12 44.46 18.76
C SER B 993 2.46 43.74 17.44
N SER B 994 3.74 43.54 17.17
CA SER B 994 4.28 42.90 15.95
C SER B 994 5.25 41.76 16.28
N SER B 995 5.33 40.75 15.41
CA SER B 995 6.21 39.57 15.56
C SER B 995 6.65 38.98 14.21
N THR B 996 7.66 38.10 14.24
CA THR B 996 8.06 37.24 13.11
C THR B 996 8.62 35.91 13.63
N LEU B 997 8.55 34.86 12.82
CA LEU B 997 9.39 33.68 13.00
C LEU B 997 10.87 34.05 12.74
N VAL B 998 11.78 33.33 13.40
CA VAL B 998 13.23 33.29 13.13
C VAL B 998 13.74 31.85 13.26
N GLY B 999 14.91 31.56 12.67
CA GLY B 999 15.56 30.25 12.77
C GLY B 999 16.13 29.95 14.16
N SER B 1000 16.53 28.68 14.39
CA SER B 1000 17.07 28.20 15.67
C SER B 1000 18.54 28.58 15.94
N GLY B 1001 19.26 29.10 14.94
CA GLY B 1001 20.71 29.27 14.95
C GLY B 1001 21.49 28.17 14.21
N LEU B 1002 20.83 27.08 13.82
CA LEU B 1002 21.43 25.94 13.09
C LEU B 1002 21.14 26.00 11.58
N ASN B 1003 22.11 25.52 10.76
CA ASN B 1003 22.07 25.57 9.28
C ASN B 1003 21.97 24.18 8.59
N TRP B 1004 21.73 23.09 9.32
CA TRP B 1004 21.42 21.77 8.75
C TRP B 1004 20.08 21.73 7.99
N THR B 1005 19.89 20.77 7.09
CA THR B 1005 18.64 20.58 6.31
C THR B 1005 18.36 19.11 5.99
N SER B 1006 17.10 18.75 5.71
CA SER B 1006 16.66 17.34 5.54
C SER B 1006 17.25 16.61 4.32
N GLN B 1007 17.89 17.32 3.39
CA GLN B 1007 18.69 16.72 2.30
C GLN B 1007 20.10 16.28 2.74
N ASP B 1008 20.53 16.59 3.97
CA ASP B 1008 21.85 16.23 4.53
C ASP B 1008 21.92 14.75 4.97
N VAL B 1009 21.52 13.82 4.09
CA VAL B 1009 21.52 12.38 4.35
C VAL B 1009 22.69 11.68 3.63
N GLY B 1010 23.41 10.85 4.37
CA GLY B 1010 24.61 10.14 3.94
C GLY B 1010 24.38 8.65 3.66
N ASN B 1011 25.47 7.87 3.66
CA ASN B 1011 25.45 6.45 3.28
C ASN B 1011 24.50 5.60 4.13
N LEU B 1012 23.64 4.81 3.48
CA LEU B 1012 23.03 3.62 4.08
C LEU B 1012 24.12 2.55 4.33
N VAL B 1013 24.18 2.01 5.54
CA VAL B 1013 25.09 0.91 5.92
C VAL B 1013 24.34 -0.20 6.67
N VAL B 1014 24.69 -1.45 6.37
CA VAL B 1014 24.03 -2.65 6.91
C VAL B 1014 24.98 -3.34 7.89
N ILE B 1015 24.51 -3.57 9.12
CA ILE B 1015 25.36 -4.02 10.24
C ILE B 1015 25.39 -5.55 10.37
N ASN B 1016 24.24 -6.22 10.16
CA ASN B 1016 24.09 -7.68 10.18
C ASN B 1016 22.86 -8.11 9.34
N ASP B 1017 22.35 -9.33 9.56
CA ASP B 1017 21.19 -9.88 8.81
C ASP B 1017 19.86 -9.11 9.00
N THR B 1018 19.73 -8.22 9.99
CA THR B 1018 18.47 -7.48 10.26
C THR B 1018 18.66 -5.99 10.59
N SER B 1019 19.84 -5.54 11.03
CA SER B 1019 20.08 -4.16 11.49
C SER B 1019 20.80 -3.30 10.44
N PHE B 1020 20.33 -2.08 10.22
CA PHE B 1020 20.91 -1.10 9.27
C PHE B 1020 20.68 0.34 9.76
N GLY B 1021 21.48 1.28 9.28
CA GLY B 1021 21.40 2.69 9.65
C GLY B 1021 22.04 3.64 8.64
N PHE B 1022 21.97 4.95 8.89
CA PHE B 1022 22.57 5.97 8.04
C PHE B 1022 22.93 7.26 8.80
N GLN B 1023 23.84 8.04 8.23
CA GLN B 1023 24.13 9.40 8.67
C GLN B 1023 23.01 10.37 8.21
N LEU B 1024 22.56 11.26 9.08
CA LEU B 1024 21.62 12.34 8.80
C LEU B 1024 22.06 13.61 9.55
N GLY B 1025 22.76 14.51 8.85
CA GLY B 1025 23.39 15.69 9.45
C GLY B 1025 24.33 15.31 10.61
N GLY B 1026 24.14 15.98 11.75
CA GLY B 1026 24.86 15.71 13.00
C GLY B 1026 24.52 14.37 13.70
N TRP B 1027 23.66 13.52 13.14
CA TRP B 1027 23.26 12.24 13.73
C TRP B 1027 23.66 11.03 12.89
N PHE B 1028 23.89 9.89 13.53
CA PHE B 1028 23.70 8.58 12.92
C PHE B 1028 22.43 7.93 13.49
N ILE B 1029 21.54 7.42 12.63
CA ILE B 1029 20.27 6.76 13.00
C ILE B 1029 20.28 5.29 12.57
N THR B 1030 19.76 4.40 13.42
CA THR B 1030 19.69 2.95 13.17
C THR B 1030 18.24 2.47 13.28
N PHE B 1031 17.79 1.68 12.31
CA PHE B 1031 16.44 1.11 12.22
C PHE B 1031 16.46 -0.39 12.61
N THR B 1032 17.02 -0.68 13.79
CA THR B 1032 17.49 -2.02 14.22
C THR B 1032 16.44 -3.15 14.11
N ASP B 1033 15.16 -2.85 14.31
CA ASP B 1033 14.09 -3.85 14.44
C ASP B 1033 13.13 -3.94 13.24
N PHE B 1034 13.34 -3.16 12.16
CA PHE B 1034 12.36 -3.06 11.06
C PHE B 1034 12.04 -4.38 10.36
N ILE B 1035 13.03 -5.27 10.23
CA ILE B 1035 12.88 -6.59 9.59
C ILE B 1035 12.17 -7.60 10.51
N ARG B 1036 12.30 -7.48 11.84
CA ARG B 1036 11.71 -8.37 12.86
C ARG B 1036 11.23 -7.60 14.11
N PRO B 1037 10.07 -6.89 14.04
CA PRO B 1037 9.52 -6.13 15.16
C PRO B 1037 9.25 -6.98 16.41
N ARG B 1038 9.20 -6.32 17.58
CA ARG B 1038 8.89 -6.92 18.90
C ARG B 1038 8.04 -5.96 19.74
N THR B 1039 7.26 -6.50 20.67
CA THR B 1039 6.53 -5.70 21.68
C THR B 1039 7.51 -5.09 22.70
N GLY B 1040 7.22 -3.88 23.18
CA GLY B 1040 8.03 -3.19 24.19
C GLY B 1040 9.36 -2.58 23.72
N TYR B 1041 9.70 -2.69 22.43
CA TYR B 1041 10.88 -2.06 21.81
C TYR B 1041 10.47 -0.89 20.90
N LEU B 1042 11.15 0.26 21.00
CA LEU B 1042 10.85 1.47 20.21
C LEU B 1042 11.33 1.44 18.75
N GLY B 1043 12.22 0.52 18.37
CA GLY B 1043 12.64 0.27 16.98
C GLY B 1043 13.73 1.17 16.38
N ILE B 1044 14.22 2.18 17.11
CA ILE B 1044 15.20 3.19 16.65
C ILE B 1044 16.37 3.34 17.64
N THR B 1045 17.59 3.56 17.14
CA THR B 1045 18.71 4.11 17.94
C THR B 1045 19.33 5.33 17.26
N LEU B 1046 19.87 6.27 18.05
CA LEU B 1046 20.42 7.55 17.58
C LEU B 1046 21.72 7.93 18.33
N SER B 1047 22.74 8.36 17.57
CA SER B 1047 24.00 8.90 18.09
C SER B 1047 24.28 10.30 17.54
N SER B 1048 24.47 11.30 18.41
CA SER B 1048 24.75 12.70 18.05
C SER B 1048 26.23 13.05 18.06
N LEU B 1049 26.70 13.79 17.06
CA LEU B 1049 27.96 14.52 17.09
C LEU B 1049 28.01 15.53 18.25
N GLN B 1050 29.21 15.87 18.73
CA GLN B 1050 29.44 16.84 19.83
C GLN B 1050 30.16 18.14 19.43
N ASP B 1051 30.96 18.13 18.36
CA ASP B 1051 31.89 19.23 18.04
C ASP B 1051 31.17 20.54 17.64
N GLN B 1052 31.29 21.55 18.51
CA GLN B 1052 30.67 22.87 18.33
C GLN B 1052 31.15 23.58 17.05
N THR B 1053 32.39 23.33 16.60
CA THR B 1053 32.94 23.94 15.37
C THR B 1053 32.22 23.44 14.11
N ILE B 1054 31.70 22.21 14.15
CA ILE B 1054 30.86 21.65 13.09
C ILE B 1054 29.41 22.09 13.25
N ILE B 1055 28.85 21.95 14.46
CA ILE B 1055 27.41 22.19 14.71
C ILE B 1055 27.02 23.66 14.47
N TRP B 1056 27.89 24.62 14.78
CA TRP B 1056 27.66 26.05 14.52
C TRP B 1056 28.29 26.56 13.20
N ALA B 1057 28.70 25.69 12.28
CA ALA B 1057 29.17 26.09 10.95
C ALA B 1057 28.04 26.70 10.07
N ASP B 1058 28.39 27.38 8.98
CA ASP B 1058 27.44 28.06 8.07
C ASP B 1058 26.93 27.17 6.91
N GLN B 1059 27.67 26.13 6.53
CA GLN B 1059 27.27 25.15 5.52
C GLN B 1059 27.69 23.73 5.96
N PRO B 1060 27.15 23.22 7.09
CA PRO B 1060 27.81 22.23 7.95
C PRO B 1060 28.04 20.87 7.30
N TRP B 1061 27.12 20.39 6.44
CA TRP B 1061 27.23 19.07 5.80
C TRP B 1061 28.48 18.92 4.89
N THR B 1062 29.05 20.02 4.39
CA THR B 1062 30.30 20.00 3.61
C THR B 1062 31.51 19.47 4.41
N SER B 1063 31.43 19.40 5.74
CA SER B 1063 32.47 18.83 6.62
C SER B 1063 32.41 17.30 6.81
N PHE B 1064 31.30 16.65 6.43
CA PHE B 1064 31.15 15.19 6.46
C PHE B 1064 31.87 14.55 5.26
N LYS B 1065 32.82 13.62 5.52
CA LYS B 1065 33.66 12.99 4.47
C LYS B 1065 33.22 11.56 4.09
N GLY B 1066 32.19 11.02 4.73
CA GLY B 1066 31.60 9.71 4.43
C GLY B 1066 31.33 8.86 5.67
N SER B 1067 30.48 7.84 5.52
CA SER B 1067 30.13 6.86 6.57
C SER B 1067 30.23 5.43 6.06
N TYR B 1068 30.68 4.50 6.91
CA TYR B 1068 31.10 3.15 6.51
C TYR B 1068 30.90 2.11 7.62
N LEU B 1069 30.71 0.84 7.24
CA LEU B 1069 30.80 -0.30 8.16
C LEU B 1069 32.26 -0.65 8.44
N ASP B 1070 32.58 -1.01 9.68
CA ASP B 1070 33.94 -1.37 10.11
C ASP B 1070 34.04 -2.79 10.69
N SER B 1071 35.19 -3.45 10.49
CA SER B 1071 35.36 -4.90 10.74
C SER B 1071 35.44 -5.30 12.21
N ASP B 1072 35.47 -4.35 13.14
CA ASP B 1072 35.24 -4.56 14.58
C ASP B 1072 33.73 -4.68 14.94
N GLY B 1073 32.82 -4.45 13.99
CA GLY B 1073 31.37 -4.66 14.15
C GLY B 1073 30.54 -3.39 14.40
N THR B 1074 31.04 -2.20 14.07
CA THR B 1074 30.33 -0.93 14.24
C THR B 1074 30.31 -0.09 12.95
N PRO B 1075 29.28 0.75 12.72
CA PRO B 1075 29.35 1.82 11.74
C PRO B 1075 30.20 2.98 12.27
N LYS B 1076 30.91 3.66 11.37
CA LYS B 1076 31.80 4.80 11.65
C LYS B 1076 31.67 5.88 10.55
N SER B 1077 32.15 7.09 10.83
CA SER B 1077 32.11 8.23 9.90
C SER B 1077 33.34 9.13 10.04
N LEU B 1078 33.69 9.90 9.01
CA LEU B 1078 34.80 10.86 9.04
C LEU B 1078 34.33 12.33 8.95
N TRP B 1079 35.04 13.21 9.65
CA TRP B 1079 34.79 14.66 9.72
C TRP B 1079 36.10 15.48 9.61
N ASP B 1080 36.02 16.68 9.05
CA ASP B 1080 37.15 17.62 8.98
C ASP B 1080 36.71 19.09 9.15
N PRO B 1081 36.91 19.70 10.34
CA PRO B 1081 36.64 21.12 10.60
C PRO B 1081 37.41 22.13 9.70
N THR B 1082 38.41 21.68 8.93
CA THR B 1082 39.12 22.55 7.97
C THR B 1082 38.45 22.60 6.59
N ALA B 1083 37.39 21.80 6.34
CA ALA B 1083 36.73 21.67 5.04
C ALA B 1083 35.67 22.74 4.72
N LEU B 1084 35.20 23.50 5.72
CA LEU B 1084 34.17 24.53 5.56
C LEU B 1084 34.65 25.71 4.70
N LYS B 1085 33.72 26.42 4.05
CA LYS B 1085 33.97 27.62 3.22
C LYS B 1085 32.92 28.72 3.47
N SER B 1086 33.27 29.95 3.12
CA SER B 1086 32.39 31.13 3.21
C SER B 1086 31.19 31.06 2.26
N LEU B 1087 30.16 31.88 2.53
CA LEU B 1087 29.02 32.11 1.63
C LEU B 1087 29.48 32.69 0.28
N PRO B 1088 28.64 32.65 -0.78
CA PRO B 1088 28.97 33.15 -2.12
C PRO B 1088 29.48 34.61 -2.22
N ASN B 1089 29.21 35.45 -1.23
CA ASN B 1089 29.84 36.77 -1.07
C ASN B 1089 30.05 37.12 0.42
N SER B 1090 30.99 38.03 0.70
CA SER B 1090 31.36 38.48 2.05
C SER B 1090 30.67 39.80 2.48
N SER B 1091 29.50 40.13 1.92
CA SER B 1091 28.75 41.40 1.99
C SER B 1091 29.41 42.62 1.32
N THR B 1092 30.74 42.63 1.21
CA THR B 1092 31.64 43.47 0.38
C THR B 1092 31.54 45.01 0.50
N THR B 1093 30.34 45.60 0.50
CA THR B 1093 30.12 47.06 0.45
C THR B 1093 28.82 47.54 1.10
N TYR B 1094 27.88 46.65 1.45
CA TYR B 1094 26.58 47.04 2.01
C TYR B 1094 26.06 46.09 3.13
N ASP B 1095 25.10 46.58 3.92
CA ASP B 1095 24.50 45.82 5.02
C ASP B 1095 23.54 44.71 4.51
N THR B 1096 24.06 43.52 4.27
CA THR B 1096 23.29 42.34 3.83
C THR B 1096 22.41 41.80 4.96
N ASN B 1097 21.19 42.30 5.09
CA ASN B 1097 20.17 41.75 5.99
C ASN B 1097 19.59 40.41 5.48
N PRO B 1098 19.20 40.24 4.20
CA PRO B 1098 18.78 38.95 3.64
C PRO B 1098 19.95 38.11 3.09
N THR B 1099 20.82 37.56 3.95
CA THR B 1099 21.92 36.70 3.49
C THR B 1099 21.40 35.31 3.08
N LEU B 1100 21.29 35.07 1.77
CA LEU B 1100 20.86 33.79 1.21
C LEU B 1100 21.78 32.66 1.69
N SER B 1101 21.20 31.73 2.47
CA SER B 1101 21.90 30.70 3.26
C SER B 1101 20.90 29.60 3.63
N PRO B 1102 21.33 28.38 3.99
CA PRO B 1102 20.45 27.19 3.95
C PRO B 1102 19.33 27.16 5.00
N SER B 1103 19.33 28.06 5.99
CA SER B 1103 18.29 28.20 7.03
C SER B 1103 17.54 29.55 6.96
N PHE B 1104 17.87 30.41 5.99
CA PHE B 1104 17.19 31.70 5.76
C PHE B 1104 15.85 31.52 5.02
N GLN B 1105 14.85 32.32 5.39
CA GLN B 1105 13.55 32.43 4.70
C GLN B 1105 13.01 33.86 4.80
N LEU B 1106 12.19 34.28 3.83
CA LEU B 1106 11.51 35.58 3.80
C LEU B 1106 10.25 35.58 4.68
N TYR B 1107 10.40 35.29 5.98
CA TYR B 1107 9.33 35.38 6.96
C TYR B 1107 8.73 36.80 7.00
N GLN B 1108 7.40 36.89 6.96
CA GLN B 1108 6.66 38.15 6.94
C GLN B 1108 6.33 38.62 8.36
N PRO B 1109 6.10 39.93 8.60
CA PRO B 1109 5.46 40.42 9.81
C PRO B 1109 4.11 39.75 10.09
N ASN B 1110 3.84 39.41 11.35
CA ASN B 1110 2.49 39.23 11.89
C ASN B 1110 2.17 40.41 12.84
N LYS B 1111 1.02 41.07 12.66
CA LYS B 1111 0.56 42.17 13.54
C LYS B 1111 -0.68 41.73 14.32
N VAL B 1112 -0.74 42.00 15.62
CA VAL B 1112 -1.71 41.42 16.54
C VAL B 1112 -2.23 42.42 17.57
N LYS B 1113 -3.52 42.32 17.91
CA LYS B 1113 -4.18 43.20 18.91
C LYS B 1113 -3.73 42.89 20.33
N ALA B 1114 -3.97 43.83 21.25
CA ALA B 1114 -3.62 43.68 22.66
C ALA B 1114 -4.31 42.47 23.31
N TYR B 1115 -3.58 41.74 24.17
CA TYR B 1115 -4.09 40.60 24.92
C TYR B 1115 -4.97 41.04 26.10
N GLN B 1116 -5.96 40.24 26.50
CA GLN B 1116 -6.73 40.52 27.72
C GLN B 1116 -5.89 40.22 28.98
N THR B 1117 -5.90 41.12 29.97
CA THR B 1117 -5.07 41.02 31.20
C THR B 1117 -5.39 39.80 32.06
N THR B 1118 -6.64 39.31 32.00
CA THR B 1118 -7.12 38.08 32.68
C THR B 1118 -8.04 37.29 31.74
N ASN B 1119 -8.21 35.99 31.99
CA ASN B 1119 -8.97 35.07 31.12
C ASN B 1119 -8.51 35.14 29.64
N THR B 1120 -7.19 35.19 29.43
CA THR B 1120 -6.55 35.65 28.19
C THR B 1120 -6.84 34.75 26.98
N TYR B 1121 -7.03 33.44 27.20
CA TYR B 1121 -7.12 32.42 26.14
C TYR B 1121 -8.54 31.86 25.95
N ASN B 1122 -9.56 32.53 26.49
CA ASN B 1122 -10.97 32.12 26.37
C ASN B 1122 -11.51 32.20 24.93
N LYS B 1123 -10.87 33.01 24.08
CA LYS B 1123 -11.17 33.20 22.64
C LYS B 1123 -9.86 33.18 21.83
N LEU B 1124 -9.94 32.94 20.53
CA LEU B 1124 -8.78 33.02 19.63
C LEU B 1124 -8.25 34.46 19.53
N ILE B 1125 -6.92 34.59 19.50
CA ILE B 1125 -6.21 35.88 19.39
C ILE B 1125 -6.41 36.47 17.98
N GLU B 1126 -6.62 37.79 17.88
CA GLU B 1126 -7.03 38.45 16.64
C GLU B 1126 -5.87 39.21 15.94
N PRO B 1127 -5.51 38.84 14.69
CA PRO B 1127 -4.55 39.58 13.89
C PRO B 1127 -5.16 40.82 13.22
N VAL B 1128 -4.29 41.74 12.77
CA VAL B 1128 -4.62 43.01 12.12
C VAL B 1128 -3.69 43.28 10.92
N ASP B 1129 -4.06 44.24 10.07
CA ASP B 1129 -3.32 44.62 8.84
C ASP B 1129 -1.81 44.75 9.07
N ALA B 1130 -1.04 43.82 8.49
CA ALA B 1130 0.42 43.75 8.62
C ALA B 1130 1.18 44.41 7.44
N THR B 1131 0.48 44.99 6.46
CA THR B 1131 1.07 45.44 5.18
C THR B 1131 2.08 46.61 5.30
N SER B 1132 2.09 47.32 6.43
CA SER B 1132 3.08 48.37 6.75
C SER B 1132 3.89 48.08 8.03
N ALA B 1133 3.71 46.91 8.67
CA ALA B 1133 4.22 46.62 10.01
C ALA B 1133 5.77 46.56 10.13
N ALA B 1134 6.48 46.34 9.02
CA ALA B 1134 7.93 46.14 9.00
C ALA B 1134 8.74 47.31 9.63
N THR B 1135 8.23 48.54 9.54
CA THR B 1135 8.91 49.74 10.08
C THR B 1135 9.10 49.72 11.61
N ASN B 1136 8.27 48.98 12.34
CA ASN B 1136 8.32 48.89 13.81
C ASN B 1136 9.25 47.78 14.35
N MET B 1137 9.90 47.00 13.49
CA MET B 1137 10.52 45.71 13.85
C MET B 1137 11.87 45.44 13.12
N THR B 1138 12.61 46.50 12.80
CA THR B 1138 13.88 46.43 12.04
C THR B 1138 14.93 45.53 12.71
N SER B 1139 14.98 45.48 14.05
CA SER B 1139 15.87 44.54 14.77
C SER B 1139 15.55 43.08 14.43
N LEU B 1140 14.27 42.73 14.31
CA LEU B 1140 13.84 41.37 13.98
C LEU B 1140 14.19 41.01 12.53
N LEU B 1141 14.05 41.99 11.61
CA LEU B 1141 14.45 41.82 10.20
C LEU B 1141 15.96 41.58 10.04
N LYS B 1142 16.81 42.20 10.87
CA LYS B 1142 18.24 41.89 10.92
C LYS B 1142 18.52 40.49 11.52
N LEU B 1143 17.76 40.08 12.53
CA LEU B 1143 17.84 38.75 13.16
C LEU B 1143 17.35 37.58 12.27
N LEU B 1144 16.77 37.82 11.08
CA LEU B 1144 16.38 36.75 10.15
C LEU B 1144 17.57 35.92 9.65
N THR B 1145 18.72 36.56 9.40
CA THR B 1145 19.96 35.89 8.97
C THR B 1145 20.62 35.14 10.13
N THR B 1146 20.91 33.85 9.96
CA THR B 1146 21.40 33.00 11.07
C THR B 1146 22.68 33.51 11.72
N LYS B 1147 23.60 34.10 10.94
CA LYS B 1147 24.85 34.67 11.44
C LYS B 1147 24.63 35.77 12.49
N ASN B 1148 23.57 36.55 12.37
CA ASN B 1148 23.20 37.57 13.35
C ASN B 1148 22.60 36.95 14.64
N ILE B 1149 21.88 35.83 14.53
CA ILE B 1149 21.45 35.03 15.69
C ILE B 1149 22.68 34.48 16.43
N LYS B 1150 23.60 33.81 15.70
CA LYS B 1150 24.85 33.28 16.26
C LYS B 1150 25.71 34.35 16.94
N ALA B 1151 25.80 35.55 16.36
CA ALA B 1151 26.55 36.66 16.95
C ALA B 1151 25.99 37.08 18.33
N LYS B 1152 24.66 37.21 18.45
CA LYS B 1152 24.01 37.54 19.74
C LYS B 1152 24.04 36.39 20.75
N LEU B 1153 24.05 35.13 20.30
CA LEU B 1153 24.30 33.94 21.13
C LEU B 1153 25.79 33.71 21.48
N GLY B 1154 26.72 34.52 20.98
CA GLY B 1154 28.17 34.40 21.25
C GLY B 1154 28.89 33.30 20.45
N LYS B 1155 28.22 32.66 19.48
CA LYS B 1155 28.74 31.56 18.64
C LYS B 1155 29.33 32.01 17.29
N GLY B 1156 29.18 33.28 16.92
CA GLY B 1156 29.44 33.79 15.54
C GLY B 1156 30.91 33.91 15.13
N THR B 1157 31.86 33.87 16.08
CA THR B 1157 33.31 34.06 15.84
C THR B 1157 34.15 33.12 16.74
N ALA B 1158 35.45 33.41 16.90
CA ALA B 1158 36.42 32.62 17.68
C ALA B 1158 36.03 32.40 19.16
N SER B 1159 35.07 33.15 19.71
CA SER B 1159 34.46 32.92 21.02
C SER B 1159 33.78 31.55 21.18
N SER B 1160 33.55 30.81 20.10
CA SER B 1160 33.11 29.41 20.12
C SER B 1160 34.16 28.45 20.73
N GLN B 1161 35.46 28.79 20.63
CA GLN B 1161 36.62 28.05 21.18
C GLN B 1161 36.64 26.56 20.76
N GLY B 1162 37.25 25.68 21.57
CA GLY B 1162 37.50 24.28 21.23
C GLY B 1162 38.70 24.07 20.30
N ASN B 1163 38.73 22.93 19.61
CA ASN B 1163 39.78 22.57 18.65
C ASN B 1163 39.82 23.53 17.44
N ASN B 1164 41.01 24.00 17.05
CA ASN B 1164 41.22 24.82 15.85
C ASN B 1164 41.19 23.97 14.56
N ASN B 1165 41.88 22.82 14.57
CA ASN B 1165 41.74 21.74 13.59
C ASN B 1165 40.88 20.61 14.21
N GLY B 1166 41.39 19.40 14.35
CA GLY B 1166 40.71 18.30 15.06
C GLY B 1166 39.79 17.42 14.21
N GLY B 1167 40.07 17.31 12.90
CA GLY B 1167 39.42 16.29 12.05
C GLY B 1167 39.75 14.87 12.49
N GLY B 1168 38.93 13.89 12.11
CA GLY B 1168 39.09 12.50 12.54
C GLY B 1168 37.84 11.63 12.38
N VAL B 1169 37.74 10.64 13.27
CA VAL B 1169 36.81 9.50 13.19
C VAL B 1169 35.70 9.63 14.24
N SER B 1170 34.46 9.31 13.86
CA SER B 1170 33.29 9.24 14.73
C SER B 1170 32.65 7.84 14.71
N GLN B 1171 32.12 7.37 15.84
CA GLN B 1171 31.55 6.02 16.01
C GLN B 1171 30.23 6.04 16.81
N THR B 1172 29.24 5.24 16.40
CA THR B 1172 27.95 5.13 17.09
C THR B 1172 28.08 4.49 18.49
N ILE B 1173 27.11 4.71 19.39
CA ILE B 1173 27.12 4.12 20.75
C ILE B 1173 27.10 2.58 20.73
N ASN B 1174 27.65 1.96 21.79
CA ASN B 1174 27.60 0.51 22.00
C ASN B 1174 26.16 -0.01 22.15
N THR B 1175 25.92 -1.28 21.81
CA THR B 1175 24.58 -1.88 21.77
C THR B 1175 24.60 -3.36 22.20
N ILE B 1176 23.50 -3.81 22.80
CA ILE B 1176 23.22 -5.18 23.27
C ILE B 1176 21.73 -5.51 23.03
N THR B 1177 21.32 -6.77 23.14
CA THR B 1177 19.91 -7.19 22.92
C THR B 1177 18.90 -6.43 23.81
N THR B 1178 19.30 -5.97 24.99
CA THR B 1178 18.48 -5.14 25.89
C THR B 1178 18.31 -3.68 25.41
N THR B 1179 19.20 -3.16 24.56
CA THR B 1179 19.17 -1.75 24.12
C THR B 1179 17.88 -1.44 23.35
N GLY B 1180 17.16 -0.41 23.80
CA GLY B 1180 15.86 -0.02 23.24
C GLY B 1180 14.65 -0.77 23.82
N ASN B 1181 14.84 -1.72 24.75
CA ASN B 1181 13.74 -2.28 25.53
C ASN B 1181 13.20 -1.20 26.50
N ILE B 1182 11.92 -0.83 26.32
CA ILE B 1182 11.20 0.15 27.15
C ILE B 1182 9.86 -0.42 27.63
N SER B 1183 9.79 -1.73 27.86
CA SER B 1183 8.55 -2.46 28.21
C SER B 1183 7.82 -1.96 29.46
N GLU B 1184 8.51 -1.34 30.41
CA GLU B 1184 7.90 -0.71 31.61
C GLU B 1184 7.27 0.67 31.32
N GLY B 1185 7.74 1.36 30.27
CA GLY B 1185 7.14 2.60 29.76
C GLY B 1185 6.00 2.37 28.75
N LEU B 1186 5.99 1.21 28.08
CA LEU B 1186 4.89 0.75 27.21
C LEU B 1186 3.74 0.10 28.02
N LYS B 1187 2.58 -0.05 27.37
CA LYS B 1187 1.28 -0.51 27.92
C LYS B 1187 0.75 0.33 29.09
N GLU B 1188 -0.46 0.03 29.54
CA GLU B 1188 -1.12 0.72 30.64
C GLU B 1188 -2.03 -0.19 31.48
N GLU B 1189 -2.24 0.21 32.73
CA GLU B 1189 -3.11 -0.44 33.72
C GLU B 1189 -3.61 0.53 34.82
N THR B 1190 -3.24 1.83 34.79
CA THR B 1190 -3.68 2.84 35.78
C THR B 1190 -3.97 4.24 35.21
N SER B 1191 -3.36 4.62 34.08
CA SER B 1191 -3.25 6.02 33.61
C SER B 1191 -3.22 6.08 32.06
N ILE B 1192 -2.66 7.15 31.46
CA ILE B 1192 -2.49 7.31 30.00
C ILE B 1192 -1.02 7.05 29.58
N GLN B 1193 -0.80 6.29 28.50
CA GLN B 1193 0.51 5.68 28.18
C GLN B 1193 1.69 6.68 28.11
N ALA B 1194 1.47 7.88 27.57
CA ALA B 1194 2.48 8.92 27.54
C ALA B 1194 2.97 9.31 28.95
N GLU B 1195 2.09 9.33 29.96
CA GLU B 1195 2.41 9.72 31.33
C GLU B 1195 3.26 8.67 32.06
N THR B 1196 2.97 7.38 31.89
CA THR B 1196 3.84 6.32 32.43
C THR B 1196 5.17 6.23 31.67
N LEU B 1197 5.19 6.47 30.35
CA LEU B 1197 6.46 6.63 29.62
C LEU B 1197 7.25 7.85 30.12
N LYS B 1198 6.58 8.97 30.45
CA LYS B 1198 7.21 10.15 31.05
C LYS B 1198 7.84 9.83 32.42
N LYS B 1199 7.14 9.10 33.30
CA LYS B 1199 7.71 8.57 34.56
C LYS B 1199 8.92 7.66 34.31
N PHE B 1200 8.84 6.77 33.33
CA PHE B 1200 9.92 5.85 32.95
C PHE B 1200 11.15 6.61 32.40
N PHE B 1201 10.95 7.67 31.63
CA PHE B 1201 12.01 8.54 31.13
C PHE B 1201 12.64 9.44 32.21
N ASP B 1202 11.86 9.97 33.17
CA ASP B 1202 12.37 10.96 34.16
C ASP B 1202 13.55 10.43 35.00
N SER B 1203 13.53 9.17 35.43
CA SER B 1203 14.66 8.55 36.15
C SER B 1203 15.84 8.18 35.24
N LYS B 1204 15.66 8.21 33.92
CA LYS B 1204 16.64 7.81 32.89
C LYS B 1204 17.20 8.99 32.07
N GLN B 1205 16.89 10.24 32.44
CA GLN B 1205 17.37 11.44 31.73
C GLN B 1205 18.91 11.54 31.68
N ASN B 1206 19.60 11.02 32.70
CA ASN B 1206 21.07 10.96 32.78
C ASN B 1206 21.68 9.63 32.27
N ASN B 1207 20.88 8.73 31.70
CA ASN B 1207 21.28 7.34 31.38
C ASN B 1207 20.64 6.86 30.05
N LYS B 1208 20.64 7.71 29.02
CA LYS B 1208 19.89 7.52 27.77
C LYS B 1208 20.39 6.37 26.88
N SER B 1209 21.64 5.93 27.06
CA SER B 1209 22.26 4.92 26.19
C SER B 1209 21.52 3.57 26.17
N GLU B 1210 20.88 3.14 27.27
CA GLU B 1210 20.08 1.90 27.27
C GLU B 1210 18.75 2.03 26.50
N ILE B 1211 18.26 3.26 26.30
CA ILE B 1211 17.15 3.58 25.39
C ILE B 1211 17.61 3.57 23.92
N GLY B 1212 18.92 3.48 23.67
CA GLY B 1212 19.52 3.59 22.34
C GLY B 1212 19.75 5.04 21.89
N ILE B 1213 19.70 6.00 22.81
CA ILE B 1213 19.85 7.43 22.52
C ILE B 1213 21.13 7.98 23.19
N GLY B 1214 22.00 8.70 22.47
CA GLY B 1214 23.21 9.27 23.05
C GLY B 1214 24.10 10.05 22.09
N ASP B 1215 25.37 10.22 22.45
CA ASP B 1215 26.37 10.91 21.65
C ASP B 1215 27.40 9.92 21.06
N SER B 1216 27.78 10.10 19.80
CA SER B 1216 28.85 9.32 19.15
C SER B 1216 30.21 9.61 19.77
N THR B 1217 31.01 8.56 20.05
CA THR B 1217 32.41 8.74 20.47
C THR B 1217 33.30 9.16 19.29
N PHE B 1218 34.38 9.88 19.56
CA PHE B 1218 35.20 10.54 18.54
C PHE B 1218 36.71 10.44 18.86
N THR B 1219 37.56 10.28 17.84
CA THR B 1219 39.02 10.37 17.97
C THR B 1219 39.63 11.23 16.85
N LYS B 1220 40.62 12.05 17.20
CA LYS B 1220 41.30 12.98 16.27
C LYS B 1220 42.36 12.25 15.42
N MET B 1221 42.68 12.83 14.26
CA MET B 1221 43.77 12.43 13.37
C MET B 1221 44.60 13.64 12.92
N ASP B 1222 45.87 13.40 12.57
CA ASP B 1222 46.76 14.40 11.97
C ASP B 1222 46.49 14.58 10.46
N GLY B 1223 46.75 15.78 9.93
CA GLY B 1223 46.55 16.11 8.51
C GLY B 1223 45.09 16.22 8.05
N LYS B 1224 44.90 16.28 6.74
CA LYS B 1224 43.59 16.38 6.06
C LYS B 1224 42.83 15.04 6.06
N LEU B 1225 41.50 15.06 6.10
CA LEU B 1225 40.66 13.90 5.74
C LEU B 1225 39.96 14.16 4.40
N THR B 1226 40.22 13.34 3.39
CA THR B 1226 39.65 13.50 2.03
C THR B 1226 38.61 12.41 1.71
N GLY B 1227 38.79 11.19 2.19
CA GLY B 1227 37.86 10.07 2.01
C GLY B 1227 38.40 8.75 2.55
N VAL B 1228 37.66 7.66 2.31
CA VAL B 1228 38.02 6.29 2.73
C VAL B 1228 37.86 5.29 1.58
N VAL B 1229 38.62 4.20 1.61
CA VAL B 1229 38.36 3.01 0.78
C VAL B 1229 38.28 1.75 1.64
N SER B 1230 37.40 0.82 1.28
CA SER B 1230 36.95 -0.27 2.16
C SER B 1230 37.20 -1.67 1.59
N THR B 1231 37.51 -2.63 2.48
CA THR B 1231 37.68 -4.06 2.18
C THR B 1231 36.91 -4.90 3.22
N PRO B 1232 36.64 -6.20 2.97
CA PRO B 1232 35.96 -7.05 3.96
C PRO B 1232 36.79 -7.27 5.25
N LEU B 1233 38.09 -6.98 5.24
CA LEU B 1233 38.97 -7.11 6.42
C LEU B 1233 39.32 -5.76 7.09
N VAL B 1234 39.45 -4.67 6.32
CA VAL B 1234 40.04 -3.40 6.79
C VAL B 1234 39.42 -2.17 6.09
N ASN B 1235 39.50 -0.99 6.73
CA ASN B 1235 39.19 0.32 6.14
C ASN B 1235 40.43 1.21 6.10
N LEU B 1236 40.69 1.85 4.96
CA LEU B 1236 41.85 2.69 4.69
C LEU B 1236 41.41 4.17 4.63
N ILE B 1237 42.12 5.06 5.33
CA ILE B 1237 41.81 6.50 5.40
C ILE B 1237 42.82 7.27 4.53
N ASN B 1238 42.32 8.10 3.60
CA ASN B 1238 43.09 8.69 2.49
C ASN B 1238 43.84 7.64 1.62
N GLY B 1239 43.48 6.36 1.72
CA GLY B 1239 44.21 5.23 1.11
C GLY B 1239 45.37 4.66 1.94
N GLN B 1240 45.71 5.24 3.10
CA GLN B 1240 46.70 4.71 4.05
C GLN B 1240 46.05 3.83 5.14
N GLY B 1241 46.86 2.99 5.79
CA GLY B 1241 46.45 2.07 6.86
C GLY B 1241 46.66 0.58 6.57
N ALA B 1242 47.21 0.22 5.41
CA ALA B 1242 47.50 -1.16 5.02
C ALA B 1242 48.61 -1.81 5.89
N THR B 1243 48.65 -3.13 5.96
CA THR B 1243 49.56 -3.92 6.83
C THR B 1243 50.17 -5.12 6.11
N SER B 1244 51.19 -5.74 6.71
CA SER B 1244 51.93 -6.88 6.13
C SER B 1244 51.16 -8.22 6.08
N ASP B 1245 49.94 -8.28 6.63
CA ASP B 1245 49.10 -9.50 6.70
C ASP B 1245 49.81 -10.66 7.43
N SER B 1246 50.34 -10.34 8.63
CA SER B 1246 51.36 -11.13 9.33
C SER B 1246 50.97 -12.58 9.65
N ASP B 1247 49.68 -12.88 9.81
CA ASP B 1247 49.18 -14.25 10.02
C ASP B 1247 49.35 -15.17 8.79
N THR B 1248 49.65 -14.63 7.61
CA THR B 1248 49.72 -15.36 6.34
C THR B 1248 51.12 -15.45 5.71
N GLU B 1249 52.14 -14.86 6.33
CA GLU B 1249 53.51 -14.76 5.80
C GLU B 1249 54.14 -16.11 5.42
N LYS B 1250 53.85 -17.17 6.18
CA LYS B 1250 54.54 -18.47 6.10
C LYS B 1250 53.96 -19.41 5.01
N ILE B 1251 52.96 -18.96 4.26
CA ILE B 1251 52.27 -19.75 3.22
C ILE B 1251 52.77 -19.31 1.83
N SER B 1252 53.24 -20.23 0.99
CA SER B 1252 53.77 -19.89 -0.36
C SER B 1252 53.72 -21.07 -1.34
N PHE B 1253 53.42 -20.84 -2.61
CA PHE B 1253 53.55 -21.86 -3.66
C PHE B 1253 55.02 -22.20 -3.92
N LYS B 1254 55.33 -23.47 -4.23
CA LYS B 1254 56.71 -23.89 -4.58
C LYS B 1254 57.19 -23.23 -5.89
N PRO B 1255 58.44 -22.75 -5.97
CA PRO B 1255 59.02 -22.23 -7.20
C PRO B 1255 59.38 -23.35 -8.18
N GLY B 1256 59.53 -23.03 -9.47
CA GLY B 1256 59.68 -24.01 -10.56
C GLY B 1256 60.90 -24.94 -10.43
N ASN B 1257 61.99 -24.49 -9.82
CA ASN B 1257 63.17 -25.32 -9.56
C ASN B 1257 62.99 -26.35 -8.42
N GLN B 1258 61.91 -26.27 -7.63
CA GLN B 1258 61.57 -27.21 -6.56
C GLN B 1258 60.52 -28.26 -6.97
N ILE B 1259 60.13 -28.33 -8.25
CA ILE B 1259 59.13 -29.29 -8.75
C ILE B 1259 59.82 -30.48 -9.42
N ASP B 1260 59.49 -31.70 -8.97
CA ASP B 1260 59.96 -32.98 -9.54
C ASP B 1260 58.90 -33.52 -10.52
N PHE B 1261 58.91 -33.04 -11.77
CA PHE B 1261 57.76 -33.10 -12.69
C PHE B 1261 57.18 -34.52 -12.90
N ASN B 1262 58.00 -35.57 -12.92
CA ASN B 1262 57.56 -36.95 -13.07
C ASN B 1262 56.63 -37.42 -11.92
N ARG B 1263 56.82 -36.90 -10.70
CA ARG B 1263 55.98 -37.20 -9.52
C ARG B 1263 54.57 -36.61 -9.65
N LEU B 1264 54.46 -35.43 -10.25
CA LEU B 1264 53.18 -34.73 -10.45
C LEU B 1264 52.43 -35.22 -11.70
N PHE B 1265 53.13 -35.49 -12.80
CA PHE B 1265 52.54 -35.59 -14.16
C PHE B 1265 52.75 -36.94 -14.87
N THR B 1266 53.10 -38.01 -14.15
CA THR B 1266 52.99 -39.38 -14.72
C THR B 1266 51.52 -39.76 -14.97
N LEU B 1267 50.62 -39.38 -14.06
CA LEU B 1267 49.17 -39.40 -14.28
C LEU B 1267 48.73 -38.08 -14.97
N PRO B 1268 47.70 -38.12 -15.85
CA PRO B 1268 47.05 -36.92 -16.36
C PRO B 1268 46.48 -36.02 -15.24
N VAL B 1269 46.38 -34.71 -15.49
CA VAL B 1269 45.81 -33.73 -14.54
C VAL B 1269 44.29 -33.89 -14.32
N THR B 1270 43.62 -34.72 -15.12
CA THR B 1270 42.17 -34.91 -15.20
C THR B 1270 41.49 -35.30 -13.88
N GLU B 1271 42.21 -35.93 -12.94
CA GLU B 1271 41.66 -36.48 -11.69
C GLU B 1271 42.38 -35.99 -10.41
N LEU B 1272 43.13 -34.90 -10.49
CA LEU B 1272 43.70 -34.21 -9.31
C LEU B 1272 42.63 -33.49 -8.47
N PHE B 1273 41.43 -33.28 -9.01
CA PHE B 1273 40.33 -32.52 -8.40
C PHE B 1273 38.99 -33.26 -8.54
N ASP B 1274 38.03 -32.94 -7.68
CA ASP B 1274 36.65 -33.47 -7.75
C ASP B 1274 35.84 -32.76 -8.86
N PRO B 1275 35.38 -33.47 -9.92
CA PRO B 1275 34.60 -32.87 -11.01
C PRO B 1275 33.33 -32.12 -10.59
N ASN B 1276 32.79 -32.40 -9.40
CA ASN B 1276 31.58 -31.74 -8.89
C ASN B 1276 31.83 -30.32 -8.34
N THR B 1277 33.09 -29.95 -8.03
CA THR B 1277 33.41 -28.70 -7.31
C THR B 1277 34.76 -28.06 -7.66
N MET B 1278 35.64 -28.75 -8.39
CA MET B 1278 36.92 -28.25 -8.92
C MET B 1278 37.99 -27.84 -7.88
N PHE B 1279 37.79 -28.17 -6.61
CA PHE B 1279 38.87 -28.16 -5.62
C PHE B 1279 39.78 -29.39 -5.79
N VAL B 1280 41.09 -29.16 -5.72
CA VAL B 1280 42.13 -30.18 -5.79
C VAL B 1280 42.12 -31.03 -4.50
N TYR B 1281 42.34 -32.34 -4.61
CA TYR B 1281 42.37 -33.24 -3.45
C TYR B 1281 43.55 -32.96 -2.49
N ASP B 1282 43.35 -33.22 -1.20
CA ASP B 1282 44.26 -32.80 -0.11
C ASP B 1282 45.72 -33.28 -0.28
N GLN B 1283 45.93 -34.48 -0.82
CA GLN B 1283 47.25 -35.09 -1.00
C GLN B 1283 48.20 -34.26 -1.89
N TYR B 1284 47.66 -33.45 -2.81
CA TYR B 1284 48.45 -32.60 -3.71
C TYR B 1284 48.78 -31.21 -3.13
N VAL B 1285 48.12 -30.78 -2.05
CA VAL B 1285 48.35 -29.45 -1.44
C VAL B 1285 49.80 -29.28 -0.92
N PRO B 1286 50.35 -30.15 -0.04
CA PRO B 1286 51.74 -30.00 0.44
C PRO B 1286 52.80 -30.28 -0.64
N LEU B 1287 52.43 -30.95 -1.73
CA LEU B 1287 53.28 -31.14 -2.92
C LEU B 1287 53.42 -29.86 -3.76
N LEU B 1288 52.52 -28.88 -3.61
CA LEU B 1288 52.47 -27.62 -4.38
C LEU B 1288 52.66 -26.35 -3.53
N VAL B 1289 52.37 -26.41 -2.22
CA VAL B 1289 52.41 -25.26 -1.30
C VAL B 1289 53.26 -25.57 -0.06
N ASN B 1290 54.16 -24.66 0.31
CA ASN B 1290 54.90 -24.67 1.57
C ASN B 1290 54.06 -24.07 2.72
N LEU B 1291 54.18 -24.67 3.91
CA LEU B 1291 53.41 -24.35 5.12
C LEU B 1291 54.33 -24.47 6.36
N PRO B 1292 54.07 -23.74 7.46
CA PRO B 1292 54.92 -23.78 8.65
C PRO B 1292 54.76 -25.07 9.47
N SER B 1293 55.68 -25.32 10.41
CA SER B 1293 55.56 -26.43 11.36
C SER B 1293 54.34 -26.26 12.28
N GLY B 1294 53.66 -27.37 12.61
CA GLY B 1294 52.46 -27.37 13.45
C GLY B 1294 51.17 -26.84 12.79
N PHE B 1295 51.19 -26.55 11.49
CA PHE B 1295 50.06 -25.98 10.74
C PHE B 1295 48.89 -26.96 10.60
N ASP B 1296 47.65 -26.46 10.68
CA ASP B 1296 46.44 -27.25 10.46
C ASP B 1296 46.17 -27.46 8.95
N GLN B 1297 46.58 -28.60 8.40
CA GLN B 1297 46.52 -28.87 6.97
C GLN B 1297 45.09 -28.85 6.37
N ALA B 1298 44.05 -29.02 7.17
CA ALA B 1298 42.65 -28.92 6.73
C ALA B 1298 42.19 -27.46 6.47
N SER B 1299 42.96 -26.46 6.90
CA SER B 1299 42.58 -25.04 6.82
C SER B 1299 42.80 -24.37 5.45
N ILE B 1300 43.51 -25.02 4.52
CA ILE B 1300 43.87 -24.47 3.19
C ILE B 1300 43.66 -25.50 2.07
N ARG B 1301 43.20 -25.07 0.88
CA ARG B 1301 43.16 -25.91 -0.34
C ARG B 1301 43.21 -25.10 -1.64
N LEU B 1302 43.47 -25.79 -2.75
CA LEU B 1302 43.60 -25.21 -4.09
C LEU B 1302 42.32 -25.39 -4.92
N LYS B 1303 41.90 -24.34 -5.63
CA LYS B 1303 40.79 -24.33 -6.60
C LYS B 1303 41.37 -24.24 -8.01
N VAL B 1304 40.94 -25.12 -8.92
CA VAL B 1304 41.29 -25.05 -10.34
C VAL B 1304 40.56 -23.88 -11.00
N ILE B 1305 41.28 -23.08 -11.81
CA ILE B 1305 40.73 -21.90 -12.49
C ILE B 1305 40.82 -21.98 -14.02
N SER B 1306 41.82 -22.65 -14.58
CA SER B 1306 41.85 -23.12 -15.98
C SER B 1306 42.85 -24.28 -16.14
N TYR B 1307 42.66 -25.14 -17.14
CA TYR B 1307 43.52 -26.31 -17.40
C TYR B 1307 43.38 -26.81 -18.85
N SER B 1308 44.34 -27.62 -19.32
CA SER B 1308 44.18 -28.42 -20.55
C SER B 1308 44.98 -29.73 -20.49
N VAL B 1309 44.27 -30.86 -20.61
CA VAL B 1309 44.82 -32.20 -20.40
C VAL B 1309 45.81 -32.61 -21.50
N GLU B 1310 45.60 -32.14 -22.73
CA GLU B 1310 46.47 -32.41 -23.89
C GLU B 1310 47.82 -31.67 -23.81
N ASN B 1311 47.92 -30.64 -22.97
CA ASN B 1311 49.16 -29.94 -22.61
C ASN B 1311 49.70 -30.33 -21.21
N GLN B 1312 48.95 -31.15 -20.45
CA GLN B 1312 49.22 -31.50 -19.05
C GLN B 1312 49.46 -30.28 -18.12
N THR B 1313 48.78 -29.17 -18.37
CA THR B 1313 48.92 -27.92 -17.60
C THR B 1313 47.72 -27.68 -16.69
N LEU B 1314 47.96 -27.36 -15.42
CA LEU B 1314 46.95 -27.10 -14.40
C LEU B 1314 47.15 -25.71 -13.77
N GLY B 1315 46.13 -24.84 -13.86
CA GLY B 1315 46.12 -23.50 -13.27
C GLY B 1315 45.21 -23.42 -12.04
N VAL B 1316 45.72 -22.84 -10.96
CA VAL B 1316 45.09 -22.90 -9.63
C VAL B 1316 45.14 -21.57 -8.88
N ARG B 1317 44.24 -21.42 -7.90
CA ARG B 1317 44.17 -20.34 -6.91
C ARG B 1317 43.98 -20.93 -5.50
N LEU B 1318 44.64 -20.41 -4.48
CA LEU B 1318 44.56 -20.96 -3.11
C LEU B 1318 43.59 -20.20 -2.18
N GLU B 1319 42.86 -20.94 -1.35
CA GLU B 1319 41.95 -20.37 -0.33
C GLU B 1319 42.20 -20.97 1.06
N PHE B 1320 42.20 -20.10 2.07
CA PHE B 1320 42.59 -20.35 3.46
C PHE B 1320 41.53 -19.80 4.44
N LYS B 1321 41.30 -20.47 5.56
CA LYS B 1321 40.42 -19.97 6.65
C LYS B 1321 40.92 -18.63 7.20
N ASP B 1322 40.08 -17.60 7.22
CA ASP B 1322 40.39 -16.34 7.91
C ASP B 1322 40.44 -16.55 9.44
N PRO B 1323 41.56 -16.25 10.13
CA PRO B 1323 41.62 -16.34 11.60
C PRO B 1323 40.55 -15.53 12.34
N GLN B 1324 40.01 -14.46 11.72
CA GLN B 1324 39.02 -13.55 12.31
C GLN B 1324 37.56 -13.91 11.96
N THR B 1325 37.30 -14.75 10.95
CA THR B 1325 35.95 -14.91 10.35
C THR B 1325 35.63 -16.37 10.02
N GLN B 1326 34.35 -16.76 10.10
CA GLN B 1326 33.83 -18.08 9.71
C GLN B 1326 33.79 -18.30 8.18
N GLN B 1327 34.80 -17.84 7.44
CA GLN B 1327 34.82 -17.75 5.97
C GLN B 1327 36.25 -17.91 5.42
N PHE B 1328 36.39 -18.35 4.17
CA PHE B 1328 37.68 -18.47 3.47
C PHE B 1328 38.09 -17.17 2.76
N ILE B 1329 39.40 -16.95 2.61
CA ILE B 1329 40.03 -15.82 1.92
C ILE B 1329 41.21 -16.31 1.06
N PRO B 1330 41.59 -15.59 0.00
CA PRO B 1330 42.82 -15.86 -0.75
C PRO B 1330 44.07 -15.45 0.06
N VAL B 1331 45.22 -16.03 -0.26
CA VAL B 1331 46.52 -15.71 0.35
C VAL B 1331 47.36 -14.92 -0.66
N LEU B 1332 47.25 -13.59 -0.64
CA LEU B 1332 47.75 -12.73 -1.73
C LEU B 1332 49.29 -12.74 -1.89
N ASN B 1333 50.03 -13.03 -0.83
CA ASN B 1333 51.50 -13.14 -0.82
C ASN B 1333 52.03 -14.50 -1.32
N ALA B 1334 51.18 -15.43 -1.76
CA ALA B 1334 51.59 -16.82 -2.05
C ALA B 1334 52.54 -17.00 -3.25
N SER B 1335 52.65 -16.03 -4.16
CA SER B 1335 53.56 -16.06 -5.31
C SER B 1335 53.79 -14.67 -5.92
N SER B 1336 54.74 -14.56 -6.86
CA SER B 1336 54.89 -13.37 -7.73
C SER B 1336 53.68 -13.11 -8.64
N THR B 1337 52.85 -14.12 -8.91
CA THR B 1337 51.54 -14.03 -9.58
C THR B 1337 50.37 -13.95 -8.59
N GLY B 1338 50.63 -13.55 -7.34
CA GLY B 1338 49.62 -13.38 -6.29
C GLY B 1338 49.08 -14.72 -5.77
N PRO B 1339 47.77 -14.83 -5.49
CA PRO B 1339 47.14 -16.06 -5.00
C PRO B 1339 46.93 -17.12 -6.09
N GLN B 1340 47.38 -16.87 -7.33
CA GLN B 1340 47.19 -17.72 -8.50
C GLN B 1340 48.53 -18.23 -9.06
N THR B 1341 48.60 -19.48 -9.53
CA THR B 1341 49.80 -20.07 -10.18
C THR B 1341 49.41 -21.17 -11.19
N VAL B 1342 50.36 -21.54 -12.06
CA VAL B 1342 50.25 -22.69 -12.98
C VAL B 1342 51.36 -23.72 -12.73
N PHE B 1343 51.04 -25.01 -12.93
CA PHE B 1343 52.01 -26.12 -12.87
C PHE B 1343 51.85 -27.02 -14.12
N GLN B 1344 52.98 -27.43 -14.70
CA GLN B 1344 53.06 -28.24 -15.92
C GLN B 1344 54.42 -28.98 -16.00
N PRO B 1345 54.56 -30.10 -16.73
CA PRO B 1345 55.80 -30.85 -16.88
C PRO B 1345 56.84 -30.14 -17.79
N PHE B 1346 57.48 -29.10 -17.27
CA PHE B 1346 58.53 -28.25 -17.89
C PHE B 1346 58.16 -27.50 -19.19
N ASN B 1347 57.06 -27.87 -19.86
CA ASN B 1347 56.53 -27.26 -21.09
C ASN B 1347 55.80 -25.93 -20.87
N GLN B 1348 56.41 -24.99 -20.14
CA GLN B 1348 55.85 -23.67 -19.85
C GLN B 1348 55.82 -22.72 -21.07
N TRP B 1349 56.77 -22.88 -22.00
CA TRP B 1349 56.93 -22.06 -23.21
C TRP B 1349 55.92 -22.38 -24.32
C1 ASO C . -40.36 14.69 16.93
C2 ASO C . -38.90 14.37 17.25
C3 ASO C . -38.66 14.27 18.76
C4 ASO C . -39.17 15.53 19.51
C5 ASO C . -40.64 15.77 19.13
C6 ASO C . -41.24 17.02 19.79
O2 ASO C . -38.54 13.11 16.65
O3 ASO C . -37.24 14.08 18.96
O4 ASO C . -39.14 15.34 20.98
O5 ASO C . -40.79 15.90 17.67
O6 ASO C . -42.68 16.96 19.62
H1 ASO C . -41.02 13.85 17.17
H2 ASO C . -38.27 15.15 16.81
H3 ASO C . -39.18 13.40 19.16
H4 ASO C . -38.57 16.40 19.24
H5 ASO C . -41.21 14.90 19.46
H61 ASO C . -41.03 17.04 20.85
H62 ASO C . -40.86 17.93 19.33
HO2 ASO C . -37.62 12.94 16.89
HO3 ASO C . -37.05 13.95 19.89
HO6 ASO C . -42.91 17.36 18.79
C1 GAL C . -37.85 15.58 21.67
C2 GAL C . -38.11 15.96 23.14
C3 GAL C . -36.77 16.16 23.87
C4 GAL C . -35.85 14.93 23.74
C5 GAL C . -35.69 14.51 22.26
C6 GAL C . -34.91 13.22 22.06
O2 GAL C . -38.87 17.20 23.22
O3 GAL C . -37.00 16.41 25.28
O4 GAL C . -36.43 13.85 24.49
O5 GAL C . -37.04 14.36 21.65
O6 GAL C . -35.05 12.82 20.65
H1 GAL C . -37.32 16.39 21.16
H2 GAL C . -38.69 15.17 23.63
H3 GAL C . -36.26 17.02 23.44
H4 GAL C . -34.86 15.16 24.14
H5 GAL C . -35.18 15.31 21.73
H61 GAL C . -33.86 13.37 22.31
H62 GAL C . -35.29 12.41 22.69
HO2 GAL C . -39.75 17.04 22.88
HO3 GAL C . -37.62 17.13 25.34
HO4 GAL C . -36.65 14.20 25.35
C1 SIA C . -32.76 13.54 19.82
C2 SIA C . -33.89 12.39 19.95
C3 SIA C . -34.49 12.03 18.57
C4 SIA C . -33.70 10.96 17.80
C5 SIA C . -33.37 9.73 18.68
C6 SIA C . -32.53 10.37 19.80
C7 SIA C . -31.68 9.56 20.80
C8 SIA C . -30.65 10.46 21.54
C9 SIA C . -29.65 9.66 22.39
C10 SIA C . -33.31 7.64 17.40
C11 SIA C . -32.48 6.60 16.62
N5 SIA C . -32.66 8.67 17.93
O1A SIA C . -33.11 14.74 19.88
O1B SIA C . -31.56 13.18 19.76
O4 SIA C . -34.45 10.61 16.61
O6 SIA C . -33.43 11.18 20.54
O7 SIA C . -32.55 8.99 21.82
O8 SIA C . -29.89 11.21 20.56
O9 SIA C . -28.90 10.53 23.27
O10 SIA C . -34.52 7.48 17.52
H32 SIA C . -34.60 12.92 17.97
H31 SIA C . -35.50 11.64 18.70
H4 SIA C . -32.76 11.41 17.47
H5 SIA C . -34.28 9.32 19.12
H6 SIA C . -31.81 10.98 19.26
H7 SIA C . -31.16 8.75 20.29
H8 SIA C . -31.18 11.17 22.16
H92 SIA C . -28.96 9.12 21.75
H91 SIA C . -30.18 8.92 23.00
H111 SIA C . -32.86 6.51 15.63
H113 SIA C . -31.43 6.89 16.58
H112 SIA C . -32.54 5.64 17.12
HN5 SIA C . -31.70 8.81 17.68
HO4 SIA C . -34.41 11.38 16.04
HO7 SIA C . -32.90 8.17 21.46
HO8 SIA C . -30.43 11.94 20.27
HO9 SIA C . -28.17 10.04 23.63
K K D . 17.04 -31.02 -29.08
P PO4 E . -9.32 -39.02 -28.14
O1 PO4 E . -10.55 -38.38 -28.79
O2 PO4 E . -8.27 -37.94 -27.89
O3 PO4 E . -9.76 -39.68 -26.81
O4 PO4 E . -8.72 -40.10 -29.08
#